data_8ZKR
#
_entry.id   8ZKR
#
_cell.length_a   1.00
_cell.length_b   1.00
_cell.length_c   1.00
_cell.angle_alpha   90.00
_cell.angle_beta   90.00
_cell.angle_gamma   90.00
#
_symmetry.space_group_name_H-M   'P 1'
#
loop_
_entity.id
_entity.type
_entity.pdbx_description
1 polymer Polycystin-1
2 polymer Polycystin-2
3 non-polymer 2-acetamido-2-deoxy-beta-D-glucopyranose
4 non-polymer 'CALCIUM ION'
5 non-polymer 1,2-DIOCTANOYL-SN-GLYCERO-3-PHOSPHATE
#
loop_
_entity_poly.entity_id
_entity_poly.type
_entity_poly.pdbx_seq_one_letter_code
_entity_poly.pdbx_strand_id
1 'polypeptide(L)'
;MDYKDDDDKGASLFVPPSHVRFVFPEPTADVNYIVMLTCAVCLVTYMVMAAILHKLDQLDASRGRAIPFCGQRGRFKYEI
LVKTGWGRGSGTTAHVGIMLYGVDSRSGHRHLDGDRAFHRNSLDIFRIATPHSLGSVWKIRVWHDNKGLSPAWFLQHVIV
RDLQTARSAFFLVNDWLSVETEANGGLVEKEVLAASDAALLRFRRLLVAELQRGFFDKHIWLSIWDRPPRSRFTRIQRAT
CCVLLICLFLGANAVWYGAVGDSAYSTGHVSRLSPLSVDTVAVGLVSSVVVYPVYLAILFLFRMSRSKVAGSPSPTPAGQ
QVLDIDSCLDSSVLDSSFLTFSGLHAEQAFVGQMKSDLFLDDSKSLVCWPSGEGTLSWPDLLSDPSIVGSNLRQLARGQA
GHGLGPEEDGFSLASPYSPAKSFSASDEDLIQQVLAEGVSSPAPTQDTHMETDLLSSLSSTPGEKTETLALQRLGELGPP
SPGLNWEQPQAARLSRTGLVEGLRKRLLPAWCASLAHGLSLLLVAVAVAVSGWVGASFPPGVSVAWLLSSSASFLASFLG
WEPLKVLLEALYFSLVAKRLHPDEDDTLVESPAVTPVSARVPRVRPPHGFALFLAKEEARKVKRLHGMLRSLLVYMLFLL
VTLLASYGDASCHGHAYRLQSAIKQELHSRAFLAITRSEELWPWMAHVLLPYVHGNQSSPELGPPRLRQVRLQEALYPDP
PGPRVHTCSAAGGFSTSDYDVGWESPHNGSGTWAYSAPDLLGAWSWGSCAVYDSGGYVQELGLSLEESRDRLRFLQLHNW
LDNRSRAVFLELTRYSPAVGLHAAVTLRLEFPAAGRALAALSVRPFALRRLSAGLSLPLLTSVCLLLFAVHFAVAEARTW
HREGRWRVLRLGAWARWLLVALTAATALVRLAQLGAADRQWTRFVRGRPRRFTSFDQVAQLSSAARGLAASLLFLLLVKA
AQQLRFVRQWSVFGKTLCRALPELLGVTLGLVVLGVAYAQLAILLVSSCVDSLWSVAQALLVLCPGTGLSTLCPAESWHL
SPLLCVGLWALRLWGALRLGAVILRWRYHALRGELYRPAWEPQDYEMVELFLRRLRLWMGLSKVKEFRHKVRFEGMEPLP
SRSSRGSKVSPDVPPPSAGSDASHPSTSSSQLDGLSVSLGRLGTRCEPEPSRLQAVFEALLTQFDRLNQATEDVYQLEQQ
LHSLQGRRSSRAPAGSSRGPSPGLRPALPSRLARASRGVDLATGPSRTPLRAKNKVHPSST
;
A
2 'polypeptide(L)'
;MGASSAWSHPQFEKGGGSGGGSGGSAWSHPQFEKGSAAAMVNSSRVQPQQPGDAKRPPAPRAPDPGRLMAGCAAVGASLA
APGGLCEQRGLEIEMQRIRQAAARDPPAGAAASPSPPLSSCSRQAWSRDNPGFEAEEEEEEVEGEEGGMVVEMDVEWRPG
SRRSAASSAVSSVGARSRGLGGYHGAGHPSGRRRRREDQGPPCPSPVGGGDPLHRHLPLEGQPPRVAWAERLVRGLRGLW
GTRLMEESSTNREKYLKSVLRELVTYLLFLIVLCILTYGMMSSNVYYYTRMMSQLFLDTPVSKTEKTNFKTLSSMEDFWK
FTEGSLLDGLYWKMQPSNQTEADNRSFIFYENLLLGVPRIRQLRVRNGSCSIPQDLRDEIKECYDVYSVSSEDRAPFGPR
NGTAWIYTSEKDLNGSSHWGIIATYSGAGYYLDLSRTREETAAQVASLKKNVWLDRGTRATFIDFSVYNANINLFCVVRL
LVEFPATGGVIPSWQFQPLKLIRYVTTFDFFLAACEIIFCFFIFYYVVEEILEIRIHKLHYFRSFWNCLDVVIVVLSVVA
IGINIYRTSNVEVLLQFLEDQNTFPNFEHLAYWQIQFNNIAAVTVFFVWIKLFKFINFNRTMSQLSTTMSRCAKDLFGFA
IMFFIIFLAYAQLAYLVFGTQVDDFSTFQECIFTQFRIILGDINFAEIEEANRVLGPIYFTTFVFFMFFILLNMFLAIIN
DTYSEVKSDLAQQKAEMELSDLIRKGYHKALVKLKLKKNTVDDISESLRQGGGKLNFDELRQDLKGKGHTDAEIEAIFTK
YDQDGDQELTEHEHQQMRDDLEKEREDLDLDHSSLPRPMSSRSFPRSLDDSEEDDDEDSGHSSRRRGSISSGVSYEEFQV
LVRRVDRMEHSIGSIVSKIDAVIVKLEIMERAKLKRREVLGRLLDGVAEDERLGRDSEIHREQMERLVREELERWESDDA
ASQISHGLGTPVGLNGQPRPRSSRPSSSQSTEGMEGAGGNGSSNVHV
;
B,C,D
#
loop_
_chem_comp.id
_chem_comp.type
_chem_comp.name
_chem_comp.formula
CA non-polymer 'CALCIUM ION' 'Ca 2'
NAG D-saccharide, beta linking 2-acetamido-2-deoxy-beta-D-glucopyranose 'C8 H15 N O6'
PA8 non-polymer 1,2-DIOCTANOYL-SN-GLYCERO-3-PHOSPHATE 'C19 H36 O8 P -1'
#
# COMPACT_ATOMS: atom_id res chain seq x y z
CA HIS A 19 42.73 -13.53 -40.35
C HIS A 19 41.28 -13.79 -40.71
N VAL A 20 40.35 -13.30 -39.88
CA VAL A 20 38.94 -13.11 -40.25
C VAL A 20 38.43 -11.72 -39.83
N ARG A 21 38.58 -11.42 -38.54
CA ARG A 21 38.27 -10.12 -37.94
C ARG A 21 36.88 -9.46 -37.81
N PHE A 22 35.79 -10.21 -37.67
CA PHE A 22 34.46 -9.60 -37.42
C PHE A 22 33.54 -10.61 -36.81
N VAL A 23 34.16 -11.60 -36.21
CA VAL A 23 33.47 -12.70 -35.53
C VAL A 23 32.14 -12.21 -34.98
N PHE A 24 31.12 -13.07 -35.04
CA PHE A 24 29.76 -12.67 -34.73
C PHE A 24 29.60 -12.46 -33.23
N PRO A 25 29.20 -11.27 -32.78
CA PRO A 25 29.01 -11.05 -31.34
C PRO A 25 27.66 -11.55 -30.86
N GLU A 26 27.33 -11.25 -29.59
CA GLU A 26 26.07 -11.61 -28.96
C GLU A 26 25.88 -13.12 -28.90
N PRO A 27 26.67 -13.85 -28.11
CA PRO A 27 26.41 -15.27 -27.91
C PRO A 27 25.53 -15.59 -26.71
N THR A 28 25.21 -14.60 -25.88
CA THR A 28 24.43 -14.81 -24.68
C THR A 28 23.41 -13.67 -24.55
N ALA A 29 22.76 -13.60 -23.39
CA ALA A 29 21.69 -12.63 -23.16
C ALA A 29 21.95 -11.68 -22.01
N ASP A 30 23.06 -11.81 -21.28
CA ASP A 30 23.33 -10.90 -20.17
C ASP A 30 23.62 -9.50 -20.68
N VAL A 31 23.39 -8.52 -19.82
CA VAL A 31 23.51 -7.11 -20.18
C VAL A 31 24.56 -6.45 -19.28
N ASN A 32 25.36 -5.57 -19.89
CA ASN A 32 26.38 -4.82 -19.18
C ASN A 32 25.88 -3.39 -18.99
N TYR A 33 25.87 -2.92 -17.74
CA TYR A 33 25.30 -1.62 -17.43
C TYR A 33 26.27 -0.48 -17.57
N ILE A 34 27.58 -0.75 -17.58
CA ILE A 34 28.57 0.32 -17.67
C ILE A 34 28.43 1.09 -18.98
N VAL A 35 28.37 0.36 -20.09
CA VAL A 35 28.29 1.00 -21.40
C VAL A 35 26.99 1.78 -21.53
N MET A 36 25.88 1.17 -21.13
CA MET A 36 24.59 1.83 -21.25
C MET A 36 24.56 3.11 -20.42
N LEU A 37 25.08 3.04 -19.19
CA LEU A 37 25.08 4.21 -18.33
C LEU A 37 25.95 5.33 -18.89
N THR A 38 27.14 4.98 -19.40
CA THR A 38 28.04 6.03 -19.87
C THR A 38 27.51 6.67 -21.16
N CYS A 39 26.94 5.89 -22.07
CA CYS A 39 26.34 6.50 -23.25
C CYS A 39 25.10 7.30 -22.91
N ALA A 40 24.31 6.85 -21.93
CA ALA A 40 23.15 7.64 -21.51
C ALA A 40 23.59 8.99 -20.94
N VAL A 41 24.65 8.99 -20.13
CA VAL A 41 25.15 10.25 -19.59
C VAL A 41 25.67 11.15 -20.71
N CYS A 42 26.43 10.57 -21.64
CA CYS A 42 26.98 11.34 -22.75
C CYS A 42 25.91 11.88 -23.69
N LEU A 43 24.74 11.24 -23.76
CA LEU A 43 23.66 11.78 -24.56
C LEU A 43 22.84 12.82 -23.81
N VAL A 44 22.61 12.62 -22.52
CA VAL A 44 21.86 13.60 -21.74
C VAL A 44 22.62 14.91 -21.64
N THR A 45 23.94 14.84 -21.45
CA THR A 45 24.71 16.07 -21.38
C THR A 45 24.64 16.85 -22.69
N TYR A 46 24.65 16.16 -23.83
CA TYR A 46 24.48 16.85 -25.11
C TYR A 46 23.08 17.44 -25.22
N MET A 47 22.06 16.68 -24.81
CA MET A 47 20.69 17.18 -24.89
C MET A 47 20.47 18.42 -24.05
N VAL A 48 21.20 18.59 -22.94
CA VAL A 48 21.05 19.79 -22.12
C VAL A 48 21.95 20.92 -22.63
N MET A 49 23.17 20.57 -23.06
CA MET A 49 24.09 21.55 -23.60
C MET A 49 23.57 22.22 -24.86
N ALA A 50 22.94 21.45 -25.76
CA ALA A 50 22.35 22.06 -26.94
C ALA A 50 21.22 23.00 -26.57
N ALA A 51 20.41 22.62 -25.58
CA ALA A 51 19.31 23.48 -25.16
C ALA A 51 19.80 24.79 -24.60
N ILE A 52 20.84 24.76 -23.76
CA ILE A 52 21.37 26.02 -23.23
C ILE A 52 22.09 26.82 -24.32
N LEU A 53 22.78 26.14 -25.23
CA LEU A 53 23.53 26.84 -26.27
C LEU A 53 22.61 27.50 -27.29
N HIS A 54 21.43 26.94 -27.52
CA HIS A 54 20.47 27.59 -28.40
C HIS A 54 20.06 28.95 -27.85
N LYS A 55 19.75 29.01 -26.55
CA LYS A 55 19.43 30.28 -25.91
C LYS A 55 20.62 31.23 -25.96
N LEU A 56 21.83 30.70 -25.70
CA LEU A 56 23.02 31.54 -25.73
C LEU A 56 23.22 32.15 -27.12
N ASP A 57 23.03 31.36 -28.17
CA ASP A 57 23.24 31.85 -29.52
C ASP A 57 22.16 32.83 -29.94
N GLN A 58 20.90 32.54 -29.58
CA GLN A 58 19.82 33.46 -29.94
C GLN A 58 19.89 34.76 -29.15
N LEU A 59 20.53 34.74 -27.98
CA LEU A 59 20.66 35.94 -27.15
C LEU A 59 21.78 36.87 -27.60
N ASP A 60 22.90 36.34 -28.09
CA ASP A 60 24.03 37.16 -28.50
C ASP A 60 24.11 37.38 -30.00
N ALA A 61 23.07 37.00 -30.75
CA ALA A 61 23.06 37.19 -32.20
C ALA A 61 22.76 38.63 -32.57
N SER A 62 23.65 39.52 -32.12
CA SER A 62 23.51 40.95 -32.37
C SER A 62 24.84 41.56 -32.80
N ARG A 75 39.45 45.95 -21.16
CA ARG A 75 39.07 46.83 -22.26
C ARG A 75 40.23 47.01 -23.23
N PHE A 76 39.99 46.68 -24.51
CA PHE A 76 41.03 46.83 -25.53
C PHE A 76 41.40 48.29 -25.73
N LYS A 77 40.42 49.19 -25.71
CA LYS A 77 40.62 50.60 -25.92
C LYS A 77 40.14 51.38 -24.68
N TYR A 78 40.16 52.70 -24.79
CA TYR A 78 39.76 53.59 -23.71
C TYR A 78 38.46 54.30 -24.10
N GLU A 79 38.00 55.16 -23.19
CA GLU A 79 36.77 55.93 -23.37
C GLU A 79 37.04 57.36 -23.79
N ILE A 80 38.08 57.58 -24.60
CA ILE A 80 38.45 58.92 -25.03
C ILE A 80 38.21 59.04 -26.53
N LEU A 81 38.43 60.24 -27.07
CA LEU A 81 38.19 60.50 -28.47
C LEU A 81 39.24 59.80 -29.35
N VAL A 82 38.86 59.57 -30.61
CA VAL A 82 39.75 58.94 -31.58
C VAL A 82 39.84 59.83 -32.81
N LYS A 83 39.69 61.13 -32.62
CA LYS A 83 39.70 62.07 -33.73
C LYS A 83 41.06 62.10 -34.40
N THR A 84 41.07 62.09 -35.73
CA THR A 84 42.30 62.16 -36.53
C THR A 84 42.10 63.19 -37.63
N GLY A 85 42.88 64.27 -37.59
CA GLY A 85 42.75 65.32 -38.57
C GLY A 85 44.08 65.82 -39.09
N TRP A 86 45.07 64.95 -39.16
CA TRP A 86 46.40 65.31 -39.65
C TRP A 86 46.53 65.19 -41.16
N GLY A 87 45.52 64.68 -41.85
CA GLY A 87 45.58 64.54 -43.28
C GLY A 87 44.22 64.79 -43.91
N ARG A 88 44.25 65.16 -45.18
CA ARG A 88 43.04 65.44 -45.95
C ARG A 88 42.94 64.46 -47.13
N GLY A 89 41.93 64.67 -47.95
CA GLY A 89 41.70 63.81 -49.11
C GLY A 89 41.35 62.38 -48.74
N SER A 90 40.46 62.19 -47.78
CA SER A 90 40.08 60.85 -47.31
C SER A 90 38.55 60.76 -47.24
N GLY A 91 37.88 61.19 -48.31
CA GLY A 91 36.44 61.09 -48.35
C GLY A 91 35.96 59.76 -48.90
N THR A 92 35.61 58.84 -48.01
CA THR A 92 35.16 57.50 -48.41
C THR A 92 34.46 56.87 -47.23
N THR A 93 33.20 56.47 -47.40
CA THR A 93 32.42 55.91 -46.31
C THR A 93 32.86 54.49 -45.99
N ALA A 94 33.88 54.37 -45.14
CA ALA A 94 34.40 53.07 -44.72
C ALA A 94 34.66 53.11 -43.22
N HIS A 95 34.91 51.93 -42.66
CA HIS A 95 35.16 51.76 -41.23
C HIS A 95 36.64 51.43 -41.00
N VAL A 96 37.00 51.32 -39.72
CA VAL A 96 38.37 51.00 -39.32
C VAL A 96 38.32 49.87 -38.30
N GLY A 97 39.46 49.21 -38.14
CA GLY A 97 39.55 48.08 -37.23
C GLY A 97 40.71 48.19 -36.26
N ILE A 98 40.42 48.08 -34.97
CA ILE A 98 41.44 48.11 -33.92
C ILE A 98 41.49 46.71 -33.32
N MET A 99 42.54 45.96 -33.64
CA MET A 99 42.71 44.60 -33.15
C MET A 99 43.71 44.61 -32.00
N LEU A 100 43.28 44.09 -30.85
CA LEU A 100 44.12 44.02 -29.65
C LEU A 100 44.15 42.58 -29.17
N TYR A 101 45.28 41.92 -29.35
CA TYR A 101 45.46 40.54 -28.88
C TYR A 101 45.84 40.57 -27.40
N GLY A 102 46.21 39.41 -26.88
CA GLY A 102 46.61 39.31 -25.49
C GLY A 102 46.41 37.89 -24.97
N VAL A 103 46.17 37.77 -23.68
CA VAL A 103 45.96 36.49 -23.02
C VAL A 103 44.47 36.17 -23.15
N ASP A 104 44.14 35.40 -24.19
CA ASP A 104 42.76 34.98 -24.46
C ASP A 104 41.82 36.16 -24.64
N SER A 105 42.34 37.27 -25.17
CA SER A 105 41.55 38.46 -25.44
C SER A 105 41.84 38.94 -26.85
N ARG A 106 40.78 39.17 -27.63
CA ARG A 106 40.93 39.62 -29.00
C ARG A 106 39.63 40.32 -29.42
N SER A 107 39.73 41.11 -30.48
CA SER A 107 38.59 41.83 -31.03
C SER A 107 38.88 42.18 -32.47
N GLY A 108 37.82 42.45 -33.23
CA GLY A 108 37.95 42.80 -34.62
C GLY A 108 37.79 44.29 -34.89
N HIS A 109 36.90 44.63 -35.82
CA HIS A 109 36.64 46.01 -36.19
C HIS A 109 35.43 46.53 -35.42
N ARG A 110 34.99 47.74 -35.76
CA ARG A 110 33.84 48.36 -35.10
C ARG A 110 33.10 49.20 -36.14
N HIS A 111 31.99 48.67 -36.64
CA HIS A 111 31.16 49.36 -37.62
C HIS A 111 30.00 50.02 -36.87
N LEU A 112 30.29 51.15 -36.25
CA LEU A 112 29.30 51.87 -35.47
C LEU A 112 28.48 52.77 -36.40
N ASP A 113 27.62 53.61 -35.81
CA ASP A 113 26.78 54.54 -36.56
C ASP A 113 27.01 55.94 -36.00
N GLY A 114 27.82 56.73 -36.70
CA GLY A 114 28.14 58.08 -36.28
C GLY A 114 27.46 59.13 -37.14
N ASP A 115 27.80 60.39 -36.85
CA ASP A 115 27.24 61.53 -37.56
C ASP A 115 28.15 62.07 -38.66
N ARG A 116 29.47 61.93 -38.50
CA ARG A 116 30.39 62.41 -39.53
C ARG A 116 30.21 61.64 -40.83
N ALA A 117 30.03 60.32 -40.75
CA ALA A 117 29.81 59.46 -41.90
C ALA A 117 30.96 59.55 -42.91
N PHE A 118 32.17 59.78 -42.41
CA PHE A 118 33.39 59.85 -43.22
C PHE A 118 33.25 60.91 -44.32
N HIS A 119 33.13 62.16 -43.88
CA HIS A 119 32.99 63.29 -44.80
C HIS A 119 34.35 63.59 -45.44
N ARG A 120 34.38 64.64 -46.26
CA ARG A 120 35.61 65.04 -46.95
C ARG A 120 36.59 65.60 -45.92
N ASN A 121 37.64 64.82 -45.64
CA ASN A 121 38.69 65.18 -44.68
C ASN A 121 38.07 65.46 -43.30
N SER A 122 37.43 64.42 -42.77
CA SER A 122 36.78 64.47 -41.46
C SER A 122 37.36 63.40 -40.55
N LEU A 123 37.10 63.55 -39.27
CA LEU A 123 37.58 62.62 -38.25
C LEU A 123 36.45 61.70 -37.81
N ASP A 124 36.78 60.42 -37.66
CA ASP A 124 35.82 59.39 -37.25
C ASP A 124 36.19 58.96 -35.83
N ILE A 125 35.58 59.60 -34.84
CA ILE A 125 35.84 59.32 -33.43
C ILE A 125 34.54 58.83 -32.80
N PHE A 126 34.59 57.66 -32.19
CA PHE A 126 33.44 57.07 -31.53
C PHE A 126 33.92 55.95 -30.62
N ARG A 127 33.04 55.53 -29.71
CA ARG A 127 33.33 54.41 -28.83
C ARG A 127 33.00 53.11 -29.54
N ILE A 128 33.14 51.98 -28.84
CA ILE A 128 32.89 50.67 -29.41
C ILE A 128 32.51 49.72 -28.28
N ALA A 129 31.67 48.74 -28.60
CA ALA A 129 31.25 47.72 -27.64
C ALA A 129 32.16 46.50 -27.69
N THR A 130 33.46 46.73 -27.52
CA THR A 130 34.45 45.66 -27.60
C THR A 130 34.85 45.23 -26.19
N PRO A 131 34.49 44.02 -25.77
CA PRO A 131 34.83 43.54 -24.43
C PRO A 131 36.20 42.87 -24.31
N HIS A 132 37.07 43.02 -25.31
CA HIS A 132 38.38 42.39 -25.28
C HIS A 132 39.24 42.97 -24.16
N SER A 133 39.44 42.19 -23.09
CA SER A 133 40.23 42.64 -21.94
C SER A 133 41.71 42.35 -22.19
N LEU A 134 42.30 43.18 -23.05
CA LEU A 134 43.71 43.05 -23.39
C LEU A 134 44.57 43.63 -22.28
N GLY A 135 45.88 43.68 -22.52
CA GLY A 135 46.82 44.23 -21.56
C GLY A 135 47.63 45.37 -22.17
N SER A 136 48.45 45.99 -21.32
CA SER A 136 49.29 47.10 -21.76
C SER A 136 50.57 46.60 -22.40
N VAL A 137 50.45 45.72 -23.39
CA VAL A 137 51.60 45.18 -24.09
C VAL A 137 51.69 45.84 -25.46
N TRP A 138 52.87 45.72 -26.08
CA TRP A 138 53.10 46.32 -27.39
C TRP A 138 52.48 45.46 -28.49
N LYS A 139 51.15 45.38 -28.52
CA LYS A 139 50.45 44.56 -29.51
C LYS A 139 49.12 45.22 -29.82
N ILE A 140 49.07 45.95 -30.93
CA ILE A 140 47.83 46.56 -31.40
C ILE A 140 47.95 46.82 -32.89
N ARG A 141 46.92 46.44 -33.65
CA ARG A 141 46.91 46.58 -35.10
C ARG A 141 45.78 47.53 -35.50
N VAL A 142 46.10 48.47 -36.38
CA VAL A 142 45.13 49.45 -36.88
C VAL A 142 44.98 49.20 -38.37
N TRP A 143 43.78 48.80 -38.78
CA TRP A 143 43.48 48.52 -40.18
C TRP A 143 42.55 49.60 -40.71
N HIS A 144 42.96 50.26 -41.80
CA HIS A 144 42.18 51.31 -42.44
C HIS A 144 41.72 50.80 -43.80
N ASP A 145 40.42 50.60 -43.96
CA ASP A 145 39.86 50.13 -45.21
C ASP A 145 39.71 51.32 -46.17
N ASN A 146 39.05 51.09 -47.30
CA ASN A 146 38.85 52.14 -48.29
C ASN A 146 37.61 51.80 -49.11
N LYS A 147 36.58 52.65 -49.00
CA LYS A 147 35.36 52.46 -49.79
C LYS A 147 35.61 52.93 -51.22
N GLY A 148 36.35 52.14 -51.98
CA GLY A 148 36.75 52.54 -53.32
C GLY A 148 38.12 53.18 -53.33
N LEU A 149 38.16 54.51 -53.36
CA LEU A 149 39.43 55.22 -53.34
C LEU A 149 40.10 55.10 -51.98
N SER A 150 41.43 55.02 -52.00
CA SER A 150 42.20 54.89 -50.76
C SER A 150 42.22 56.21 -50.01
N PRO A 151 42.21 56.19 -48.68
CA PRO A 151 42.26 57.43 -47.91
C PRO A 151 43.70 57.91 -47.75
N ALA A 152 43.96 59.14 -48.18
CA ALA A 152 45.30 59.71 -48.12
C ALA A 152 45.59 60.39 -46.79
N TRP A 153 44.61 60.48 -45.89
CA TRP A 153 44.84 61.12 -44.60
C TRP A 153 45.75 60.26 -43.73
N PHE A 154 46.58 60.93 -42.93
CA PHE A 154 47.51 60.28 -42.02
C PHE A 154 46.90 60.32 -40.62
N LEU A 155 46.37 59.19 -40.17
CA LEU A 155 45.79 59.06 -38.84
C LEU A 155 46.88 58.60 -37.88
N GLN A 156 47.31 59.51 -36.99
CA GLN A 156 48.38 59.19 -36.05
C GLN A 156 47.96 58.08 -35.10
N HIS A 157 46.99 58.36 -34.25
CA HIS A 157 46.49 57.40 -33.26
C HIS A 157 45.24 57.99 -32.63
N VAL A 158 44.70 57.30 -31.63
CA VAL A 158 43.58 57.79 -30.84
C VAL A 158 44.13 58.36 -29.54
N ILE A 159 43.75 59.60 -29.23
CA ILE A 159 44.28 60.29 -28.06
C ILE A 159 43.66 59.72 -26.79
N VAL A 160 44.39 58.83 -26.14
CA VAL A 160 43.93 58.22 -24.89
C VAL A 160 45.15 57.67 -24.15
N ARG A 161 45.17 57.87 -22.84
CA ARG A 161 46.26 57.38 -22.00
C ARG A 161 45.81 56.30 -21.04
N ASP A 162 44.81 56.59 -20.19
CA ASP A 162 44.31 55.60 -19.25
C ASP A 162 42.89 56.01 -18.84
N LEU A 163 41.90 55.28 -19.32
CA LEU A 163 40.51 55.54 -18.96
C LEU A 163 39.87 54.36 -18.23
N GLN A 164 39.86 53.17 -18.84
CA GLN A 164 39.25 52.00 -18.22
C GLN A 164 40.28 50.89 -17.96
N THR A 165 41.05 50.49 -18.96
CA THR A 165 42.02 49.41 -18.79
C THR A 165 43.40 49.84 -19.26
N ALA A 166 43.45 50.77 -20.21
CA ALA A 166 44.69 51.30 -20.77
C ALA A 166 45.55 50.16 -21.36
N ARG A 167 44.97 49.52 -22.38
CA ARG A 167 45.62 48.43 -23.09
C ARG A 167 46.55 48.92 -24.20
N SER A 168 46.64 50.24 -24.40
CA SER A 168 47.51 50.81 -25.42
C SER A 168 47.82 52.25 -25.01
N ALA A 169 48.59 52.94 -25.85
CA ALA A 169 48.98 54.31 -25.57
C ALA A 169 48.80 55.15 -26.83
N PHE A 170 48.60 56.45 -26.64
CA PHE A 170 48.39 57.38 -27.75
C PHE A 170 49.75 57.74 -28.34
N PHE A 171 50.25 56.88 -29.21
CA PHE A 171 51.51 57.09 -29.89
C PHE A 171 51.25 57.27 -31.37
N LEU A 172 51.74 58.39 -31.93
CA LEU A 172 51.47 58.71 -33.32
C LEU A 172 52.12 57.69 -34.25
N VAL A 173 51.40 57.32 -35.30
CA VAL A 173 51.93 56.41 -36.31
C VAL A 173 51.88 57.10 -37.66
N ASN A 174 50.67 57.42 -38.13
CA ASN A 174 50.45 58.13 -39.39
C ASN A 174 51.11 57.42 -40.57
N ASP A 175 51.18 56.10 -40.54
CA ASP A 175 51.84 55.33 -41.56
C ASP A 175 50.83 54.68 -42.50
N TRP A 176 51.13 54.72 -43.79
CA TRP A 176 50.27 54.13 -44.81
C TRP A 176 50.62 52.65 -45.01
N LEU A 177 49.60 51.88 -45.39
CA LEU A 177 49.77 50.46 -45.63
C LEU A 177 49.26 50.08 -47.02
N SER A 178 49.17 48.79 -47.29
CA SER A 178 48.64 48.33 -48.57
C SER A 178 47.16 48.65 -48.69
N VAL A 179 46.57 48.28 -49.82
CA VAL A 179 45.16 48.56 -50.10
C VAL A 179 44.29 47.87 -49.06
N GLU A 180 43.59 48.66 -48.23
CA GLU A 180 42.72 48.15 -47.17
C GLU A 180 43.47 47.19 -46.26
N THR A 181 44.71 47.55 -45.91
CA THR A 181 45.58 46.73 -45.07
C THR A 181 45.71 47.36 -43.69
N GLU A 182 46.45 46.67 -42.83
CA GLU A 182 46.67 47.09 -41.45
C GLU A 182 48.13 47.47 -41.24
N ALA A 183 48.34 48.57 -40.53
CA ALA A 183 49.69 49.03 -40.20
C ALA A 183 50.12 48.34 -38.90
N ASN A 184 51.04 47.39 -39.02
CA ASN A 184 51.49 46.64 -37.85
C ASN A 184 52.31 47.55 -36.93
N GLY A 185 51.98 47.52 -35.64
CA GLY A 185 52.68 48.34 -34.67
C GLY A 185 52.65 47.76 -33.28
N GLY A 186 53.14 48.52 -32.30
CA GLY A 186 53.16 48.07 -30.92
C GLY A 186 51.87 48.35 -30.19
N LEU A 187 51.97 48.97 -29.00
CA LEU A 187 50.80 49.29 -28.20
C LEU A 187 50.03 50.47 -28.79
N LEU A 201 56.97 41.38 -44.23
CA LEU A 201 56.10 40.20 -44.26
C LEU A 201 56.93 38.92 -44.19
N ARG A 202 57.63 38.73 -43.08
CA ARG A 202 58.43 37.54 -42.86
C ARG A 202 57.55 36.37 -42.42
N PHE A 203 58.12 35.17 -42.47
CA PHE A 203 57.40 33.97 -42.06
C PHE A 203 56.98 34.02 -40.60
N ARG A 204 57.62 34.87 -39.79
CA ARG A 204 57.24 35.07 -38.40
C ARG A 204 55.92 35.83 -38.27
N ARG A 205 55.38 36.36 -39.36
CA ARG A 205 54.12 37.08 -39.31
C ARG A 205 53.11 36.67 -40.38
N LEU A 206 53.45 35.71 -41.25
CA LEU A 206 52.52 35.30 -42.29
C LEU A 206 51.33 34.56 -41.71
N LEU A 207 51.58 33.41 -41.07
CA LEU A 207 50.52 32.60 -40.48
C LEU A 207 50.59 32.57 -38.96
N VAL A 208 51.54 33.27 -38.35
CA VAL A 208 51.60 33.34 -36.89
C VAL A 208 50.38 34.06 -36.34
N ALA A 209 49.79 34.95 -37.11
CA ALA A 209 48.54 35.59 -36.69
C ALA A 209 47.45 34.55 -36.45
N GLU A 210 47.41 33.50 -37.28
CA GLU A 210 46.46 32.42 -37.06
C GLU A 210 46.77 31.64 -35.79
N LEU A 211 48.06 31.61 -35.38
CA LEU A 211 48.43 30.93 -34.16
C LEU A 211 47.80 31.57 -32.93
N GLN A 212 47.42 32.84 -33.02
CA GLN A 212 46.68 33.51 -31.96
C GLN A 212 45.19 33.63 -32.25
N ARG A 213 44.80 33.67 -33.53
CA ARG A 213 43.39 33.77 -33.87
C ARG A 213 42.66 32.45 -33.65
N GLY A 214 43.09 31.40 -34.33
CA GLY A 214 42.39 30.13 -34.27
C GLY A 214 42.90 29.19 -33.19
N PHE A 215 43.70 29.72 -32.26
CA PHE A 215 44.22 28.88 -31.19
C PHE A 215 43.10 28.36 -30.29
N PHE A 216 42.13 29.22 -29.99
CA PHE A 216 40.96 28.84 -29.20
C PHE A 216 39.70 28.84 -30.05
N ASP A 217 39.85 28.79 -31.36
CA ASP A 217 38.70 28.75 -32.25
C ASP A 217 38.67 27.46 -33.06
N LYS A 218 39.79 27.07 -33.66
CA LYS A 218 39.87 25.80 -34.38
C LYS A 218 39.97 24.60 -33.43
N HIS A 219 40.52 24.81 -32.23
CA HIS A 219 40.56 23.76 -31.22
C HIS A 219 39.14 23.51 -30.73
N ILE A 220 38.55 22.41 -31.21
CA ILE A 220 37.09 22.25 -31.13
C ILE A 220 36.63 22.15 -29.67
N TRP A 221 37.42 21.53 -28.80
CA TRP A 221 37.01 21.34 -27.42
C TRP A 221 36.85 22.68 -26.69
N LEU A 222 37.94 23.43 -26.57
CA LEU A 222 37.90 24.68 -25.82
C LEU A 222 37.53 25.80 -26.79
N SER A 223 36.40 25.64 -27.47
CA SER A 223 35.91 26.68 -28.37
C SER A 223 34.40 26.84 -28.34
N ILE A 224 33.67 26.02 -27.58
CA ILE A 224 32.22 26.15 -27.56
C ILE A 224 31.79 27.42 -26.85
N TRP A 225 32.58 27.90 -25.88
CA TRP A 225 32.32 29.16 -25.22
C TRP A 225 33.31 30.25 -25.59
N ASP A 226 34.15 30.03 -26.60
CA ASP A 226 35.13 31.02 -27.06
C ASP A 226 35.01 31.26 -28.55
N ARG A 227 33.78 31.38 -29.06
CA ARG A 227 33.69 31.67 -30.48
C ARG A 227 33.44 33.15 -30.71
N PRO A 228 34.27 33.80 -31.52
CA PRO A 228 34.05 35.22 -31.83
C PRO A 228 32.87 35.40 -32.75
N PRO A 229 32.27 36.59 -32.79
CA PRO A 229 31.14 36.83 -33.71
C PRO A 229 31.58 36.81 -35.17
N ARG A 230 30.61 37.01 -36.07
CA ARG A 230 30.80 37.00 -37.52
C ARG A 230 31.20 35.64 -38.06
N SER A 231 31.20 34.59 -37.24
CA SER A 231 31.60 33.26 -37.65
C SER A 231 30.37 32.41 -37.92
N ARG A 232 30.52 31.49 -38.88
CA ARG A 232 29.43 30.59 -39.27
C ARG A 232 29.66 29.23 -38.61
N PHE A 233 29.31 29.16 -37.32
CA PHE A 233 29.41 27.92 -36.58
C PHE A 233 28.16 27.68 -35.73
N THR A 234 27.39 28.75 -35.50
CA THR A 234 26.07 28.66 -34.85
C THR A 234 26.21 28.21 -33.38
N ARG A 235 27.43 27.89 -32.96
CA ARG A 235 27.74 27.53 -31.58
C ARG A 235 27.04 26.25 -31.13
N ILE A 236 26.34 25.58 -32.05
CA ILE A 236 25.77 24.27 -31.75
C ILE A 236 26.42 23.25 -32.68
N GLN A 237 26.96 23.74 -33.80
CA GLN A 237 27.66 22.85 -34.72
C GLN A 237 28.93 22.30 -34.07
N ARG A 238 29.67 23.18 -33.40
CA ARG A 238 30.90 22.80 -32.71
C ARG A 238 30.62 21.92 -31.49
N ALA A 239 29.39 21.90 -30.99
CA ALA A 239 29.01 20.95 -29.95
C ALA A 239 28.56 19.62 -30.54
N THR A 240 27.75 19.67 -31.61
CA THR A 240 27.30 18.43 -32.24
C THR A 240 28.47 17.63 -32.77
N CYS A 241 29.44 18.29 -33.42
CA CYS A 241 30.56 17.55 -33.99
C CYS A 241 31.39 16.88 -32.91
N CYS A 242 31.67 17.59 -31.81
CA CYS A 242 32.49 16.98 -30.75
C CYS A 242 31.73 15.88 -30.01
N VAL A 243 30.41 16.04 -29.86
CA VAL A 243 29.62 14.96 -29.27
C VAL A 243 29.67 13.72 -30.15
N LEU A 244 29.50 13.90 -31.46
CA LEU A 244 29.67 12.78 -32.38
C LEU A 244 31.06 12.18 -32.25
N LEU A 245 32.08 13.04 -32.09
CA LEU A 245 33.45 12.60 -32.04
C LEU A 245 33.70 11.68 -30.85
N ILE A 246 33.32 12.11 -29.66
CA ILE A 246 33.48 11.28 -28.48
C ILE A 246 32.62 10.02 -28.58
N CYS A 247 31.45 10.15 -29.20
CA CYS A 247 30.58 9.00 -29.40
C CYS A 247 31.28 7.92 -30.21
N LEU A 248 31.96 8.30 -31.28
CA LEU A 248 32.57 7.24 -32.06
C LEU A 248 33.92 6.80 -31.51
N PHE A 249 34.59 7.60 -30.67
CA PHE A 249 35.65 7.00 -29.87
C PHE A 249 35.12 5.86 -29.02
N LEU A 250 34.01 6.10 -28.32
CA LEU A 250 33.43 5.05 -27.49
C LEU A 250 33.07 3.83 -28.34
N GLY A 251 32.43 4.06 -29.48
CA GLY A 251 32.05 2.96 -30.34
C GLY A 251 33.23 2.18 -30.87
N ALA A 252 34.29 2.88 -31.29
CA ALA A 252 35.47 2.22 -31.82
C ALA A 252 36.16 1.38 -30.76
N ASN A 253 36.29 1.92 -29.54
CA ASN A 253 36.90 1.14 -28.47
C ASN A 253 36.07 -0.10 -28.17
N ALA A 254 34.75 0.05 -28.12
CA ALA A 254 33.89 -1.09 -27.82
C ALA A 254 34.00 -2.16 -28.92
N VAL A 255 33.98 -1.75 -30.18
CA VAL A 255 34.03 -2.73 -31.26
C VAL A 255 35.40 -3.40 -31.31
N TRP A 256 36.47 -2.68 -30.98
CA TRP A 256 37.78 -3.33 -30.93
C TRP A 256 37.77 -4.40 -29.84
N TYR A 257 37.33 -4.03 -28.64
CA TYR A 257 37.37 -4.95 -27.51
C TYR A 257 36.40 -6.10 -27.69
N GLY A 258 35.40 -5.96 -28.55
CA GLY A 258 34.39 -7.00 -28.67
C GLY A 258 34.47 -7.90 -29.88
N ALA A 259 34.99 -7.41 -31.01
CA ALA A 259 34.86 -8.15 -32.26
C ALA A 259 36.17 -8.49 -32.96
N VAL A 260 37.25 -7.75 -32.74
CA VAL A 260 38.46 -7.99 -33.53
C VAL A 260 39.63 -8.41 -32.65
N GLY A 261 39.33 -9.08 -31.54
CA GLY A 261 40.36 -9.69 -30.73
C GLY A 261 40.75 -11.07 -31.24
N ASP A 262 41.59 -11.14 -32.27
CA ASP A 262 42.02 -12.41 -32.84
C ASP A 262 43.52 -12.56 -32.87
N SER A 263 44.23 -11.53 -32.42
CA SER A 263 45.67 -11.57 -32.17
C SER A 263 46.17 -12.91 -31.62
N ALA A 264 45.82 -13.20 -30.38
CA ALA A 264 45.73 -14.56 -29.89
C ALA A 264 44.53 -14.41 -29.04
N TYR A 265 43.81 -13.36 -29.39
CA TYR A 265 42.65 -12.93 -28.62
C TYR A 265 42.97 -11.70 -27.78
N SER A 266 44.24 -11.32 -27.65
CA SER A 266 44.68 -9.97 -27.29
C SER A 266 44.17 -9.44 -25.95
N THR A 267 43.41 -10.23 -25.20
CA THR A 267 42.86 -9.72 -23.93
C THR A 267 42.48 -10.89 -23.04
N GLY A 268 42.33 -10.59 -21.75
CA GLY A 268 41.88 -11.56 -20.78
C GLY A 268 42.92 -12.60 -20.41
N HIS A 269 43.26 -13.46 -21.37
CA HIS A 269 44.20 -14.55 -21.11
C HIS A 269 45.61 -14.03 -20.87
N VAL A 270 46.05 -13.07 -21.68
CA VAL A 270 47.40 -12.53 -21.57
C VAL A 270 47.37 -11.02 -21.29
N SER A 271 46.21 -10.48 -20.95
CA SER A 271 46.08 -9.06 -20.64
C SER A 271 46.02 -8.85 -19.14
N ARG A 272 46.63 -7.75 -18.69
CA ARG A 272 46.58 -7.34 -17.29
C ARG A 272 45.61 -6.19 -17.17
N LEU A 273 44.74 -6.25 -16.16
CA LEU A 273 43.74 -5.20 -15.98
C LEU A 273 44.42 -3.87 -15.72
N SER A 274 45.48 -3.86 -14.93
CA SER A 274 46.28 -2.68 -14.70
C SER A 274 46.91 -2.24 -16.02
N PRO A 275 46.95 -0.94 -16.31
CA PRO A 275 47.46 -0.49 -17.61
C PRO A 275 48.97 -0.68 -17.72
N LEU A 276 49.40 -1.29 -18.82
CA LEU A 276 50.81 -1.48 -19.10
C LEU A 276 51.32 -0.57 -20.22
N SER A 277 50.63 0.56 -20.46
CA SER A 277 50.99 1.53 -21.49
C SER A 277 50.84 0.94 -22.89
N VAL A 278 50.39 -0.30 -22.98
CA VAL A 278 50.14 -0.99 -24.24
C VAL A 278 48.70 -1.47 -24.33
N ASP A 279 48.19 -2.08 -23.26
CA ASP A 279 46.84 -2.61 -23.25
C ASP A 279 45.79 -1.50 -23.34
N THR A 280 46.13 -0.30 -22.88
CA THR A 280 45.15 0.79 -22.79
C THR A 280 45.52 1.98 -23.66
N VAL A 281 46.73 2.52 -23.53
CA VAL A 281 47.10 3.71 -24.28
C VAL A 281 47.27 3.40 -25.76
N ALA A 282 47.98 2.31 -26.06
CA ALA A 282 48.26 1.99 -27.46
C ALA A 282 46.99 1.70 -28.23
N VAL A 283 46.03 1.02 -27.62
CA VAL A 283 44.77 0.77 -28.32
C VAL A 283 43.95 2.05 -28.44
N GLY A 284 44.00 2.93 -27.43
CA GLY A 284 43.29 4.20 -27.54
C GLY A 284 43.79 5.03 -28.71
N LEU A 285 45.11 5.08 -28.87
CA LEU A 285 45.69 5.86 -29.97
C LEU A 285 45.31 5.28 -31.33
N VAL A 286 45.37 3.95 -31.49
CA VAL A 286 45.04 3.36 -32.79
C VAL A 286 43.55 3.49 -33.07
N SER A 287 42.71 3.33 -32.04
CA SER A 287 41.27 3.54 -32.22
C SER A 287 40.97 4.97 -32.60
N SER A 288 41.76 5.92 -32.09
CA SER A 288 41.60 7.31 -32.52
C SER A 288 42.00 7.47 -33.98
N VAL A 289 43.15 6.93 -34.38
CA VAL A 289 43.67 7.20 -35.72
C VAL A 289 42.80 6.54 -36.79
N VAL A 290 42.30 5.33 -36.52
CA VAL A 290 41.61 4.59 -37.56
C VAL A 290 40.26 5.19 -37.93
N VAL A 291 39.73 6.11 -37.13
CA VAL A 291 38.38 6.60 -37.38
C VAL A 291 38.35 8.12 -37.24
N TYR A 292 39.50 8.73 -36.99
CA TYR A 292 39.61 10.19 -36.90
C TYR A 292 39.21 10.93 -38.19
N PRO A 293 39.62 10.48 -39.39
CA PRO A 293 39.37 11.30 -40.58
C PRO A 293 37.90 11.59 -40.86
N VAL A 294 36.96 10.76 -40.39
CA VAL A 294 35.55 11.06 -40.64
C VAL A 294 35.13 12.33 -39.92
N TYR A 295 35.82 12.69 -38.83
CA TYR A 295 35.55 13.96 -38.17
C TYR A 295 35.82 15.12 -39.12
N LEU A 296 36.96 15.11 -39.81
CA LEU A 296 37.25 16.15 -40.79
C LEU A 296 36.31 16.05 -41.97
N ALA A 297 35.92 14.83 -42.34
CA ALA A 297 35.01 14.64 -43.47
C ALA A 297 33.65 15.29 -43.20
N ILE A 298 33.14 15.14 -41.98
CA ILE A 298 31.86 15.75 -41.65
C ILE A 298 32.00 17.22 -41.27
N LEU A 299 33.21 17.67 -40.94
CA LEU A 299 33.45 19.06 -40.56
C LEU A 299 33.24 20.00 -41.74
N SER A 514 20.41 22.74 -41.58
CA SER A 514 20.98 21.97 -42.67
C SER A 514 20.49 20.53 -42.65
N LEU A 515 20.80 19.78 -43.71
CA LEU A 515 20.40 18.38 -43.81
C LEU A 515 21.54 17.41 -43.56
N ALA A 516 22.79 17.82 -43.74
CA ALA A 516 23.95 16.97 -43.44
C ALA A 516 24.13 16.75 -41.95
N HIS A 517 23.26 17.32 -41.12
CA HIS A 517 23.42 17.28 -39.67
C HIS A 517 22.52 16.26 -38.99
N GLY A 518 21.39 15.91 -39.60
CA GLY A 518 20.60 14.81 -39.09
C GLY A 518 21.31 13.47 -39.22
N LEU A 519 22.06 13.29 -40.30
CA LEU A 519 22.83 12.06 -40.44
C LEU A 519 23.87 11.94 -39.34
N SER A 520 24.32 13.07 -38.78
CA SER A 520 25.17 13.02 -37.60
C SER A 520 24.44 12.38 -36.42
N LEU A 521 23.19 12.78 -36.19
CA LEU A 521 22.41 12.16 -35.11
C LEU A 521 22.16 10.68 -35.39
N LEU A 522 21.86 10.32 -36.63
CA LEU A 522 21.71 8.91 -36.96
C LEU A 522 23.01 8.13 -36.77
N LEU A 523 24.16 8.73 -37.09
CA LEU A 523 25.43 8.07 -36.90
C LEU A 523 25.73 7.85 -35.42
N VAL A 524 25.46 8.86 -34.59
CA VAL A 524 25.71 8.66 -33.15
C VAL A 524 24.73 7.63 -32.59
N ALA A 525 23.49 7.61 -33.08
CA ALA A 525 22.52 6.62 -32.63
C ALA A 525 22.98 5.21 -32.97
N VAL A 526 23.40 4.98 -34.22
CA VAL A 526 23.85 3.66 -34.59
C VAL A 526 25.16 3.31 -33.89
N ALA A 527 26.02 4.30 -33.60
CA ALA A 527 27.25 4.03 -32.88
C ALA A 527 26.96 3.54 -31.45
N VAL A 528 26.07 4.23 -30.74
CA VAL A 528 25.74 3.79 -29.39
C VAL A 528 24.99 2.46 -29.43
N ALA A 529 24.16 2.23 -30.45
CA ALA A 529 23.48 0.95 -30.58
C ALA A 529 24.48 -0.19 -30.75
N VAL A 530 25.49 0.01 -31.61
CA VAL A 530 26.51 -1.01 -31.81
C VAL A 530 27.31 -1.22 -30.55
N SER A 531 27.65 -0.13 -29.84
CA SER A 531 28.42 -0.25 -28.61
C SER A 531 27.64 -1.06 -27.57
N GLY A 532 26.34 -0.81 -27.45
CA GLY A 532 25.53 -1.60 -26.54
C GLY A 532 25.40 -3.05 -26.96
N TRP A 533 25.26 -3.29 -28.27
CA TRP A 533 25.10 -4.66 -28.77
C TRP A 533 26.36 -5.49 -28.51
N VAL A 534 27.52 -4.94 -28.88
CA VAL A 534 28.77 -5.67 -28.66
C VAL A 534 29.21 -5.58 -27.20
N GLY A 535 28.61 -4.68 -26.43
CA GLY A 535 28.98 -4.50 -25.04
C GLY A 535 28.44 -5.51 -24.06
N ALA A 536 27.57 -6.41 -24.51
CA ALA A 536 26.96 -7.38 -23.60
C ALA A 536 28.00 -8.35 -23.05
N SER A 537 28.79 -8.95 -23.94
CA SER A 537 29.76 -9.98 -23.55
C SER A 537 31.09 -9.32 -23.18
N PHE A 538 31.12 -8.76 -21.97
CA PHE A 538 32.32 -8.16 -21.42
C PHE A 538 32.60 -8.69 -20.03
N PRO A 539 33.79 -9.22 -19.77
CA PRO A 539 34.18 -9.52 -18.39
C PRO A 539 34.40 -8.22 -17.62
N PRO A 540 34.46 -8.29 -16.29
CA PRO A 540 34.62 -7.05 -15.51
C PRO A 540 35.89 -6.28 -15.82
N GLY A 541 36.93 -6.94 -16.32
CA GLY A 541 38.17 -6.24 -16.62
C GLY A 541 38.16 -5.57 -17.99
N VAL A 542 37.48 -6.18 -18.94
CA VAL A 542 37.47 -5.67 -20.32
C VAL A 542 36.53 -4.47 -20.42
N SER A 543 35.84 -4.15 -19.33
CA SER A 543 35.03 -2.94 -19.25
C SER A 543 35.76 -1.77 -18.64
N VAL A 544 36.46 -1.97 -17.53
CA VAL A 544 37.30 -0.90 -16.98
C VAL A 544 38.44 -0.59 -17.94
N ALA A 545 38.97 -1.61 -18.62
CA ALA A 545 39.99 -1.35 -19.64
C ALA A 545 39.42 -0.54 -20.78
N TRP A 546 38.19 -0.84 -21.20
CA TRP A 546 37.54 -0.07 -22.26
C TRP A 546 37.34 1.38 -21.84
N LEU A 547 36.92 1.59 -20.59
CA LEU A 547 36.72 2.95 -20.09
C LEU A 547 38.04 3.72 -20.06
N LEU A 548 39.10 3.07 -19.57
CA LEU A 548 40.40 3.73 -19.52
C LEU A 548 40.92 4.05 -20.92
N SER A 549 40.72 3.13 -21.88
CA SER A 549 41.16 3.39 -23.24
C SER A 549 40.39 4.55 -23.86
N SER A 550 39.07 4.62 -23.61
CA SER A 550 38.30 5.75 -24.12
C SER A 550 38.76 7.07 -23.52
N SER A 551 39.03 7.07 -22.20
CA SER A 551 39.52 8.29 -21.56
C SER A 551 40.87 8.70 -22.12
N ALA A 552 41.76 7.73 -22.34
CA ALA A 552 43.07 8.03 -22.92
C ALA A 552 42.94 8.59 -24.33
N SER A 553 42.03 8.02 -25.13
CA SER A 553 41.82 8.52 -26.48
C SER A 553 41.32 9.96 -26.46
N PHE A 554 40.35 10.25 -25.57
CA PHE A 554 39.87 11.62 -25.48
C PHE A 554 40.96 12.57 -25.04
N LEU A 555 41.78 12.16 -24.07
CA LEU A 555 42.87 13.00 -23.60
C LEU A 555 43.90 13.24 -24.69
N ALA A 556 44.18 12.23 -25.52
CA ALA A 556 45.10 12.42 -26.64
C ALA A 556 44.52 13.39 -27.67
N SER A 557 43.22 13.27 -27.96
CA SER A 557 42.59 14.15 -28.94
C SER A 557 42.43 15.58 -28.44
N PHE A 558 42.63 15.83 -27.15
CA PHE A 558 42.47 17.16 -26.57
C PHE A 558 43.79 17.91 -26.42
N LEU A 559 44.92 17.22 -26.40
CA LEU A 559 46.21 17.85 -26.13
C LEU A 559 47.14 17.82 -27.35
N GLY A 560 47.27 16.68 -28.01
CA GLY A 560 48.28 16.55 -29.05
C GLY A 560 47.76 16.44 -30.46
N TRP A 561 46.44 16.59 -30.66
CA TRP A 561 45.89 16.55 -32.00
C TRP A 561 45.17 17.83 -32.44
N GLU A 562 44.25 18.36 -31.65
CA GLU A 562 43.55 19.58 -32.03
C GLU A 562 44.52 20.75 -32.16
N PRO A 563 45.47 20.95 -31.23
CA PRO A 563 46.48 21.98 -31.46
C PRO A 563 47.35 21.76 -32.68
N LEU A 564 47.41 20.54 -33.21
CA LEU A 564 48.19 20.25 -34.41
C LEU A 564 47.32 20.21 -35.66
N LYS A 565 46.06 20.66 -35.56
CA LYS A 565 45.21 20.84 -36.72
C LYS A 565 44.93 22.31 -37.01
N VAL A 566 45.41 23.22 -36.18
CA VAL A 566 45.25 24.65 -36.46
C VAL A 566 46.23 25.16 -37.50
N LEU A 567 47.23 24.35 -37.86
CA LEU A 567 48.20 24.79 -38.86
C LEU A 567 47.55 25.00 -40.22
N LEU A 568 46.65 24.10 -40.61
CA LEU A 568 45.95 24.21 -41.89
C LEU A 568 44.45 24.29 -41.67
N LEU A 614 20.67 47.86 -19.77
CA LEU A 614 20.18 47.72 -21.12
C LEU A 614 21.34 47.67 -22.13
N ALA A 615 22.22 48.68 -22.04
CA ALA A 615 23.39 48.74 -22.90
C ALA A 615 24.68 48.32 -22.19
N LYS A 616 24.60 47.83 -20.95
CA LYS A 616 25.79 47.44 -20.22
C LYS A 616 25.64 46.05 -19.58
N GLU A 617 24.39 45.65 -19.32
CA GLU A 617 24.12 44.41 -18.62
C GLU A 617 23.90 43.22 -19.55
N GLU A 618 23.97 43.43 -20.86
CA GLU A 618 23.82 42.32 -21.80
C GLU A 618 25.07 41.45 -21.89
N ALA A 619 26.16 41.85 -21.24
CA ALA A 619 27.36 41.04 -21.17
C ALA A 619 27.49 40.24 -19.89
N ARG A 620 26.63 40.51 -18.89
CA ARG A 620 26.61 39.67 -17.70
C ARG A 620 26.05 38.28 -18.00
N LYS A 621 25.05 38.23 -18.89
CA LYS A 621 24.39 36.97 -19.18
C LYS A 621 25.34 35.97 -19.84
N VAL A 622 26.20 36.44 -20.74
CA VAL A 622 27.11 35.52 -21.43
C VAL A 622 28.11 34.92 -20.45
N LYS A 623 28.61 35.72 -19.51
CA LYS A 623 29.51 35.19 -18.49
C LYS A 623 28.78 34.23 -17.56
N ARG A 624 27.54 34.54 -17.19
CA ARG A 624 26.77 33.62 -16.37
C ARG A 624 26.59 32.28 -17.06
N LEU A 625 26.25 32.30 -18.36
CA LEU A 625 26.09 31.07 -19.11
C LEU A 625 27.42 30.32 -19.23
N HIS A 626 28.53 31.06 -19.41
CA HIS A 626 29.83 30.42 -19.50
C HIS A 626 30.16 29.68 -18.20
N GLY A 627 29.83 30.27 -17.06
CA GLY A 627 29.99 29.57 -15.79
C GLY A 627 29.07 28.35 -15.69
N MET A 628 27.85 28.51 -16.21
CA MET A 628 26.88 27.42 -16.20
C MET A 628 27.37 26.21 -16.97
N LEU A 629 28.04 26.43 -18.10
CA LEU A 629 28.58 25.28 -18.85
C LEU A 629 29.61 24.51 -18.03
N ARG A 630 30.52 25.20 -17.37
CA ARG A 630 31.52 24.50 -16.56
C ARG A 630 30.84 23.75 -15.41
N SER A 631 29.86 24.38 -14.77
CA SER A 631 29.13 23.70 -13.70
C SER A 631 28.42 22.45 -14.24
N LEU A 632 27.84 22.56 -15.43
CA LEU A 632 27.13 21.42 -16.02
C LEU A 632 28.07 20.26 -16.30
N LEU A 633 29.24 20.55 -16.87
CA LEU A 633 30.19 19.47 -17.13
C LEU A 633 30.67 18.82 -15.84
N VAL A 634 30.96 19.63 -14.82
CA VAL A 634 31.40 19.07 -13.54
C VAL A 634 30.30 18.17 -12.96
N TYR A 635 29.05 18.62 -13.02
CA TYR A 635 27.97 17.85 -12.42
C TYR A 635 27.72 16.56 -13.20
N MET A 636 27.80 16.60 -14.53
CA MET A 636 27.69 15.38 -15.32
C MET A 636 28.79 14.39 -14.97
N LEU A 637 30.03 14.86 -14.85
CA LEU A 637 31.13 13.95 -14.52
C LEU A 637 30.93 13.33 -13.14
N PHE A 638 30.53 14.14 -12.16
CA PHE A 638 30.31 13.63 -10.81
C PHE A 638 29.15 12.64 -10.78
N LEU A 639 28.08 12.93 -11.52
CA LEU A 639 26.96 12.01 -11.59
C LEU A 639 27.35 10.69 -12.23
N LEU A 640 28.16 10.74 -13.29
CA LEU A 640 28.62 9.51 -13.93
C LEU A 640 29.45 8.67 -12.97
N VAL A 641 30.35 9.32 -12.23
CA VAL A 641 31.18 8.59 -11.27
C VAL A 641 30.31 7.93 -10.21
N THR A 642 29.33 8.67 -9.67
CA THR A 642 28.46 8.10 -8.65
C THR A 642 27.62 6.96 -9.21
N LEU A 643 27.12 7.10 -10.44
CA LEU A 643 26.33 6.05 -11.05
C LEU A 643 27.15 4.77 -11.23
N LEU A 644 28.39 4.92 -11.69
CA LEU A 644 29.25 3.75 -11.82
C LEU A 644 29.58 3.14 -10.47
N ALA A 645 29.76 3.98 -9.44
CA ALA A 645 30.07 3.46 -8.11
C ALA A 645 28.91 2.66 -7.54
N SER A 646 27.68 3.11 -7.75
CA SER A 646 26.54 2.48 -7.09
C SER A 646 25.88 1.38 -7.92
N TYR A 647 25.80 1.55 -9.23
CA TYR A 647 25.01 0.67 -10.09
C TYR A 647 25.89 -0.09 -11.07
N GLY A 648 27.01 -0.63 -10.59
CA GLY A 648 27.85 -1.46 -11.43
C GLY A 648 27.60 -2.95 -11.32
N ASP A 649 26.80 -3.39 -10.36
CA ASP A 649 26.59 -4.82 -10.10
C ASP A 649 25.13 -5.12 -9.81
N ALA A 650 24.22 -4.59 -10.63
CA ALA A 650 22.79 -4.80 -10.40
C ALA A 650 22.41 -6.28 -10.52
N SER A 651 23.00 -7.00 -11.47
CA SER A 651 22.73 -8.42 -11.60
C SER A 651 23.09 -9.15 -10.31
N CYS A 652 24.23 -8.79 -9.73
CA CYS A 652 24.60 -9.32 -8.42
C CYS A 652 23.58 -8.95 -7.37
N HIS A 653 22.94 -7.78 -7.49
CA HIS A 653 21.93 -7.38 -6.52
C HIS A 653 20.73 -8.33 -6.55
N GLY A 654 20.20 -8.59 -7.76
CA GLY A 654 19.09 -9.53 -7.87
C GLY A 654 19.46 -10.93 -7.44
N HIS A 655 20.64 -11.40 -7.86
CA HIS A 655 21.09 -12.72 -7.45
C HIS A 655 21.28 -12.82 -5.95
N ALA A 656 21.74 -11.74 -5.31
CA ALA A 656 21.91 -11.76 -3.85
C ALA A 656 20.58 -11.86 -3.14
N TYR A 657 19.56 -11.13 -3.62
CA TYR A 657 18.24 -11.28 -3.03
C TYR A 657 17.75 -12.73 -3.14
N ARG A 658 17.85 -13.31 -4.35
CA ARG A 658 17.40 -14.70 -4.53
C ARG A 658 18.19 -15.64 -3.63
N LEU A 659 19.49 -15.44 -3.52
CA LEU A 659 20.34 -16.34 -2.74
C LEU A 659 20.00 -16.29 -1.27
N GLN A 660 19.81 -15.09 -0.72
CA GLN A 660 19.47 -15.00 0.70
C GLN A 660 18.10 -15.61 0.97
N SER A 661 17.14 -15.39 0.06
CA SER A 661 15.83 -15.99 0.23
C SER A 661 15.92 -17.52 0.23
N ALA A 662 16.68 -18.07 -0.72
CA ALA A 662 16.83 -19.53 -0.79
C ALA A 662 17.50 -20.08 0.45
N ILE A 663 18.55 -19.40 0.93
CA ILE A 663 19.26 -19.88 2.11
C ILE A 663 18.36 -19.88 3.32
N LYS A 664 17.56 -18.83 3.51
CA LYS A 664 16.62 -18.84 4.63
C LYS A 664 15.59 -19.95 4.49
N GLN A 665 15.06 -20.14 3.28
CA GLN A 665 13.95 -21.10 3.17
C GLN A 665 14.40 -22.55 3.19
N GLU A 666 15.67 -22.84 2.88
CA GLU A 666 16.17 -24.20 2.97
C GLU A 666 16.88 -24.49 4.28
N LEU A 667 16.96 -23.49 5.17
CA LEU A 667 17.49 -23.68 6.51
C LEU A 667 16.38 -23.82 7.55
N HIS A 668 15.13 -23.99 7.10
CA HIS A 668 13.97 -24.09 7.99
C HIS A 668 13.89 -22.89 8.93
N SER A 669 13.85 -21.71 8.31
CA SER A 669 13.76 -20.48 9.10
C SER A 669 12.49 -20.44 9.93
N ARG A 670 11.38 -20.92 9.36
CA ARG A 670 10.13 -20.98 10.10
C ARG A 670 10.29 -21.80 11.37
N ALA A 671 10.90 -22.97 11.26
CA ALA A 671 11.11 -23.83 12.42
C ALA A 671 12.05 -23.18 13.44
N PHE A 672 13.13 -22.56 12.96
CA PHE A 672 14.10 -21.95 13.86
C PHE A 672 13.46 -20.80 14.65
N LEU A 673 12.68 -19.96 13.98
CA LEU A 673 11.98 -18.90 14.70
C LEU A 673 10.82 -19.45 15.52
N ALA A 674 10.33 -20.63 15.17
CA ALA A 674 9.33 -21.31 16.01
C ALA A 674 10.03 -22.05 17.14
N ILE A 675 10.81 -21.32 17.91
CA ILE A 675 11.57 -21.90 19.03
C ILE A 675 10.72 -21.83 20.28
N THR A 676 10.82 -22.86 21.12
CA THR A 676 10.02 -22.93 22.33
C THR A 676 10.85 -22.95 23.60
N ARG A 677 12.07 -23.46 23.57
CA ARG A 677 12.93 -23.47 24.74
C ARG A 677 14.39 -23.48 24.27
N SER A 678 15.31 -23.69 25.20
CA SER A 678 16.73 -23.54 24.93
C SER A 678 17.51 -24.85 25.06
N GLU A 679 16.84 -26.00 24.91
CA GLU A 679 17.54 -27.28 24.95
C GLU A 679 17.14 -28.22 23.83
N GLU A 680 16.16 -27.88 23.00
CA GLU A 680 15.77 -28.69 21.85
C GLU A 680 16.49 -28.28 20.58
N LEU A 681 17.44 -27.36 20.66
CA LEU A 681 18.18 -26.94 19.47
C LEU A 681 19.19 -27.99 19.05
N TRP A 682 19.54 -28.93 19.93
CA TRP A 682 20.44 -30.01 19.56
C TRP A 682 19.79 -30.94 18.53
N PRO A 683 18.52 -31.37 18.73
CA PRO A 683 17.84 -32.07 17.62
C PRO A 683 17.73 -31.22 16.37
N TRP A 684 17.56 -29.90 16.52
CA TRP A 684 17.55 -29.01 15.37
C TRP A 684 18.84 -29.13 14.58
N MET A 685 19.97 -29.02 15.27
CA MET A 685 21.27 -29.13 14.61
C MET A 685 21.46 -30.51 13.99
N ALA A 686 21.07 -31.56 14.71
CA ALA A 686 21.25 -32.92 14.20
C ALA A 686 20.33 -33.24 13.05
N HIS A 687 19.24 -32.49 12.87
CA HIS A 687 18.27 -32.81 11.83
C HIS A 687 18.36 -31.94 10.59
N VAL A 688 18.61 -30.64 10.73
CA VAL A 688 18.59 -29.75 9.57
C VAL A 688 19.93 -29.08 9.32
N LEU A 689 20.82 -28.99 10.30
CA LEU A 689 22.07 -28.27 10.12
C LEU A 689 23.16 -29.17 9.55
N LEU A 690 23.47 -30.27 10.25
CA LEU A 690 24.49 -31.19 9.75
C LEU A 690 24.16 -31.77 8.39
N PRO A 691 22.94 -32.21 8.08
CA PRO A 691 22.66 -32.62 6.69
C PRO A 691 22.85 -31.50 5.68
N TYR A 692 22.57 -30.25 6.07
CA TYR A 692 22.76 -29.13 5.15
C TYR A 692 24.23 -28.83 4.91
N VAL A 693 25.10 -29.08 5.87
CA VAL A 693 26.52 -28.77 5.75
C VAL A 693 27.29 -29.92 5.12
N HIS A 694 27.15 -31.12 5.65
CA HIS A 694 27.92 -32.27 5.18
C HIS A 694 27.18 -33.13 4.17
N GLY A 695 25.98 -32.73 3.77
CA GLY A 695 25.26 -33.48 2.76
C GLY A 695 25.89 -33.33 1.39
N ASN A 696 25.79 -34.38 0.59
CA ASN A 696 26.35 -34.39 -0.77
C ASN A 696 25.36 -33.71 -1.72
N GLN A 697 25.08 -32.45 -1.45
CA GLN A 697 24.15 -31.66 -2.23
C GLN A 697 24.73 -30.25 -2.41
N SER A 698 23.90 -29.35 -2.95
CA SER A 698 24.36 -28.01 -3.27
C SER A 698 24.58 -27.19 -2.01
N SER A 699 25.80 -27.20 -1.49
CA SER A 699 26.15 -26.42 -0.32
C SER A 699 27.66 -26.24 -0.21
N PRO A 700 28.28 -25.46 -1.10
CA PRO A 700 29.72 -25.21 -0.97
C PRO A 700 30.00 -24.31 0.22
N GLU A 701 30.48 -24.88 1.32
CA GLU A 701 30.56 -24.17 2.58
C GLU A 701 31.73 -23.20 2.66
N LEU A 702 32.88 -23.55 2.10
CA LEU A 702 34.08 -22.71 2.17
C LEU A 702 34.45 -22.43 3.62
N GLY A 703 34.84 -23.50 4.32
CA GLY A 703 35.24 -23.40 5.70
C GLY A 703 34.26 -24.07 6.65
N PRO A 704 34.80 -24.78 7.65
CA PRO A 704 33.93 -25.50 8.59
C PRO A 704 33.17 -24.53 9.48
N PRO A 705 32.02 -24.95 10.03
CA PRO A 705 31.26 -24.07 10.91
C PRO A 705 31.88 -23.88 12.27
N ARG A 706 31.21 -23.17 13.17
CA ARG A 706 31.75 -22.85 14.47
C ARG A 706 30.59 -22.61 15.44
N LEU A 707 30.92 -22.68 16.74
CA LEU A 707 29.96 -22.37 17.80
C LEU A 707 30.65 -21.46 18.81
N ARG A 708 29.97 -20.40 19.23
CA ARG A 708 30.52 -19.45 20.21
C ARG A 708 29.39 -19.03 21.16
N GLN A 709 29.27 -19.73 22.27
CA GLN A 709 28.24 -19.46 23.27
C GLN A 709 28.80 -18.59 24.39
N VAL A 710 27.93 -18.28 25.34
CA VAL A 710 28.29 -17.47 26.50
C VAL A 710 28.06 -18.29 27.78
N ARG A 711 28.68 -17.86 28.86
CA ARG A 711 28.60 -18.57 30.13
C ARG A 711 28.06 -17.67 31.24
N LEU A 712 28.37 -16.38 31.16
CA LEU A 712 27.84 -15.36 32.06
C LEU A 712 28.38 -15.48 33.48
N GLN A 713 29.19 -16.51 33.75
CA GLN A 713 29.85 -16.73 35.04
C GLN A 713 28.88 -16.80 36.22
N GLU A 714 27.59 -17.00 35.95
CA GLU A 714 26.60 -17.07 37.02
C GLU A 714 25.37 -17.78 36.49
N ALA A 715 24.83 -18.71 37.27
CA ALA A 715 23.67 -19.47 36.84
C ALA A 715 22.42 -18.59 36.85
N LEU A 716 21.30 -19.17 36.47
CA LEU A 716 20.02 -18.48 36.44
C LEU A 716 18.97 -19.28 37.18
N TYR A 717 17.94 -18.59 37.65
CA TYR A 717 16.87 -19.25 38.40
C TYR A 717 16.07 -20.16 37.49
N PRO A 718 15.16 -20.94 38.06
CA PRO A 718 14.38 -21.88 37.24
C PRO A 718 13.33 -21.17 36.38
N ASP A 719 12.52 -21.95 35.67
CA ASP A 719 11.49 -21.38 34.83
C ASP A 719 10.47 -20.61 35.68
N PRO A 720 9.97 -19.48 35.19
CA PRO A 720 9.03 -18.68 35.97
C PRO A 720 7.63 -19.26 35.88
N PRO A 721 7.01 -19.57 37.02
CA PRO A 721 5.64 -20.11 37.00
C PRO A 721 4.65 -19.04 36.59
N GLY A 722 3.92 -19.30 35.50
CA GLY A 722 2.97 -18.34 34.98
C GLY A 722 3.59 -17.47 33.92
N PRO A 723 3.89 -16.22 34.28
CA PRO A 723 4.56 -15.32 33.33
C PRO A 723 6.08 -15.33 33.48
N ARG A 724 6.76 -15.25 32.35
CA ARG A 724 8.22 -15.27 32.30
C ARG A 724 8.75 -13.84 32.29
N VAL A 725 10.06 -13.72 32.05
CA VAL A 725 10.70 -12.40 32.00
C VAL A 725 10.09 -11.58 30.86
N HIS A 726 10.02 -10.27 31.07
CA HIS A 726 9.38 -9.39 30.10
C HIS A 726 10.11 -9.42 28.76
N THR A 727 11.32 -8.86 28.70
CA THR A 727 12.16 -9.01 27.52
C THR A 727 13.51 -9.64 27.83
N CYS A 728 14.30 -9.04 28.72
CA CYS A 728 15.66 -9.49 28.98
C CYS A 728 16.00 -9.36 30.46
N SER A 729 15.09 -9.79 31.32
CA SER A 729 15.30 -9.65 32.75
C SER A 729 16.44 -10.55 33.22
N ALA A 730 16.91 -10.29 34.45
CA ALA A 730 18.00 -11.03 35.07
C ALA A 730 19.28 -10.93 34.24
N ALA A 731 19.77 -9.70 34.10
CA ALA A 731 21.00 -9.43 33.36
C ALA A 731 22.15 -9.27 34.34
N GLY A 732 23.16 -10.13 34.21
CA GLY A 732 24.31 -10.09 35.09
C GLY A 732 25.62 -9.78 34.40
N GLY A 733 26.58 -10.70 34.51
CA GLY A 733 27.88 -10.50 33.90
C GLY A 733 28.18 -11.49 32.79
N PHE A 734 29.43 -11.51 32.33
CA PHE A 734 29.86 -12.41 31.26
C PHE A 734 31.16 -13.08 31.66
N SER A 735 31.19 -14.41 31.57
CA SER A 735 32.41 -15.14 31.92
C SER A 735 33.49 -14.93 30.88
N THR A 736 34.74 -14.79 31.36
CA THR A 736 35.87 -14.61 30.46
C THR A 736 37.10 -15.41 30.87
N SER A 737 36.96 -16.35 31.80
CA SER A 737 38.09 -17.11 32.31
C SER A 737 38.16 -18.48 31.62
N ASP A 738 39.23 -19.22 31.93
CA ASP A 738 39.43 -20.53 31.34
C ASP A 738 38.49 -21.55 31.99
N TYR A 739 38.58 -22.79 31.53
CA TYR A 739 37.74 -23.88 32.00
C TYR A 739 38.43 -25.19 31.64
N ASP A 740 37.72 -26.30 31.80
CA ASP A 740 38.23 -27.62 31.46
C ASP A 740 37.13 -28.39 30.74
N VAL A 741 37.42 -29.67 30.46
CA VAL A 741 36.45 -30.51 29.77
C VAL A 741 35.27 -30.81 30.69
N GLY A 742 34.11 -31.04 30.07
CA GLY A 742 32.91 -31.33 30.81
C GLY A 742 32.26 -30.11 31.42
N TRP A 743 33.01 -29.38 32.24
CA TRP A 743 32.50 -28.18 32.89
C TRP A 743 33.66 -27.28 33.23
N GLU A 744 33.34 -26.09 33.73
CA GLU A 744 34.35 -25.10 34.07
C GLU A 744 35.06 -25.46 35.38
N SER A 745 36.13 -26.25 35.28
CA SER A 745 36.88 -26.66 36.45
C SER A 745 38.29 -27.10 36.05
N PRO A 746 39.21 -26.16 35.84
CA PRO A 746 40.58 -26.55 35.45
C PRO A 746 41.30 -27.30 36.56
N HIS A 747 41.59 -28.59 36.31
CA HIS A 747 42.23 -29.44 37.31
C HIS A 747 43.73 -29.56 37.13
N ASN A 748 44.24 -29.47 35.91
CA ASN A 748 45.68 -29.61 35.67
C ASN A 748 46.23 -28.41 34.92
N GLY A 749 45.40 -27.78 34.08
CA GLY A 749 45.83 -26.64 33.31
C GLY A 749 44.81 -26.15 32.31
N SER A 750 45.26 -25.89 31.08
CA SER A 750 44.38 -25.39 30.02
C SER A 750 43.52 -26.55 29.51
N GLY A 751 42.25 -26.53 29.88
CA GLY A 751 41.33 -27.55 29.47
C GLY A 751 40.84 -27.35 28.05
N THR A 752 39.92 -28.22 27.64
CA THR A 752 39.34 -28.14 26.31
C THR A 752 38.58 -26.84 26.11
N TRP A 753 37.79 -26.45 27.12
CA TRP A 753 37.00 -25.22 27.06
C TRP A 753 37.94 -24.03 27.28
N ALA A 754 38.59 -23.60 26.19
CA ALA A 754 39.55 -22.51 26.26
C ALA A 754 38.81 -21.18 26.34
N TYR A 755 39.55 -20.10 26.55
CA TYR A 755 38.96 -18.78 26.72
C TYR A 755 38.34 -18.27 25.43
N SER A 756 39.06 -18.41 24.31
CA SER A 756 38.63 -17.93 23.00
C SER A 756 38.34 -16.42 23.04
N ALA A 757 39.41 -15.67 23.30
CA ALA A 757 39.33 -14.23 23.48
C ALA A 757 38.87 -13.55 22.20
N PRO A 758 38.17 -12.42 22.31
CA PRO A 758 37.64 -11.75 21.11
C PRO A 758 38.73 -11.19 20.22
N ASP A 759 38.44 -11.19 18.91
CA ASP A 759 39.34 -10.63 17.91
C ASP A 759 38.94 -9.18 17.66
N LEU A 760 39.47 -8.58 16.60
CA LEU A 760 39.16 -7.20 16.23
C LEU A 760 38.32 -7.14 14.97
N LEU A 761 37.30 -7.97 14.87
CA LEU A 761 36.50 -7.90 13.68
C LEU A 761 35.02 -8.24 13.85
N GLY A 762 34.22 -7.59 13.00
CA GLY A 762 32.80 -7.80 12.94
C GLY A 762 32.12 -7.86 14.26
N ALA A 763 32.37 -6.85 15.06
CA ALA A 763 31.79 -6.71 16.36
C ALA A 763 30.27 -6.78 16.48
N TRP A 764 29.88 -7.12 17.68
CA TRP A 764 28.51 -7.12 18.12
C TRP A 764 27.38 -7.75 17.38
N SER A 765 26.27 -7.10 17.53
CA SER A 765 25.14 -7.63 16.91
C SER A 765 24.20 -7.26 17.96
N TRP A 766 23.85 -5.98 18.01
CA TRP A 766 22.96 -5.41 19.00
C TRP A 766 21.76 -6.34 19.21
N GLY A 767 21.91 -7.21 20.22
CA GLY A 767 20.98 -8.26 20.56
C GLY A 767 19.98 -8.05 21.67
N SER A 768 19.02 -8.96 21.71
CA SER A 768 17.91 -8.93 22.65
C SER A 768 18.29 -8.73 24.09
N CYS A 769 19.29 -9.47 24.56
CA CYS A 769 19.70 -9.33 25.95
C CYS A 769 20.83 -8.33 26.10
N ALA A 770 21.94 -8.58 25.41
CA ALA A 770 23.11 -7.71 25.49
C ALA A 770 23.75 -7.65 24.10
N VAL A 771 24.98 -7.15 24.03
CA VAL A 771 25.69 -7.00 22.77
C VAL A 771 27.08 -7.57 22.96
N TYR A 772 27.27 -8.83 22.58
CA TYR A 772 28.61 -9.40 22.49
C TYR A 772 29.32 -8.86 21.27
N ASP A 773 30.65 -9.01 21.23
CA ASP A 773 31.45 -8.47 20.14
C ASP A 773 32.10 -9.56 19.30
N SER A 774 32.98 -10.37 19.87
CA SER A 774 33.66 -11.38 19.07
C SER A 774 33.90 -12.72 19.76
N GLY A 775 33.78 -12.82 21.08
CA GLY A 775 34.29 -13.97 21.80
C GLY A 775 33.18 -14.82 22.40
N GLY A 776 33.58 -15.98 22.90
CA GLY A 776 32.68 -16.93 23.51
C GLY A 776 33.35 -18.26 23.77
N TYR A 777 32.56 -19.34 23.82
CA TYR A 777 33.11 -20.70 23.97
C TYR A 777 33.27 -21.29 22.59
N VAL A 778 34.47 -21.20 22.04
CA VAL A 778 34.73 -21.60 20.66
C VAL A 778 34.76 -23.12 20.57
N GLN A 779 33.70 -23.70 20.03
CA GLN A 779 33.65 -25.12 19.70
C GLN A 779 33.74 -25.26 18.19
N GLU A 780 34.74 -25.99 17.71
CA GLU A 780 34.97 -26.11 16.28
C GLU A 780 33.83 -26.81 15.57
N LEU A 781 33.31 -27.88 16.17
CA LEU A 781 32.24 -28.68 15.57
C LEU A 781 32.62 -29.14 14.17
N GLY A 782 33.88 -29.55 14.02
CA GLY A 782 34.39 -29.99 12.73
C GLY A 782 34.04 -31.43 12.43
N LEU A 783 35.02 -32.23 12.02
CA LEU A 783 34.83 -33.64 11.68
C LEU A 783 33.76 -33.79 10.61
N SER A 784 34.10 -33.27 9.43
CA SER A 784 33.13 -33.10 8.34
C SER A 784 32.50 -34.41 7.90
N LEU A 785 33.31 -35.46 7.75
CA LEU A 785 32.83 -36.70 7.15
C LEU A 785 31.70 -37.35 7.95
N GLU A 786 32.00 -37.83 9.16
CA GLU A 786 31.01 -38.54 9.95
C GLU A 786 31.03 -38.21 11.44
N GLU A 787 32.14 -37.71 11.99
CA GLU A 787 32.24 -37.57 13.44
C GLU A 787 31.68 -36.26 13.96
N SER A 788 31.09 -35.43 13.11
CA SER A 788 30.44 -34.22 13.60
C SER A 788 29.28 -34.55 14.53
N ARG A 789 28.48 -35.55 14.16
CA ARG A 789 27.40 -35.99 15.03
C ARG A 789 27.94 -36.56 16.33
N ASP A 790 29.06 -37.30 16.26
CA ASP A 790 29.68 -37.82 17.47
C ASP A 790 30.15 -36.68 18.38
N ARG A 791 30.75 -35.65 17.80
CA ARG A 791 31.18 -34.50 18.60
C ARG A 791 30.00 -33.78 19.23
N LEU A 792 28.90 -33.63 18.48
CA LEU A 792 27.71 -33.00 19.04
C LEU A 792 27.15 -33.82 20.19
N ARG A 793 27.10 -35.14 20.03
CA ARG A 793 26.61 -36.00 21.09
C ARG A 793 27.51 -35.95 22.31
N PHE A 794 28.83 -35.92 22.11
CA PHE A 794 29.75 -35.81 23.22
C PHE A 794 29.59 -34.49 23.96
N LEU A 795 29.41 -33.39 23.22
CA LEU A 795 29.17 -32.10 23.84
C LEU A 795 27.88 -32.09 24.64
N GLN A 796 26.82 -32.70 24.10
CA GLN A 796 25.54 -32.74 24.81
C GLN A 796 25.65 -33.59 26.07
N LEU A 797 26.29 -34.75 25.97
CA LEU A 797 26.39 -35.66 27.12
C LEU A 797 27.25 -35.06 28.22
N HIS A 798 28.32 -34.38 27.86
CA HIS A 798 29.23 -33.80 28.84
C HIS A 798 28.72 -32.47 29.40
N ASN A 799 27.55 -32.01 28.95
CA ASN A 799 26.93 -30.77 29.42
C ASN A 799 27.87 -29.58 29.22
N TRP A 800 28.14 -29.30 27.94
CA TRP A 800 29.03 -28.21 27.56
C TRP A 800 28.47 -26.87 27.99
N LEU A 801 27.23 -26.57 27.60
CA LEU A 801 26.58 -25.31 27.93
C LEU A 801 25.15 -25.56 28.39
N ASP A 802 24.99 -26.53 29.29
CA ASP A 802 23.66 -26.86 29.82
C ASP A 802 23.09 -25.71 30.63
N ASN A 803 23.77 -25.33 31.69
CA ASN A 803 23.33 -24.26 32.57
C ASN A 803 24.21 -23.03 32.37
N ARG A 804 23.62 -21.86 32.65
CA ARG A 804 24.30 -20.57 32.51
C ARG A 804 24.80 -20.36 31.08
N SER A 805 23.84 -20.31 30.16
CA SER A 805 24.14 -20.11 28.74
C SER A 805 23.15 -19.11 28.20
N ARG A 806 23.64 -17.96 27.73
CA ARG A 806 22.76 -16.92 27.22
C ARG A 806 22.35 -17.18 25.78
N ALA A 807 23.32 -17.22 24.86
CA ALA A 807 23.06 -17.38 23.44
C ALA A 807 23.96 -18.46 22.87
N VAL A 808 23.68 -18.83 21.62
CA VAL A 808 24.41 -19.90 20.95
C VAL A 808 25.39 -19.32 19.94
N PHE A 809 24.90 -18.44 19.07
CA PHE A 809 25.71 -17.74 18.07
C PHE A 809 26.43 -18.73 17.14
N LEU A 810 25.61 -19.45 16.37
CA LEU A 810 26.10 -20.36 15.34
C LEU A 810 26.11 -19.66 14.00
N GLU A 811 27.24 -19.78 13.28
CA GLU A 811 27.42 -19.04 12.04
C GLU A 811 28.58 -19.66 11.26
N LEU A 812 28.34 -20.04 10.00
CA LEU A 812 29.50 -20.51 9.24
C LEU A 812 29.85 -19.71 7.98
N THR A 813 29.06 -19.86 6.92
CA THR A 813 29.48 -19.36 5.60
C THR A 813 28.51 -19.75 4.49
N ARG A 814 28.77 -19.28 3.28
CA ARG A 814 28.11 -19.76 2.07
C ARG A 814 28.95 -19.33 0.87
N TYR A 815 28.72 -19.98 -0.26
CA TYR A 815 29.41 -19.63 -1.50
C TYR A 815 28.60 -20.14 -2.68
N SER A 816 28.08 -19.21 -3.48
CA SER A 816 27.33 -19.58 -4.68
C SER A 816 28.25 -19.53 -5.89
N PRO A 817 28.79 -20.68 -6.33
CA PRO A 817 29.74 -20.65 -7.45
C PRO A 817 29.17 -20.11 -8.74
N ALA A 818 27.86 -20.24 -8.95
CA ALA A 818 27.26 -19.82 -10.22
C ALA A 818 27.12 -18.31 -10.31
N VAL A 819 26.34 -17.72 -9.39
CA VAL A 819 26.13 -16.28 -9.41
C VAL A 819 27.42 -15.54 -9.12
N GLY A 820 28.33 -16.14 -8.38
CA GLY A 820 29.60 -15.52 -8.07
C GLY A 820 29.61 -14.67 -6.82
N LEU A 821 28.64 -14.85 -5.92
CA LEU A 821 28.55 -14.08 -4.69
C LEU A 821 28.62 -15.01 -3.49
N HIS A 822 29.32 -14.56 -2.46
CA HIS A 822 29.41 -15.28 -1.20
C HIS A 822 28.34 -14.76 -0.25
N ALA A 823 28.19 -15.45 0.88
CA ALA A 823 27.18 -15.05 1.85
C ALA A 823 27.62 -15.48 3.24
N ALA A 824 27.36 -14.62 4.22
CA ALA A 824 27.66 -14.92 5.62
C ALA A 824 26.34 -15.11 6.36
N VAL A 825 26.17 -16.30 6.93
CA VAL A 825 24.98 -16.64 7.72
C VAL A 825 25.36 -16.60 9.19
N THR A 826 24.51 -15.96 10.00
CA THR A 826 24.78 -15.86 11.43
C THR A 826 23.47 -16.04 12.19
N LEU A 827 23.38 -17.10 12.98
CA LEU A 827 22.19 -17.39 13.76
C LEU A 827 22.52 -17.28 15.25
N ARG A 828 21.51 -16.89 16.04
CA ARG A 828 21.68 -16.75 17.48
C ARG A 828 20.38 -17.18 18.15
N LEU A 829 20.51 -17.80 19.32
CA LEU A 829 19.40 -18.37 20.07
C LEU A 829 19.41 -17.83 21.50
N GLU A 830 19.51 -16.50 21.63
CA GLU A 830 19.57 -15.84 22.93
C GLU A 830 18.40 -16.26 23.83
N PHE A 831 18.72 -16.80 25.00
CA PHE A 831 17.72 -17.25 25.96
C PHE A 831 17.62 -16.25 27.11
N PRO A 832 16.52 -15.52 27.24
CA PRO A 832 16.42 -14.58 28.37
C PRO A 832 16.29 -15.27 29.71
N ALA A 833 15.55 -16.37 29.77
CA ALA A 833 15.34 -17.12 31.00
C ALA A 833 15.65 -18.59 30.76
N ALA A 834 16.02 -19.29 31.83
CA ALA A 834 16.27 -20.73 31.75
C ALA A 834 15.02 -21.46 31.26
N GLY A 835 15.12 -22.09 30.11
CA GLY A 835 13.95 -22.66 29.47
C GLY A 835 13.65 -22.02 28.13
N ARG A 836 12.56 -21.25 28.07
CA ARG A 836 12.16 -20.61 26.81
C ARG A 836 13.26 -19.68 26.29
N ALA A 837 13.44 -19.69 24.98
CA ALA A 837 14.49 -18.91 24.34
C ALA A 837 13.93 -18.27 23.07
N LEU A 838 14.66 -17.31 22.55
CA LEU A 838 14.31 -16.61 21.32
C LEU A 838 15.19 -17.09 20.17
N ALA A 839 15.07 -16.45 19.01
CA ALA A 839 15.84 -16.82 17.84
C ALA A 839 15.98 -15.61 16.93
N ALA A 840 17.14 -15.48 16.28
CA ALA A 840 17.39 -14.37 15.37
C ALA A 840 18.52 -14.76 14.42
N LEU A 841 18.23 -14.78 13.12
CA LEU A 841 19.22 -15.13 12.11
C LEU A 841 19.32 -14.03 11.07
N SER A 842 20.52 -13.89 10.51
CA SER A 842 20.78 -12.88 9.48
C SER A 842 21.68 -13.47 8.42
N VAL A 843 21.29 -13.30 7.16
CA VAL A 843 22.07 -13.76 6.01
C VAL A 843 22.46 -12.52 5.21
N ARG A 844 23.76 -12.28 5.10
CA ARG A 844 24.27 -11.14 4.34
C ARG A 844 25.01 -11.63 3.11
N PRO A 845 24.46 -11.48 1.92
CA PRO A 845 25.21 -11.79 0.70
C PRO A 845 26.07 -10.60 0.28
N PHE A 846 27.24 -10.92 -0.27
CA PHE A 846 28.19 -9.90 -0.69
C PHE A 846 29.13 -10.50 -1.73
N ALA A 847 29.79 -9.61 -2.47
CA ALA A 847 30.80 -10.01 -3.44
C ALA A 847 32.18 -9.77 -2.86
N LEU A 848 33.01 -10.82 -2.81
CA LEU A 848 34.33 -10.72 -2.21
C LEU A 848 35.29 -10.21 -3.28
N ARG A 849 35.51 -8.90 -3.28
CA ARG A 849 36.49 -8.26 -4.12
C ARG A 849 37.53 -7.58 -3.24
N ARG A 850 38.80 -7.73 -3.63
CA ARG A 850 39.93 -7.36 -2.79
C ARG A 850 40.90 -6.46 -3.56
N LEU A 851 41.76 -5.77 -2.80
CA LEU A 851 42.68 -4.81 -3.40
C LEU A 851 43.68 -5.50 -4.33
N SER A 852 44.17 -6.67 -3.96
CA SER A 852 45.18 -7.37 -4.76
C SER A 852 44.67 -7.83 -6.11
N ALA A 853 43.41 -7.57 -6.47
CA ALA A 853 42.90 -7.96 -7.78
C ALA A 853 43.29 -6.99 -8.88
N GLY A 854 43.85 -5.85 -8.55
CA GLY A 854 44.29 -4.89 -9.56
C GLY A 854 43.63 -3.54 -9.45
N LEU A 855 42.95 -3.12 -10.51
CA LEU A 855 42.33 -1.80 -10.60
C LEU A 855 40.84 -1.96 -10.96
N SER A 856 40.15 -2.81 -10.19
CA SER A 856 38.74 -3.06 -10.40
C SER A 856 37.91 -1.78 -10.37
N LEU A 857 36.70 -1.84 -10.90
CA LEU A 857 35.84 -0.65 -10.97
C LEU A 857 35.64 0.05 -9.62
N PRO A 858 35.37 -0.65 -8.51
CA PRO A 858 35.20 0.08 -7.24
C PRO A 858 36.40 0.90 -6.84
N LEU A 859 37.62 0.42 -7.10
CA LEU A 859 38.81 1.19 -6.76
C LEU A 859 38.89 2.49 -7.57
N LEU A 860 38.59 2.38 -8.87
CA LEU A 860 38.62 3.57 -9.74
C LEU A 860 37.58 4.58 -9.29
N THR A 861 36.35 4.12 -9.03
CA THR A 861 35.32 5.03 -8.56
C THR A 861 35.68 5.64 -7.22
N SER A 862 36.32 4.86 -6.33
CA SER A 862 36.71 5.39 -5.03
C SER A 862 37.74 6.50 -5.16
N VAL A 863 38.76 6.31 -6.00
CA VAL A 863 39.78 7.34 -6.13
C VAL A 863 39.21 8.58 -6.83
N CYS A 864 38.32 8.39 -7.81
CA CYS A 864 37.68 9.55 -8.43
C CYS A 864 36.81 10.30 -7.42
N LEU A 865 36.09 9.58 -6.56
CA LEU A 865 35.29 10.24 -5.54
C LEU A 865 36.17 10.99 -4.56
N LEU A 866 37.33 10.42 -4.21
CA LEU A 866 38.26 11.11 -3.31
C LEU A 866 38.77 12.40 -3.93
N LEU A 867 39.12 12.38 -5.22
CA LEU A 867 39.61 13.61 -5.83
C LEU A 867 38.50 14.64 -5.97
N PHE A 868 37.27 14.20 -6.26
CA PHE A 868 36.15 15.14 -6.26
C PHE A 868 35.95 15.76 -4.88
N ALA A 869 36.06 14.95 -3.82
CA ALA A 869 35.90 15.47 -2.48
C ALA A 869 36.97 16.50 -2.14
N VAL A 870 38.22 16.23 -2.50
CA VAL A 870 39.27 17.19 -2.18
C VAL A 870 39.11 18.47 -3.01
N HIS A 871 38.68 18.35 -4.27
CA HIS A 871 38.45 19.53 -5.08
C HIS A 871 37.33 20.39 -4.49
N PHE A 872 36.23 19.75 -4.08
CA PHE A 872 35.16 20.50 -3.43
C PHE A 872 35.64 21.13 -2.14
N ALA A 873 36.48 20.42 -1.37
CA ALA A 873 36.97 20.95 -0.11
C ALA A 873 37.81 22.21 -0.33
N VAL A 874 38.72 22.17 -1.31
CA VAL A 874 39.56 23.35 -1.53
C VAL A 874 38.74 24.49 -2.11
N ALA A 875 37.79 24.20 -3.01
CA ALA A 875 36.94 25.24 -3.56
C ALA A 875 36.07 25.89 -2.49
N GLU A 876 35.61 25.13 -1.50
CA GLU A 876 34.84 25.68 -0.40
C GLU A 876 35.71 26.44 0.58
N ALA A 877 36.93 25.97 0.83
CA ALA A 877 37.84 26.68 1.73
C ALA A 877 38.25 28.03 1.16
N ARG A 878 38.45 28.11 -0.17
CA ARG A 878 38.79 29.38 -0.79
C ARG A 878 37.70 30.42 -0.57
N THR A 879 36.46 30.06 -0.90
CA THR A 879 35.34 30.98 -0.71
C THR A 879 34.93 31.12 0.75
N TRP A 880 35.48 30.30 1.65
CA TRP A 880 35.30 30.54 3.08
C TRP A 880 36.27 31.59 3.57
N HIS A 881 37.56 31.42 3.24
CA HIS A 881 38.59 32.35 3.70
C HIS A 881 38.52 33.70 3.01
N ARG A 882 37.98 33.78 1.79
CA ARG A 882 37.97 35.04 1.06
C ARG A 882 37.01 36.06 1.66
N GLU A 883 35.86 35.61 2.18
CA GLU A 883 34.97 36.48 2.95
C GLU A 883 35.14 36.33 4.46
N GLY A 884 36.27 35.84 4.91
CA GLY A 884 36.58 35.82 6.33
C GLY A 884 35.66 34.96 7.16
N ARG A 885 34.80 35.60 7.97
CA ARG A 885 33.95 34.87 8.90
C ARG A 885 32.48 35.22 8.69
N TRP A 886 31.63 34.78 9.62
CA TRP A 886 30.20 35.09 9.67
C TRP A 886 29.44 34.59 8.45
N ARG A 887 29.96 33.58 7.75
CA ARG A 887 29.23 32.99 6.63
C ARG A 887 28.26 31.92 7.15
N VAL A 888 27.19 32.40 7.78
CA VAL A 888 26.24 31.54 8.47
C VAL A 888 24.82 31.87 7.99
N LEU A 889 23.82 31.26 8.64
CA LEU A 889 22.41 31.37 8.27
C LEU A 889 22.20 31.26 6.76
N ARG A 890 22.79 30.23 6.16
CA ARG A 890 22.65 29.97 4.74
C ARG A 890 22.92 28.49 4.49
N LEU A 891 22.65 28.05 3.26
CA LEU A 891 23.01 26.69 2.88
C LEU A 891 24.52 26.54 2.99
N GLY A 892 25.25 27.26 2.14
CA GLY A 892 26.67 27.49 2.29
C GLY A 892 27.51 26.36 2.83
N ALA A 893 28.12 26.60 3.99
CA ALA A 893 28.94 25.58 4.63
C ALA A 893 28.12 24.34 4.98
N TRP A 894 26.94 24.53 5.58
CA TRP A 894 26.12 23.40 5.99
C TRP A 894 25.59 22.58 4.84
N ALA A 895 25.94 22.93 3.61
CA ALA A 895 25.69 22.07 2.45
C ALA A 895 26.97 21.56 1.80
N ARG A 896 27.94 22.45 1.56
CA ARG A 896 29.17 22.01 0.93
C ARG A 896 29.95 21.05 1.81
N TRP A 897 30.04 21.36 3.12
CA TRP A 897 30.76 20.48 4.04
C TRP A 897 30.10 19.12 4.14
N LEU A 898 28.76 19.08 4.18
CA LEU A 898 28.08 17.80 4.24
C LEU A 898 28.23 17.00 2.96
N LEU A 899 28.18 17.66 1.80
CA LEU A 899 28.43 16.96 0.54
C LEU A 899 29.85 16.41 0.51
N VAL A 900 30.83 17.18 0.99
CA VAL A 900 32.20 16.70 1.06
C VAL A 900 32.30 15.51 2.00
N ALA A 901 31.58 15.57 3.12
CA ALA A 901 31.60 14.46 4.08
C ALA A 901 31.07 13.19 3.45
N LEU A 902 29.94 13.28 2.75
CA LEU A 902 29.41 12.09 2.08
C LEU A 902 30.37 11.57 1.02
N THR A 903 30.92 12.46 0.21
CA THR A 903 31.79 12.03 -0.86
C THR A 903 33.04 11.34 -0.32
N ALA A 904 33.62 11.88 0.76
CA ALA A 904 34.79 11.26 1.36
C ALA A 904 34.45 9.95 2.06
N ALA A 905 33.32 9.92 2.78
CA ALA A 905 32.94 8.73 3.53
C ALA A 905 32.66 7.56 2.61
N THR A 906 32.01 7.81 1.47
CA THR A 906 31.74 6.72 0.54
C THR A 906 33.02 6.03 0.10
N ALA A 907 33.99 6.82 -0.37
CA ALA A 907 35.25 6.25 -0.82
C ALA A 907 36.01 5.58 0.31
N LEU A 908 36.01 6.20 1.50
CA LEU A 908 36.75 5.63 2.61
C LEU A 908 36.16 4.28 3.03
N VAL A 909 34.83 4.18 3.11
CA VAL A 909 34.22 2.91 3.48
C VAL A 909 34.42 1.86 2.40
N ARG A 910 34.35 2.23 1.13
CA ARG A 910 34.62 1.25 0.08
C ARG A 910 36.04 0.74 0.15
N LEU A 911 37.01 1.63 0.38
CA LEU A 911 38.40 1.20 0.49
C LEU A 911 38.61 0.33 1.72
N ALA A 912 37.97 0.67 2.84
CA ALA A 912 38.07 -0.16 4.04
C ALA A 912 37.51 -1.56 3.78
N GLN A 913 36.39 -1.64 3.07
CA GLN A 913 35.83 -2.94 2.73
C GLN A 913 36.77 -3.73 1.83
N LEU A 914 37.37 -3.07 0.84
CA LEU A 914 38.33 -3.76 -0.03
C LEU A 914 39.53 -4.27 0.74
N GLY A 915 40.04 -3.49 1.69
CA GLY A 915 41.15 -3.93 2.51
C GLY A 915 40.80 -5.08 3.43
N ALA A 916 39.64 -5.00 4.07
CA ALA A 916 39.21 -6.05 4.99
C ALA A 916 38.99 -7.36 4.26
N ALA A 917 38.40 -7.30 3.05
CA ALA A 917 38.18 -8.52 2.27
C ALA A 917 39.51 -9.19 1.95
N ASP A 918 40.50 -8.40 1.52
CA ASP A 918 41.81 -8.98 1.19
C ASP A 918 42.48 -9.57 2.42
N ARG A 919 42.40 -8.87 3.55
CA ARG A 919 43.01 -9.37 4.78
C ARG A 919 42.37 -10.70 5.19
N GLN A 920 41.04 -10.77 5.18
CA GLN A 920 40.37 -11.99 5.58
C GLN A 920 40.65 -13.13 4.60
N TRP A 921 40.68 -12.83 3.30
CA TRP A 921 40.95 -13.88 2.32
C TRP A 921 42.36 -14.43 2.47
N THR A 922 43.36 -13.56 2.64
CA THR A 922 44.71 -14.06 2.81
C THR A 922 44.90 -14.74 4.16
N ARG A 923 44.06 -14.43 5.15
CA ARG A 923 44.09 -15.20 6.39
C ARG A 923 43.45 -16.57 6.22
N PHE A 924 42.42 -16.68 5.38
CA PHE A 924 41.72 -17.95 5.23
C PHE A 924 42.57 -18.98 4.48
N VAL A 925 43.37 -18.52 3.49
CA VAL A 925 44.19 -19.44 2.70
C VAL A 925 45.30 -20.07 3.52
N ARG A 926 45.63 -19.52 4.68
CA ARG A 926 46.67 -20.07 5.55
C ARG A 926 46.41 -21.55 5.85
N GLY A 927 45.27 -21.85 6.46
CA GLY A 927 44.85 -23.23 6.64
C GLY A 927 43.35 -23.38 6.58
N ARG A 928 42.85 -24.23 5.67
CA ARG A 928 41.41 -24.39 5.53
C ARG A 928 40.82 -25.26 6.65
N PRO A 929 41.26 -26.51 6.85
CA PRO A 929 40.65 -27.30 7.93
C PRO A 929 41.27 -27.01 9.28
N ARG A 930 41.47 -25.75 9.59
CA ARG A 930 42.10 -25.35 10.84
C ARG A 930 41.34 -24.28 11.60
N ARG A 931 40.69 -23.35 10.91
CA ARG A 931 40.09 -22.19 11.56
C ARG A 931 38.84 -21.80 10.80
N PHE A 932 38.32 -20.61 11.12
CA PHE A 932 37.02 -20.14 10.64
C PHE A 932 37.13 -18.87 9.82
N THR A 933 37.83 -17.85 10.32
CA THR A 933 38.20 -16.58 9.71
C THR A 933 37.03 -15.59 9.60
N SER A 934 35.79 -16.00 9.85
CA SER A 934 34.67 -15.10 10.17
C SER A 934 34.59 -13.88 9.23
N PHE A 935 34.24 -14.16 7.97
CA PHE A 935 34.05 -13.09 6.99
C PHE A 935 32.93 -12.12 7.36
N ASP A 936 32.23 -12.34 8.47
CA ASP A 936 31.02 -11.58 8.80
C ASP A 936 31.25 -10.07 8.85
N GLN A 937 32.46 -9.63 9.19
CA GLN A 937 32.71 -8.19 9.20
C GLN A 937 32.62 -7.59 7.81
N VAL A 938 33.22 -8.26 6.81
CA VAL A 938 33.26 -7.70 5.46
C VAL A 938 31.86 -7.50 4.92
N ALA A 939 30.99 -8.49 5.12
CA ALA A 939 29.61 -8.39 4.65
C ALA A 939 28.93 -7.15 5.21
N GLN A 940 29.30 -6.72 6.41
CA GLN A 940 28.73 -5.49 6.95
C GLN A 940 29.24 -4.28 6.19
N LEU A 941 30.55 -4.19 5.99
CA LEU A 941 31.13 -2.98 5.40
C LEU A 941 30.55 -2.72 4.03
N SER A 942 30.51 -3.74 3.17
CA SER A 942 29.92 -3.59 1.85
C SER A 942 28.53 -2.98 1.96
N SER A 943 27.70 -3.53 2.85
CA SER A 943 26.36 -3.00 3.03
C SER A 943 26.41 -1.51 3.30
N ALA A 944 27.20 -1.12 4.30
CA ALA A 944 27.34 0.30 4.62
C ALA A 944 27.75 1.08 3.39
N ALA A 945 28.79 0.61 2.70
CA ALA A 945 29.26 1.30 1.51
C ALA A 945 28.11 1.52 0.55
N ARG A 946 27.36 0.46 0.25
CA ARG A 946 26.25 0.58 -0.69
C ARG A 946 25.32 1.70 -0.26
N GLY A 947 24.89 1.67 1.00
CA GLY A 947 23.96 2.69 1.46
C GLY A 947 24.51 4.08 1.24
N LEU A 948 25.78 4.28 1.60
CA LEU A 948 26.38 5.60 1.43
C LEU A 948 26.27 6.05 -0.01
N ALA A 949 26.68 5.19 -0.94
CA ALA A 949 26.62 5.56 -2.35
C ALA A 949 25.19 5.92 -2.73
N ALA A 950 24.23 5.09 -2.33
CA ALA A 950 22.84 5.37 -2.65
C ALA A 950 22.45 6.74 -2.16
N SER A 951 22.78 7.04 -0.89
CA SER A 951 22.46 8.36 -0.33
C SER A 951 23.02 9.45 -1.22
N LEU A 952 24.30 9.33 -1.60
CA LEU A 952 24.91 10.35 -2.44
C LEU A 952 24.09 10.54 -3.71
N LEU A 953 23.76 9.44 -4.40
CA LEU A 953 23.03 9.57 -5.64
C LEU A 953 21.71 10.29 -5.40
N PHE A 954 21.04 9.96 -4.30
CA PHE A 954 19.77 10.60 -3.98
C PHE A 954 19.93 12.12 -4.02
N LEU A 955 20.94 12.63 -3.31
CA LEU A 955 21.15 14.07 -3.27
C LEU A 955 21.29 14.62 -4.68
N LEU A 956 22.15 13.98 -5.49
CA LEU A 956 22.38 14.48 -6.84
C LEU A 956 21.07 14.58 -7.60
N LEU A 957 20.24 13.55 -7.53
CA LEU A 957 18.99 13.57 -8.26
C LEU A 957 18.13 14.73 -7.79
N VAL A 958 18.05 14.93 -6.47
CA VAL A 958 17.27 16.05 -5.95
C VAL A 958 17.80 17.36 -6.50
N LYS A 959 19.14 17.50 -6.55
CA LYS A 959 19.72 18.72 -7.08
C LYS A 959 19.27 18.95 -8.52
N ALA A 960 19.20 17.88 -9.31
CA ALA A 960 18.75 18.04 -10.70
C ALA A 960 17.40 18.72 -10.75
N ALA A 961 16.50 18.35 -9.84
CA ALA A 961 15.17 18.96 -9.84
C ALA A 961 15.27 20.47 -9.66
N GLN A 962 16.10 20.93 -8.72
CA GLN A 962 16.15 22.36 -8.48
C GLN A 962 16.80 23.11 -9.63
N GLN A 963 17.39 22.40 -10.58
CA GLN A 963 17.96 23.02 -11.76
C GLN A 963 16.96 23.16 -12.89
N LEU A 964 15.70 22.80 -12.67
CA LEU A 964 14.67 23.02 -13.68
C LEU A 964 14.12 24.44 -13.64
N ARG A 965 14.57 25.26 -12.70
CA ARG A 965 14.15 26.66 -12.62
C ARG A 965 14.71 27.51 -13.74
N PHE A 966 15.63 26.98 -14.53
CA PHE A 966 16.24 27.71 -15.63
C PHE A 966 15.27 27.95 -16.78
N VAL A 967 14.17 27.22 -16.84
CA VAL A 967 13.08 27.56 -17.75
C VAL A 967 12.23 28.64 -17.10
N ARG A 968 11.86 29.67 -17.88
CA ARG A 968 11.25 30.85 -17.31
C ARG A 968 9.91 30.53 -16.64
N GLN A 969 9.06 29.75 -17.31
CA GLN A 969 7.74 29.46 -16.76
C GLN A 969 7.83 28.46 -15.61
N TRP A 970 8.90 27.67 -15.55
CA TRP A 970 9.04 26.64 -14.53
C TRP A 970 9.81 27.13 -13.31
N SER A 971 10.16 28.41 -13.25
CA SER A 971 10.96 28.92 -12.14
C SER A 971 10.14 29.20 -10.90
N VAL A 972 8.81 29.22 -11.00
CA VAL A 972 7.97 29.58 -9.85
C VAL A 972 8.00 28.49 -8.79
N PHE A 973 7.96 27.22 -9.20
CA PHE A 973 7.80 26.13 -8.25
C PHE A 973 8.90 26.11 -7.20
N GLY A 974 10.14 26.37 -7.60
CA GLY A 974 11.24 26.43 -6.65
C GLY A 974 11.12 27.62 -5.72
N LYS A 975 10.68 28.76 -6.26
CA LYS A 975 10.60 29.97 -5.45
C LYS A 975 9.54 29.84 -4.36
N THR A 976 8.36 29.34 -4.73
CA THR A 976 7.26 29.22 -3.79
C THR A 976 7.66 28.43 -2.55
N LEU A 977 8.18 27.21 -2.77
CA LEU A 977 8.61 26.38 -1.64
C LEU A 977 9.68 27.06 -0.81
N CYS A 978 10.46 27.97 -1.41
CA CYS A 978 11.48 28.67 -0.65
C CYS A 978 10.90 29.76 0.24
N ARG A 979 9.80 30.38 -0.17
CA ARG A 979 9.25 31.49 0.57
C ARG A 979 8.18 31.08 1.58
N ALA A 980 7.63 29.87 1.45
CA ALA A 980 6.62 29.39 2.37
C ALA A 980 7.19 28.57 3.52
N LEU A 981 8.52 28.46 3.62
CA LEU A 981 9.11 27.66 4.68
C LEU A 981 8.75 28.11 6.09
N PRO A 982 8.80 29.40 6.44
CA PRO A 982 8.38 29.78 7.81
C PRO A 982 6.95 29.41 8.12
N GLU A 983 6.03 29.62 7.18
CA GLU A 983 4.64 29.26 7.40
C GLU A 983 4.47 27.75 7.59
N LEU A 984 5.13 26.97 6.75
CA LEU A 984 5.03 25.52 6.84
C LEU A 984 5.63 25.00 8.15
N LEU A 985 6.75 25.58 8.57
CA LEU A 985 7.35 25.20 9.85
C LEU A 985 6.44 25.55 11.02
N GLY A 986 5.78 26.71 10.97
CA GLY A 986 4.81 27.02 12.01
C GLY A 986 3.65 26.05 12.04
N VAL A 987 3.15 25.66 10.87
CA VAL A 987 2.06 24.69 10.82
C VAL A 987 2.49 23.36 11.41
N THR A 988 3.70 22.89 11.05
CA THR A 988 4.18 21.63 11.61
C THR A 988 4.37 21.72 13.12
N LEU A 989 4.86 22.86 13.62
CA LEU A 989 5.01 23.01 15.06
C LEU A 989 3.66 22.95 15.78
N GLY A 990 2.66 23.64 15.24
CA GLY A 990 1.34 23.56 15.84
C GLY A 990 0.77 22.15 15.80
N LEU A 991 0.94 21.47 14.67
CA LEU A 991 0.43 20.11 14.54
C LEU A 991 1.11 19.18 15.53
N VAL A 992 2.42 19.30 15.69
CA VAL A 992 3.11 18.39 16.60
C VAL A 992 2.77 18.70 18.05
N VAL A 993 2.56 19.97 18.42
CA VAL A 993 2.14 20.26 19.79
C VAL A 993 0.76 19.67 20.05
N LEU A 994 -0.17 19.85 19.12
CA LEU A 994 -1.51 19.28 19.29
C LEU A 994 -1.45 17.75 19.37
N GLY A 995 -0.62 17.13 18.53
CA GLY A 995 -0.47 15.69 18.57
C GLY A 995 0.13 15.19 19.87
N VAL A 996 1.11 15.90 20.42
CA VAL A 996 1.67 15.52 21.71
C VAL A 996 0.61 15.60 22.80
N ALA A 997 -0.17 16.69 22.81
CA ALA A 997 -1.23 16.82 23.80
C ALA A 997 -2.22 15.66 23.71
N TYR A 998 -2.70 15.38 22.49
CA TYR A 998 -3.67 14.31 22.32
C TYR A 998 -3.08 12.95 22.67
N ALA A 999 -1.82 12.72 22.30
CA ALA A 999 -1.18 11.44 22.58
C ALA A 999 -1.05 11.22 24.08
N GLN A 1000 -0.68 12.26 24.82
CA GLN A 1000 -0.58 12.11 26.26
C GLN A 1000 -1.96 11.88 26.88
N LEU A 1001 -2.98 12.59 26.38
CA LEU A 1001 -4.35 12.31 26.82
C LEU A 1001 -4.72 10.85 26.61
N ALA A 1002 -4.44 10.33 25.42
CA ALA A 1002 -4.85 8.96 25.10
C ALA A 1002 -4.09 7.95 25.94
N ILE A 1003 -2.77 8.13 26.09
CA ILE A 1003 -1.98 7.15 26.83
C ILE A 1003 -2.31 7.20 28.31
N LEU A 1004 -2.70 8.35 28.85
CA LEU A 1004 -3.07 8.42 30.25
C LEU A 1004 -4.54 8.17 30.50
N LEU A 1005 -5.34 8.03 29.44
CA LEU A 1005 -6.78 7.96 29.58
C LEU A 1005 -7.32 6.58 29.92
N VAL A 1006 -6.72 5.51 29.41
CA VAL A 1006 -7.36 4.21 29.54
C VAL A 1006 -6.93 3.48 30.81
N SER A 1007 -5.67 3.03 30.87
CA SER A 1007 -5.07 2.43 32.06
C SER A 1007 -5.96 1.40 32.75
N SER A 1008 -6.88 0.78 32.03
CA SER A 1008 -7.85 -0.07 32.74
C SER A 1008 -7.97 -1.48 32.18
N CYS A 1009 -7.93 -1.64 30.85
CA CYS A 1009 -8.15 -2.93 30.20
C CYS A 1009 -9.50 -3.53 30.61
N VAL A 1010 -10.55 -2.82 30.22
CA VAL A 1010 -11.92 -3.20 30.55
C VAL A 1010 -12.57 -4.01 29.44
N ASP A 1011 -12.28 -3.69 28.19
CA ASP A 1011 -12.88 -4.34 27.02
C ASP A 1011 -14.41 -4.30 27.09
N SER A 1012 -14.92 -3.08 27.14
CA SER A 1012 -16.35 -2.82 27.15
C SER A 1012 -16.58 -1.40 26.66
N LEU A 1013 -17.82 -1.12 26.27
CA LEU A 1013 -18.15 0.18 25.70
C LEU A 1013 -18.26 1.24 26.79
N TRP A 1014 -17.12 1.72 27.29
CA TRP A 1014 -17.09 2.83 28.24
C TRP A 1014 -17.21 4.13 27.45
N SER A 1015 -18.45 4.44 27.06
CA SER A 1015 -18.74 5.46 26.05
C SER A 1015 -18.06 6.79 26.33
N VAL A 1016 -18.14 7.26 27.58
CA VAL A 1016 -17.54 8.55 27.94
C VAL A 1016 -16.03 8.51 27.72
N ALA A 1017 -15.38 7.45 28.21
CA ALA A 1017 -13.95 7.29 27.99
C ALA A 1017 -13.63 6.77 26.59
N GLN A 1018 -14.58 6.09 25.95
CA GLN A 1018 -14.32 5.52 24.63
C GLN A 1018 -14.32 6.57 23.53
N ALA A 1019 -15.18 7.58 23.65
CA ALA A 1019 -15.35 8.55 22.56
C ALA A 1019 -14.04 9.23 22.20
N LEU A 1020 -13.13 9.37 23.16
CA LEU A 1020 -11.82 9.98 22.89
C LEU A 1020 -10.79 8.94 22.47
N LEU A 1021 -10.62 7.90 23.28
CA LEU A 1021 -9.61 6.87 23.02
C LEU A 1021 -9.88 6.13 21.72
N VAL A 1022 -11.01 5.43 21.64
CA VAL A 1022 -11.33 4.61 20.47
C VAL A 1022 -12.06 5.54 19.51
N LEU A 1023 -11.28 6.33 18.79
CA LEU A 1023 -11.72 7.11 17.64
C LEU A 1023 -10.91 6.75 16.40
N CYS A 1024 -9.60 6.61 16.54
CA CYS A 1024 -8.77 5.97 15.53
C CYS A 1024 -7.94 4.90 16.21
N PRO A 1025 -8.54 4.14 17.14
CA PRO A 1025 -7.78 3.08 17.83
C PRO A 1025 -8.03 1.71 17.24
N GLY A 1026 -9.00 1.60 16.32
CA GLY A 1026 -9.26 0.30 15.69
C GLY A 1026 -8.03 -0.23 14.99
N THR A 1027 -7.20 0.66 14.44
CA THR A 1027 -5.89 0.30 13.93
C THR A 1027 -4.76 0.92 14.72
N GLY A 1028 -5.04 1.92 15.56
CA GLY A 1028 -3.99 2.59 16.30
C GLY A 1028 -3.63 1.96 17.63
N LEU A 1029 -4.61 1.38 18.32
CA LEU A 1029 -4.39 0.90 19.68
C LEU A 1029 -3.35 -0.21 19.72
N SER A 1030 -3.48 -1.19 18.83
CA SER A 1030 -2.59 -2.35 18.85
C SER A 1030 -2.15 -2.79 17.46
N THR A 1031 -2.54 -2.07 16.41
CA THR A 1031 -2.23 -2.47 15.04
C THR A 1031 -1.29 -1.52 14.32
N LEU A 1032 -1.35 -0.22 14.62
CA LEU A 1032 -0.51 0.74 13.91
C LEU A 1032 0.97 0.47 14.17
N CYS A 1033 1.42 0.65 15.41
CA CYS A 1033 2.76 0.28 15.81
C CYS A 1033 2.85 0.16 17.32
N PRO A 1034 2.04 -0.70 17.94
CA PRO A 1034 2.11 -0.83 19.40
C PRO A 1034 2.93 -2.02 19.86
N ALA A 1035 3.30 -2.90 18.93
CA ALA A 1035 3.98 -4.14 19.28
C ALA A 1035 5.34 -3.87 19.92
N GLU A 1036 6.28 -3.37 19.11
CA GLU A 1036 7.58 -3.00 19.65
C GLU A 1036 8.16 -1.74 19.03
N SER A 1037 7.46 -1.08 18.12
CA SER A 1037 8.00 0.10 17.43
C SER A 1037 7.93 1.36 18.28
N TRP A 1038 7.16 1.35 19.37
CA TRP A 1038 7.09 2.52 20.24
C TRP A 1038 8.39 2.74 21.00
N HIS A 1039 9.17 1.68 21.23
CA HIS A 1039 10.44 1.79 21.93
C HIS A 1039 11.63 1.44 21.06
N LEU A 1040 11.42 0.82 19.90
CA LEU A 1040 12.50 0.47 18.98
C LEU A 1040 12.71 1.50 17.89
N SER A 1041 11.64 2.13 17.40
CA SER A 1041 11.74 3.14 16.34
C SER A 1041 10.73 4.22 16.61
N PRO A 1042 11.03 5.17 17.50
CA PRO A 1042 10.11 6.28 17.72
C PRO A 1042 9.86 7.12 16.48
N LEU A 1043 10.83 7.21 15.57
CA LEU A 1043 10.66 8.00 14.36
C LEU A 1043 9.59 7.41 13.46
N LEU A 1044 9.49 6.08 13.40
CA LEU A 1044 8.52 5.44 12.53
C LEU A 1044 7.09 5.70 12.96
N CYS A 1045 6.87 5.91 14.26
CA CYS A 1045 5.51 6.10 14.76
C CYS A 1045 4.89 7.39 14.22
N VAL A 1046 5.67 8.47 14.15
CA VAL A 1046 5.10 9.72 13.66
C VAL A 1046 4.76 9.61 12.18
N GLY A 1047 5.56 8.88 11.40
CA GLY A 1047 5.20 8.66 10.01
C GLY A 1047 3.95 7.81 9.87
N LEU A 1048 3.84 6.77 10.70
CA LEU A 1048 2.66 5.91 10.64
C LEU A 1048 1.39 6.65 11.07
N TRP A 1049 1.49 7.59 12.00
CA TRP A 1049 0.33 8.37 12.43
C TRP A 1049 0.09 9.59 11.56
N ALA A 1050 1.06 10.01 10.74
CA ALA A 1050 0.82 11.00 9.71
C ALA A 1050 0.19 10.41 8.47
N LEU A 1051 0.47 9.13 8.16
CA LEU A 1051 -0.28 8.47 7.10
C LEU A 1051 -1.76 8.36 7.44
N ARG A 1052 -2.09 7.99 8.67
CA ARG A 1052 -3.48 7.82 9.05
C ARG A 1052 -4.22 9.15 9.00
N LEU A 1053 -3.66 10.17 9.64
CA LEU A 1053 -4.26 11.50 9.69
C LEU A 1053 -3.66 12.41 8.63
N TRP A 1054 -3.74 11.98 7.37
CA TRP A 1054 -3.14 12.75 6.29
C TRP A 1054 -4.02 13.91 5.83
N GLY A 1055 -5.24 14.02 6.34
CA GLY A 1055 -6.07 15.17 6.01
C GLY A 1055 -5.59 16.45 6.66
N ALA A 1056 -4.95 16.36 7.81
CA ALA A 1056 -4.42 17.56 8.46
C ALA A 1056 -3.32 18.19 7.62
N LEU A 1057 -2.49 17.37 6.99
CA LEU A 1057 -1.41 17.87 6.15
C LEU A 1057 -1.91 18.61 4.91
N ARG A 1058 -3.21 18.56 4.62
CA ARG A 1058 -3.76 19.41 3.57
C ARG A 1058 -3.79 20.88 3.96
N LEU A 1059 -3.54 21.20 5.22
CA LEU A 1059 -3.48 22.60 5.63
C LEU A 1059 -2.39 23.36 4.87
N GLY A 1060 -1.35 22.66 4.43
CA GLY A 1060 -0.34 23.30 3.61
C GLY A 1060 -0.91 23.87 2.33
N ALA A 1061 -1.93 23.24 1.77
CA ALA A 1061 -2.59 23.78 0.59
C ALA A 1061 -3.18 25.15 0.83
N VAL A 1062 -3.52 25.47 2.08
CA VAL A 1062 -4.00 26.81 2.40
C VAL A 1062 -2.91 27.84 2.17
N ILE A 1063 -1.67 27.48 2.45
CA ILE A 1063 -0.56 28.41 2.41
C ILE A 1063 0.04 28.47 1.02
N LEU A 1064 0.53 27.33 0.53
CA LEU A 1064 1.24 27.29 -0.74
C LEU A 1064 0.44 27.98 -1.84
N ARG A 1065 -0.83 27.63 -1.96
CA ARG A 1065 -1.70 28.26 -2.95
C ARG A 1065 -1.54 29.76 -2.95
N TRP A 1066 -1.78 30.39 -1.79
CA TRP A 1066 -1.68 31.85 -1.71
C TRP A 1066 -0.33 32.31 -2.22
N ARG A 1067 0.75 31.72 -1.70
CA ARG A 1067 2.08 32.15 -2.11
C ARG A 1067 2.24 32.01 -3.61
N TYR A 1068 1.80 30.89 -4.17
CA TYR A 1068 1.91 30.69 -5.61
C TYR A 1068 1.22 31.83 -6.35
N HIS A 1069 0.01 32.17 -5.91
CA HIS A 1069 -0.73 33.25 -6.56
C HIS A 1069 0.08 34.54 -6.54
N ALA A 1070 0.68 34.85 -5.39
CA ALA A 1070 1.47 36.07 -5.29
C ALA A 1070 2.62 36.05 -6.28
N LEU A 1071 3.28 34.89 -6.42
CA LEU A 1071 4.41 34.84 -7.33
C LEU A 1071 4.00 34.88 -8.79
N ARG A 1072 2.71 34.74 -9.09
CA ARG A 1072 2.26 34.95 -10.46
C ARG A 1072 1.72 36.36 -10.66
N GLY A 1073 1.74 37.19 -9.63
CA GLY A 1073 1.44 38.60 -9.75
C GLY A 1073 2.65 39.49 -9.83
N GLU A 1074 3.85 38.93 -9.63
CA GLU A 1074 5.09 39.69 -9.68
C GLU A 1074 6.02 39.23 -10.79
N LEU A 1075 5.65 38.20 -11.55
CA LEU A 1075 6.44 37.75 -12.69
C LEU A 1075 5.68 37.89 -14.00
N TYR A 1076 4.47 38.45 -13.98
CA TYR A 1076 3.71 38.69 -15.20
C TYR A 1076 3.44 40.17 -15.43
N ARG A 1077 2.85 40.85 -14.45
CA ARG A 1077 2.52 42.27 -14.60
C ARG A 1077 3.78 43.14 -14.59
N PRO A 1078 4.67 43.00 -13.60
CA PRO A 1078 5.86 43.86 -13.70
C PRO A 1078 7.00 43.18 -14.44
N SER B 258 -21.77 18.32 -39.83
CA SER B 258 -22.63 18.63 -38.68
C SER B 258 -22.20 17.84 -37.45
N VAL B 259 -22.31 18.46 -36.29
CA VAL B 259 -21.94 17.80 -35.04
C VAL B 259 -22.86 16.64 -34.74
N LEU B 260 -24.14 16.76 -35.10
CA LEU B 260 -25.11 15.72 -34.78
C LEU B 260 -24.77 14.41 -35.49
N ARG B 261 -24.28 14.50 -36.73
CA ARG B 261 -23.95 13.29 -37.49
C ARG B 261 -22.82 12.51 -36.83
N GLU B 262 -21.72 13.20 -36.50
CA GLU B 262 -20.61 12.50 -35.86
C GLU B 262 -20.99 12.03 -34.47
N LEU B 263 -21.84 12.78 -33.77
CA LEU B 263 -22.30 12.33 -32.47
C LEU B 263 -23.08 11.02 -32.59
N VAL B 264 -24.03 10.95 -33.52
CA VAL B 264 -24.86 9.76 -33.60
C VAL B 264 -24.04 8.57 -34.09
N THR B 265 -23.09 8.79 -35.01
CA THR B 265 -22.27 7.67 -35.45
C THR B 265 -21.34 7.20 -34.33
N TYR B 266 -20.87 8.12 -33.49
CA TYR B 266 -20.06 7.71 -32.35
C TYR B 266 -20.88 6.91 -31.34
N LEU B 267 -22.12 7.32 -31.11
CA LEU B 267 -22.98 6.53 -30.22
C LEU B 267 -23.24 5.14 -30.78
N LEU B 268 -23.47 5.03 -32.10
CA LEU B 268 -23.65 3.70 -32.68
C LEU B 268 -22.39 2.85 -32.51
N PHE B 269 -21.23 3.44 -32.73
CA PHE B 269 -19.96 2.73 -32.53
C PHE B 269 -19.82 2.28 -31.09
N LEU B 270 -20.17 3.15 -30.14
CA LEU B 270 -20.09 2.79 -28.73
C LEU B 270 -21.04 1.65 -28.40
N ILE B 271 -22.25 1.66 -28.98
CA ILE B 271 -23.20 0.59 -28.71
C ILE B 271 -22.67 -0.75 -29.22
N VAL B 272 -22.14 -0.77 -30.44
CA VAL B 272 -21.63 -2.05 -30.94
C VAL B 272 -20.42 -2.50 -30.13
N LEU B 273 -19.57 -1.57 -29.69
CA LEU B 273 -18.46 -1.95 -28.83
C LEU B 273 -18.94 -2.54 -27.52
N CYS B 274 -19.95 -1.93 -26.90
CA CYS B 274 -20.47 -2.46 -25.64
C CYS B 274 -21.08 -3.85 -25.85
N ILE B 275 -21.76 -4.05 -26.98
CA ILE B 275 -22.31 -5.37 -27.28
C ILE B 275 -21.20 -6.40 -27.40
N LEU B 276 -20.12 -6.05 -28.10
CA LEU B 276 -18.99 -6.97 -28.24
C LEU B 276 -18.37 -7.30 -26.89
N THR B 277 -18.18 -6.28 -26.03
CA THR B 277 -17.59 -6.53 -24.72
C THR B 277 -18.48 -7.40 -23.86
N TYR B 278 -19.80 -7.19 -23.90
CA TYR B 278 -20.71 -8.05 -23.17
C TYR B 278 -20.66 -9.47 -23.69
N GLY B 279 -20.57 -9.63 -25.01
CA GLY B 279 -20.54 -10.96 -25.59
C GLY B 279 -19.29 -11.72 -25.24
N MET B 280 -18.13 -11.07 -25.34
CA MET B 280 -16.87 -11.77 -25.07
C MET B 280 -16.76 -12.12 -23.59
N MET B 281 -17.16 -11.20 -22.71
CA MET B 281 -17.19 -11.47 -21.28
C MET B 281 -18.50 -12.18 -20.97
N SER B 282 -18.46 -13.49 -21.08
CA SER B 282 -19.65 -14.34 -21.08
C SER B 282 -20.20 -14.53 -19.68
N SER B 283 -21.06 -15.53 -19.51
CA SER B 283 -21.58 -15.90 -18.21
C SER B 283 -20.42 -16.32 -17.32
N ASN B 284 -20.68 -16.71 -16.08
CA ASN B 284 -19.61 -16.76 -15.11
C ASN B 284 -18.58 -17.82 -15.46
N VAL B 285 -17.56 -17.40 -16.22
CA VAL B 285 -16.35 -18.20 -16.40
C VAL B 285 -15.45 -18.09 -15.18
N TYR B 286 -15.62 -17.04 -14.38
CA TYR B 286 -14.85 -16.89 -13.16
C TYR B 286 -15.01 -18.11 -12.25
N TYR B 287 -16.21 -18.68 -12.19
CA TYR B 287 -16.43 -19.82 -11.32
C TYR B 287 -15.74 -21.08 -11.87
N TYR B 288 -15.78 -21.25 -13.19
CA TYR B 288 -14.99 -22.30 -13.84
C TYR B 288 -13.53 -22.21 -13.45
N THR B 289 -12.95 -21.02 -13.62
CA THR B 289 -11.55 -20.80 -13.30
C THR B 289 -11.28 -21.03 -11.82
N ARG B 290 -12.17 -20.56 -10.95
CA ARG B 290 -11.93 -20.69 -9.51
C ARG B 290 -11.97 -22.15 -9.08
N MET B 291 -12.93 -22.93 -9.60
CA MET B 291 -12.97 -24.34 -9.24
C MET B 291 -11.70 -25.06 -9.69
N MET B 292 -11.25 -24.80 -10.92
CA MET B 292 -10.01 -25.44 -11.37
C MET B 292 -8.82 -25.02 -10.50
N SER B 293 -8.72 -23.72 -10.22
CA SER B 293 -7.59 -23.19 -9.47
C SER B 293 -7.55 -23.74 -8.06
N GLN B 294 -8.71 -23.81 -7.40
CA GLN B 294 -8.77 -24.36 -6.06
C GLN B 294 -8.54 -25.86 -6.03
N LEU B 295 -8.92 -26.57 -7.10
CA LEU B 295 -8.65 -28.00 -7.13
C LEU B 295 -7.15 -28.28 -7.27
N PHE B 296 -6.45 -27.49 -8.08
CA PHE B 296 -5.05 -27.84 -8.36
C PHE B 296 -4.03 -27.07 -7.55
N LEU B 297 -4.40 -25.96 -6.91
CA LEU B 297 -3.43 -25.11 -6.24
C LEU B 297 -3.58 -25.07 -4.72
N ASP B 298 -4.76 -25.39 -4.18
CA ASP B 298 -5.00 -25.26 -2.75
C ASP B 298 -5.04 -26.57 -1.98
N THR B 299 -5.25 -27.69 -2.64
CA THR B 299 -5.25 -28.95 -1.93
C THR B 299 -3.84 -29.29 -1.47
N PRO B 300 -3.65 -29.76 -0.23
CA PRO B 300 -2.31 -30.14 0.21
C PRO B 300 -1.78 -31.32 -0.59
N VAL B 301 -0.45 -31.39 -0.69
CA VAL B 301 0.19 -32.41 -1.51
C VAL B 301 -0.17 -33.81 -1.06
N SER B 302 -0.45 -34.01 0.22
CA SER B 302 -0.94 -35.28 0.72
C SER B 302 -1.73 -35.04 1.99
N LYS B 303 -2.26 -36.12 2.57
CA LYS B 303 -3.17 -36.01 3.69
C LYS B 303 -2.48 -35.61 5.00
N THR B 304 -1.14 -35.58 5.05
CA THR B 304 -0.45 -35.27 6.28
C THR B 304 0.44 -34.03 6.23
N GLU B 305 0.62 -33.41 5.07
CA GLU B 305 1.36 -32.17 4.98
C GLU B 305 0.44 -30.98 4.74
N LYS B 306 0.93 -29.79 5.07
CA LYS B 306 0.21 -28.55 4.84
C LYS B 306 0.69 -27.81 3.61
N THR B 307 1.55 -28.42 2.80
CA THR B 307 2.11 -27.76 1.64
C THR B 307 1.24 -28.03 0.40
N ASN B 308 0.96 -26.98 -0.34
CA ASN B 308 0.28 -27.08 -1.63
C ASN B 308 1.22 -26.58 -2.72
N PHE B 309 0.70 -26.52 -3.95
CA PHE B 309 1.55 -26.08 -5.07
C PHE B 309 2.01 -24.64 -4.88
N LYS B 310 1.19 -23.80 -4.25
CA LYS B 310 1.55 -22.39 -4.10
C LYS B 310 2.71 -22.18 -3.13
N THR B 311 2.98 -23.14 -2.25
CA THR B 311 4.00 -23.00 -1.22
C THR B 311 5.04 -24.09 -1.31
N LEU B 312 5.39 -24.50 -2.53
CA LEU B 312 6.49 -25.44 -2.70
C LEU B 312 7.80 -24.80 -2.26
N SER B 313 8.66 -25.61 -1.63
CA SER B 313 9.89 -25.08 -1.08
C SER B 313 11.13 -25.92 -1.38
N SER B 314 10.99 -27.05 -2.04
CA SER B 314 12.14 -27.90 -2.33
C SER B 314 11.79 -28.82 -3.50
N MET B 315 12.79 -29.56 -3.96
CA MET B 315 12.61 -30.49 -5.06
C MET B 315 11.85 -31.75 -4.66
N GLU B 316 11.95 -32.18 -3.41
CA GLU B 316 11.16 -33.30 -2.94
C GLU B 316 9.68 -32.96 -2.80
N ASP B 317 9.36 -31.71 -2.49
CA ASP B 317 7.96 -31.30 -2.49
C ASP B 317 7.35 -31.38 -3.87
N PHE B 318 8.13 -31.11 -4.92
CA PHE B 318 7.63 -31.26 -6.28
C PHE B 318 7.29 -32.72 -6.58
N TRP B 319 8.15 -33.65 -6.16
CA TRP B 319 7.85 -35.06 -6.35
C TRP B 319 6.64 -35.50 -5.53
N LYS B 320 6.49 -34.95 -4.32
CA LYS B 320 5.29 -35.25 -3.53
C LYS B 320 4.03 -34.75 -4.23
N PHE B 321 4.09 -33.55 -4.81
CA PHE B 321 2.94 -33.00 -5.51
C PHE B 321 2.61 -33.81 -6.76
N THR B 322 3.63 -34.22 -7.51
CA THR B 322 3.40 -34.91 -8.78
C THR B 322 2.66 -36.22 -8.56
N GLU B 323 3.27 -37.16 -7.85
CA GLU B 323 2.61 -38.41 -7.49
C GLU B 323 1.81 -38.20 -6.21
N GLY B 324 0.68 -37.52 -6.37
CA GLY B 324 -0.05 -36.97 -5.25
C GLY B 324 -1.24 -36.16 -5.68
N SER B 325 -1.34 -34.92 -5.19
CA SER B 325 -2.49 -34.08 -5.47
C SER B 325 -2.74 -33.91 -6.97
N LEU B 326 -1.68 -33.88 -7.78
CA LEU B 326 -1.86 -33.70 -9.22
C LEU B 326 -2.65 -34.87 -9.82
N LEU B 327 -2.24 -36.10 -9.52
CA LEU B 327 -2.98 -37.25 -10.01
C LEU B 327 -4.36 -37.37 -9.37
N ASP B 328 -4.50 -36.92 -8.12
CA ASP B 328 -5.81 -36.93 -7.49
C ASP B 328 -6.78 -36.03 -8.21
N GLY B 329 -6.33 -34.86 -8.63
CA GLY B 329 -7.18 -33.94 -9.36
C GLY B 329 -7.40 -34.32 -10.81
N LEU B 330 -6.40 -34.93 -11.45
CA LEU B 330 -6.50 -35.21 -12.88
C LEU B 330 -7.45 -36.36 -13.18
N TYR B 331 -7.41 -37.43 -12.40
CA TYR B 331 -8.09 -38.67 -12.72
C TYR B 331 -9.25 -38.87 -11.76
N TRP B 332 -10.46 -38.95 -12.32
CA TRP B 332 -11.68 -39.17 -11.55
C TRP B 332 -12.35 -40.44 -12.06
N LYS B 333 -12.66 -41.35 -11.14
CA LYS B 333 -13.31 -42.60 -11.52
C LYS B 333 -14.74 -42.35 -11.98
N MET B 334 -15.19 -43.14 -12.96
CA MET B 334 -16.52 -42.97 -13.53
C MET B 334 -17.61 -43.18 -12.49
N ALA B 342 -13.99 -50.29 -20.10
CA ALA B 342 -12.79 -50.27 -20.93
C ALA B 342 -12.21 -48.86 -21.01
N ASP B 343 -11.05 -48.68 -20.39
CA ASP B 343 -10.21 -47.47 -20.45
C ASP B 343 -11.04 -46.20 -20.59
N ASN B 344 -12.00 -46.04 -19.68
CA ASN B 344 -12.92 -44.93 -19.73
C ASN B 344 -12.19 -43.61 -19.50
N ARG B 345 -12.69 -42.55 -20.14
CA ARG B 345 -12.09 -41.23 -19.99
C ARG B 345 -12.19 -40.76 -18.54
N SER B 346 -11.94 -39.48 -18.33
CA SER B 346 -12.01 -38.89 -16.99
C SER B 346 -12.70 -37.55 -17.05
N PHE B 347 -13.75 -37.37 -16.25
CA PHE B 347 -14.43 -36.09 -16.11
C PHE B 347 -14.09 -35.49 -14.76
N ILE B 348 -13.52 -34.28 -14.77
CA ILE B 348 -12.88 -33.74 -13.58
C ILE B 348 -13.89 -33.39 -12.50
N PHE B 349 -14.99 -32.75 -12.84
CA PHE B 349 -16.04 -32.49 -11.85
C PHE B 349 -17.32 -33.23 -12.23
N TYR B 350 -17.15 -34.39 -12.87
CA TYR B 350 -18.19 -35.10 -13.60
C TYR B 350 -18.72 -34.28 -14.78
N GLU B 351 -18.10 -33.15 -15.08
CA GLU B 351 -18.52 -32.28 -16.16
C GLU B 351 -17.38 -31.90 -17.11
N ASN B 352 -16.16 -31.76 -16.60
CA ASN B 352 -15.01 -31.30 -17.39
C ASN B 352 -14.25 -32.52 -17.91
N LEU B 353 -14.24 -32.69 -19.21
CA LEU B 353 -13.58 -33.84 -19.84
C LEU B 353 -12.09 -33.55 -20.05
N LEU B 354 -11.23 -34.46 -19.60
CA LEU B 354 -9.80 -34.31 -19.80
C LEU B 354 -9.44 -34.69 -21.23
N LEU B 355 -8.81 -33.77 -21.95
CA LEU B 355 -8.52 -33.94 -23.36
C LEU B 355 -7.18 -34.64 -23.54
N GLY B 356 -7.19 -35.81 -24.17
CA GLY B 356 -5.95 -36.51 -24.46
C GLY B 356 -5.20 -36.85 -23.19
N VAL B 357 -3.90 -36.54 -23.18
CA VAL B 357 -3.03 -36.87 -22.06
C VAL B 357 -2.24 -35.63 -21.66
N PRO B 358 -1.86 -35.48 -20.40
CA PRO B 358 -1.02 -34.35 -19.99
C PRO B 358 0.42 -34.56 -20.45
N ARG B 359 1.23 -33.51 -20.31
CA ARG B 359 2.63 -33.61 -20.69
C ARG B 359 3.49 -32.93 -19.64
N ILE B 360 4.66 -33.52 -19.38
CA ILE B 360 5.63 -32.98 -18.44
C ILE B 360 6.96 -32.78 -19.16
N ARG B 361 7.61 -31.64 -18.90
CA ARG B 361 8.84 -31.27 -19.60
C ARG B 361 9.82 -30.67 -18.61
N GLN B 362 11.11 -30.77 -18.92
CA GLN B 362 12.12 -30.05 -18.16
C GLN B 362 13.15 -29.42 -19.08
N LEU B 363 13.71 -28.31 -18.62
CA LEU B 363 14.83 -27.62 -19.25
C LEU B 363 16.01 -27.64 -18.29
N ARG B 364 17.18 -28.00 -18.81
CA ARG B 364 18.38 -28.25 -18.01
C ARG B 364 19.51 -27.36 -18.49
N VAL B 365 20.62 -27.39 -17.74
CA VAL B 365 21.85 -26.74 -18.15
C VAL B 365 22.99 -27.75 -18.13
N ARG B 366 24.17 -27.33 -18.56
CA ARG B 366 25.30 -28.22 -18.76
C ARG B 366 26.27 -28.13 -17.59
N ASN B 367 26.85 -29.29 -17.24
CA ASN B 367 27.91 -29.31 -16.23
C ASN B 367 29.19 -28.78 -16.84
N GLY B 368 29.93 -28.00 -16.07
CA GLY B 368 31.15 -27.40 -16.57
C GLY B 368 30.94 -26.16 -17.39
N SER B 369 29.72 -25.63 -17.44
CA SER B 369 29.42 -24.37 -18.12
C SER B 369 29.70 -23.17 -17.24
N CYS B 370 30.55 -23.34 -16.23
CA CYS B 370 30.79 -22.35 -15.20
C CYS B 370 32.30 -22.18 -15.03
N SER B 371 32.69 -21.25 -14.17
CA SER B 371 34.11 -20.93 -13.97
C SER B 371 34.41 -21.00 -12.48
N ILE B 372 35.09 -22.05 -12.06
CA ILE B 372 35.51 -22.22 -10.67
C ILE B 372 36.89 -21.60 -10.50
N PRO B 373 37.09 -20.73 -9.50
CA PRO B 373 38.42 -20.15 -9.28
C PRO B 373 39.45 -21.24 -8.99
N GLN B 374 40.67 -21.02 -9.48
CA GLN B 374 41.71 -22.04 -9.41
C GLN B 374 42.09 -22.38 -7.97
N ASP B 375 41.94 -21.43 -7.05
CA ASP B 375 42.26 -21.70 -5.66
C ASP B 375 41.18 -22.47 -4.92
N LEU B 376 40.04 -22.71 -5.57
CA LEU B 376 38.93 -23.46 -4.97
C LEU B 376 38.60 -24.73 -5.75
N ARG B 377 39.48 -25.19 -6.63
CA ARG B 377 39.16 -26.32 -7.51
C ARG B 377 39.49 -27.64 -6.83
N ASP B 378 39.50 -27.65 -5.50
CA ASP B 378 39.80 -28.85 -4.73
C ASP B 378 38.69 -29.29 -3.78
N GLU B 379 37.79 -28.40 -3.38
CA GLU B 379 36.56 -28.83 -2.70
C GLU B 379 35.30 -28.47 -3.48
N ILE B 380 35.44 -28.00 -4.73
CA ILE B 380 34.30 -27.70 -5.59
C ILE B 380 34.58 -28.35 -6.93
N LYS B 381 33.82 -29.40 -7.24
CA LYS B 381 34.07 -30.21 -8.43
C LYS B 381 33.02 -30.03 -9.52
N GLU B 382 32.05 -29.14 -9.33
CA GLU B 382 31.02 -28.93 -10.33
C GLU B 382 30.29 -27.61 -10.12
N CYS B 383 30.18 -26.81 -11.16
CA CYS B 383 29.41 -25.57 -11.12
C CYS B 383 28.46 -25.54 -12.31
N TYR B 384 27.18 -25.30 -12.04
CA TYR B 384 26.16 -25.19 -13.06
C TYR B 384 25.75 -23.73 -13.19
N ASP B 385 25.77 -23.21 -14.41
CA ASP B 385 25.46 -21.82 -14.65
C ASP B 385 23.96 -21.59 -14.51
N VAL B 386 23.54 -20.33 -14.60
CA VAL B 386 22.13 -19.99 -14.64
C VAL B 386 21.60 -20.36 -16.02
N TYR B 387 20.28 -20.40 -16.18
CA TYR B 387 19.72 -20.83 -17.45
C TYR B 387 20.00 -19.80 -18.54
N SER B 388 20.41 -20.29 -19.71
CA SER B 388 20.57 -19.48 -20.90
C SER B 388 20.60 -20.42 -22.09
N VAL B 389 20.18 -19.91 -23.25
CA VAL B 389 20.09 -20.76 -24.43
C VAL B 389 21.46 -21.30 -24.82
N SER B 390 22.51 -20.50 -24.64
CA SER B 390 23.86 -20.91 -24.99
C SER B 390 24.51 -21.77 -23.91
N SER B 391 23.74 -22.26 -22.93
CA SER B 391 24.31 -23.06 -21.87
C SER B 391 23.47 -24.27 -21.50
N GLU B 392 22.41 -24.58 -22.25
CA GLU B 392 21.53 -25.68 -21.92
C GLU B 392 22.08 -27.00 -22.45
N ASP B 393 21.93 -28.05 -21.65
CA ASP B 393 22.42 -29.37 -22.02
C ASP B 393 21.60 -29.93 -23.18
N ARG B 394 22.27 -30.70 -24.04
CA ARG B 394 21.60 -31.36 -25.16
C ARG B 394 22.00 -32.82 -25.29
N ALA B 395 22.62 -33.41 -24.30
CA ALA B 395 23.13 -34.76 -24.41
C ALA B 395 22.26 -35.74 -23.63
N PRO B 396 22.23 -37.00 -24.06
CA PRO B 396 21.49 -38.01 -23.30
C PRO B 396 22.08 -38.24 -21.93
N PHE B 397 21.23 -38.65 -20.99
CA PHE B 397 21.66 -38.92 -19.63
C PHE B 397 20.78 -40.02 -19.03
N GLY B 398 21.25 -40.61 -17.95
CA GLY B 398 20.50 -41.65 -17.27
C GLY B 398 20.30 -42.88 -18.13
N PRO B 399 19.20 -43.59 -17.91
CA PRO B 399 18.86 -44.74 -18.78
C PRO B 399 18.34 -44.25 -20.12
N ARG B 400 19.27 -43.96 -21.03
CA ARG B 400 18.97 -43.26 -22.28
C ARG B 400 18.23 -44.21 -23.23
N ASN B 401 16.94 -44.38 -22.97
CA ASN B 401 16.08 -45.25 -23.78
C ASN B 401 14.94 -44.50 -24.42
N GLY B 402 14.20 -43.67 -23.68
CA GLY B 402 13.02 -43.02 -24.17
C GLY B 402 13.24 -41.54 -24.46
N THR B 403 12.12 -40.83 -24.63
CA THR B 403 12.17 -39.40 -24.94
C THR B 403 12.42 -38.53 -23.72
N ALA B 404 12.24 -39.07 -22.52
CA ALA B 404 12.50 -38.30 -21.31
C ALA B 404 13.99 -38.14 -21.03
N TRP B 405 14.85 -38.87 -21.74
CA TRP B 405 16.28 -38.84 -21.52
C TRP B 405 17.02 -38.38 -22.77
N ILE B 406 16.29 -37.87 -23.76
CA ILE B 406 16.87 -37.46 -25.03
C ILE B 406 16.38 -36.07 -25.35
N TYR B 407 17.30 -35.19 -25.75
CA TYR B 407 16.94 -33.82 -26.08
C TYR B 407 16.10 -33.77 -27.36
N THR B 408 15.12 -32.88 -27.37
CA THR B 408 14.28 -32.64 -28.54
C THR B 408 14.27 -31.16 -28.84
N SER B 409 14.50 -30.80 -30.10
CA SER B 409 14.59 -29.40 -30.47
C SER B 409 13.22 -28.74 -30.41
N GLU B 410 13.21 -27.40 -30.46
CA GLU B 410 11.97 -26.65 -30.37
C GLU B 410 11.07 -26.88 -31.59
N LYS B 411 11.65 -27.16 -32.75
CA LYS B 411 10.87 -27.39 -33.96
C LYS B 411 10.26 -28.79 -34.02
N ASP B 412 10.94 -29.79 -33.46
CA ASP B 412 10.38 -31.13 -33.38
C ASP B 412 9.36 -31.27 -32.26
N LEU B 413 9.21 -30.25 -31.42
CA LEU B 413 8.31 -30.29 -30.29
C LEU B 413 7.17 -29.29 -30.39
N ASN B 414 7.18 -28.43 -31.40
CA ASN B 414 6.13 -27.42 -31.62
C ASN B 414 5.98 -26.51 -30.40
N GLY B 415 7.11 -26.04 -29.87
CA GLY B 415 7.12 -25.21 -28.69
C GLY B 415 7.35 -23.74 -28.98
N SER B 416 7.39 -22.96 -27.91
CA SER B 416 7.69 -21.54 -28.00
C SER B 416 8.17 -21.06 -26.64
N SER B 417 8.77 -19.87 -26.63
CA SER B 417 9.28 -19.30 -25.39
C SER B 417 8.14 -18.95 -24.45
N HIS B 418 8.47 -18.81 -23.16
CA HIS B 418 7.45 -18.67 -22.13
C HIS B 418 7.52 -17.37 -21.36
N TRP B 419 8.71 -16.82 -21.13
CA TRP B 419 8.86 -15.65 -20.25
C TRP B 419 8.37 -15.95 -18.84
N GLY B 420 9.06 -16.84 -18.13
CA GLY B 420 8.75 -17.09 -16.74
C GLY B 420 9.11 -15.95 -15.82
N ILE B 421 9.39 -16.25 -14.57
CA ILE B 421 9.69 -15.20 -13.60
C ILE B 421 11.18 -14.84 -13.60
N ILE B 422 12.05 -15.84 -13.59
CA ILE B 422 13.49 -15.58 -13.53
C ILE B 422 14.06 -15.33 -14.92
N ALA B 423 13.67 -16.12 -15.92
CA ALA B 423 14.21 -15.99 -17.26
C ALA B 423 13.11 -16.33 -18.26
N THR B 424 13.48 -16.33 -19.54
CA THR B 424 12.58 -16.71 -20.63
C THR B 424 13.05 -18.06 -21.16
N TYR B 425 12.25 -19.08 -20.94
CA TYR B 425 12.64 -20.46 -21.25
C TYR B 425 12.19 -20.84 -22.65
N SER B 426 13.04 -21.59 -23.35
CA SER B 426 12.76 -22.01 -24.71
C SER B 426 11.71 -23.11 -24.72
N GLY B 427 11.34 -23.56 -25.92
CA GLY B 427 10.31 -24.56 -26.06
C GLY B 427 10.84 -25.97 -26.28
N ALA B 428 12.10 -26.20 -25.94
CA ALA B 428 12.73 -27.50 -26.07
C ALA B 428 12.89 -28.12 -24.69
N GLY B 429 13.56 -29.27 -24.64
CA GLY B 429 13.86 -29.92 -23.39
C GLY B 429 13.57 -31.40 -23.47
N TYR B 430 13.40 -32.01 -22.29
CA TYR B 430 13.14 -33.44 -22.17
C TYR B 430 11.71 -33.63 -21.68
N TYR B 431 10.92 -34.41 -22.42
CA TYR B 431 9.48 -34.43 -22.20
C TYR B 431 8.95 -35.86 -22.13
N LEU B 432 7.78 -35.99 -21.51
CA LEU B 432 6.97 -37.20 -21.51
C LEU B 432 5.52 -36.84 -21.71
N ASP B 433 4.82 -37.65 -22.50
CA ASP B 433 3.37 -37.65 -22.54
C ASP B 433 2.86 -38.73 -21.60
N LEU B 434 2.05 -38.34 -20.63
CA LEU B 434 1.56 -39.27 -19.61
C LEU B 434 0.43 -40.12 -20.20
N SER B 435 -0.25 -40.88 -19.35
CA SER B 435 -1.27 -41.81 -19.80
C SER B 435 -2.66 -41.30 -19.45
N ARG B 436 -3.67 -42.03 -19.94
CA ARG B 436 -5.06 -41.68 -19.68
C ARG B 436 -5.59 -42.26 -18.38
N THR B 437 -4.84 -43.13 -17.73
CA THR B 437 -5.28 -43.82 -16.53
C THR B 437 -4.35 -43.48 -15.36
N ARG B 438 -4.93 -43.49 -14.15
CA ARG B 438 -4.16 -43.18 -12.96
C ARG B 438 -3.01 -44.15 -12.75
N GLU B 439 -3.24 -45.44 -12.96
CA GLU B 439 -2.22 -46.44 -12.65
C GLU B 439 -0.99 -46.27 -13.53
N GLU B 440 -1.20 -46.10 -14.84
CA GLU B 440 -0.07 -46.00 -15.75
C GLU B 440 0.72 -44.71 -15.53
N THR B 441 0.03 -43.60 -15.29
CA THR B 441 0.72 -42.34 -15.01
C THR B 441 1.49 -42.44 -13.69
N ALA B 442 0.91 -43.08 -12.69
CA ALA B 442 1.62 -43.27 -11.43
C ALA B 442 2.88 -44.11 -11.63
N ALA B 443 2.77 -45.17 -12.41
CA ALA B 443 3.96 -45.98 -12.71
C ALA B 443 5.02 -45.17 -13.45
N GLN B 444 4.60 -44.35 -14.40
CA GLN B 444 5.55 -43.54 -15.16
C GLN B 444 6.28 -42.55 -14.28
N VAL B 445 5.55 -41.86 -13.40
CA VAL B 445 6.21 -40.88 -12.54
C VAL B 445 7.07 -41.58 -11.48
N ALA B 446 6.65 -42.76 -11.01
CA ALA B 446 7.50 -43.51 -10.09
C ALA B 446 8.81 -43.92 -10.76
N SER B 447 8.73 -44.35 -12.02
CA SER B 447 9.94 -44.69 -12.76
C SER B 447 10.82 -43.47 -12.97
N LEU B 448 10.21 -42.31 -13.26
CA LEU B 448 10.99 -41.08 -13.40
C LEU B 448 11.69 -40.70 -12.11
N LYS B 449 11.00 -40.88 -10.98
CA LYS B 449 11.61 -40.54 -9.70
C LYS B 449 12.71 -41.52 -9.32
N LYS B 450 12.53 -42.80 -9.62
CA LYS B 450 13.53 -43.81 -9.27
C LYS B 450 14.86 -43.53 -9.95
N ASN B 451 14.89 -43.60 -11.28
CA ASN B 451 16.05 -43.19 -12.05
C ASN B 451 16.04 -41.68 -12.09
N VAL B 452 16.87 -41.07 -11.24
CA VAL B 452 16.77 -39.65 -10.91
C VAL B 452 16.66 -38.78 -12.17
N TRP B 453 15.57 -38.04 -12.26
CA TRP B 453 15.28 -37.20 -13.42
C TRP B 453 15.56 -35.73 -13.13
N LEU B 454 15.23 -35.28 -11.93
CA LEU B 454 15.49 -33.91 -11.50
C LEU B 454 16.74 -33.91 -10.64
N ASP B 455 17.80 -33.26 -11.12
CA ASP B 455 19.05 -33.17 -10.38
C ASP B 455 19.50 -31.73 -10.29
N ARG B 456 20.73 -31.51 -9.84
CA ARG B 456 21.24 -30.16 -9.65
C ARG B 456 21.33 -29.38 -10.96
N GLY B 457 21.32 -30.04 -12.11
CA GLY B 457 21.31 -29.37 -13.39
C GLY B 457 19.96 -28.93 -13.88
N THR B 458 18.89 -29.39 -13.23
CA THR B 458 17.55 -29.01 -13.66
C THR B 458 17.30 -27.52 -13.40
N ARG B 459 16.71 -26.86 -14.39
CA ARG B 459 16.41 -25.44 -14.28
C ARG B 459 14.94 -25.09 -14.38
N ALA B 460 14.14 -25.86 -15.10
CA ALA B 460 12.72 -25.56 -15.16
C ALA B 460 11.93 -26.83 -15.46
N THR B 461 10.66 -26.83 -15.03
CA THR B 461 9.76 -27.94 -15.27
C THR B 461 8.37 -27.43 -15.58
N PHE B 462 7.72 -28.04 -16.58
CA PHE B 462 6.40 -27.65 -17.04
C PHE B 462 5.46 -28.84 -16.99
N ILE B 463 4.20 -28.57 -16.65
CA ILE B 463 3.11 -29.54 -16.75
C ILE B 463 1.96 -28.88 -17.50
N ASP B 464 1.45 -29.55 -18.54
CA ASP B 464 0.47 -28.96 -19.43
C ASP B 464 -0.68 -29.92 -19.70
N PHE B 465 -1.91 -29.40 -19.67
CA PHE B 465 -3.07 -30.19 -20.08
C PHE B 465 -4.25 -29.26 -20.37
N SER B 466 -5.38 -29.87 -20.75
CA SER B 466 -6.57 -29.11 -21.14
C SER B 466 -7.83 -29.92 -20.82
N VAL B 467 -8.95 -29.19 -20.68
CA VAL B 467 -10.26 -29.77 -20.45
C VAL B 467 -11.29 -29.05 -21.31
N TYR B 468 -12.48 -29.65 -21.45
CA TYR B 468 -13.48 -29.13 -22.38
C TYR B 468 -14.74 -28.59 -21.70
N ASN B 469 -15.44 -29.39 -20.89
CA ASN B 469 -16.70 -28.93 -20.29
C ASN B 469 -17.78 -28.59 -21.30
N ALA B 470 -18.37 -29.61 -21.94
CA ALA B 470 -19.35 -29.41 -23.01
C ALA B 470 -20.60 -28.64 -22.59
N ASN B 471 -20.89 -28.50 -21.29
CA ASN B 471 -22.11 -27.80 -20.87
C ASN B 471 -22.13 -26.38 -21.41
N ILE B 472 -21.13 -25.58 -21.06
CA ILE B 472 -20.88 -24.32 -21.72
C ILE B 472 -19.67 -24.50 -22.63
N ASN B 473 -19.85 -24.23 -23.92
CA ASN B 473 -18.82 -24.61 -24.87
C ASN B 473 -17.58 -23.76 -24.68
N LEU B 474 -16.63 -24.24 -23.86
CA LEU B 474 -15.50 -23.42 -23.45
C LEU B 474 -14.36 -24.31 -22.98
N PHE B 475 -13.28 -24.36 -23.75
CA PHE B 475 -12.08 -25.09 -23.36
C PHE B 475 -11.35 -24.37 -22.23
N CYS B 476 -10.54 -25.12 -21.49
CA CYS B 476 -9.66 -24.56 -20.47
C CYS B 476 -8.29 -25.18 -20.63
N VAL B 477 -7.27 -24.33 -20.72
CA VAL B 477 -5.88 -24.75 -20.90
C VAL B 477 -5.12 -24.43 -19.63
N VAL B 478 -4.46 -25.44 -19.06
CA VAL B 478 -3.79 -25.34 -17.78
C VAL B 478 -2.30 -25.59 -17.97
N ARG B 479 -1.49 -24.67 -17.45
CA ARG B 479 -0.04 -24.79 -17.47
C ARG B 479 0.50 -24.48 -16.08
N LEU B 480 1.37 -25.35 -15.58
CA LEU B 480 2.00 -25.18 -14.27
C LEU B 480 3.51 -25.21 -14.47
N LEU B 481 4.20 -24.19 -13.98
CA LEU B 481 5.64 -24.05 -14.15
C LEU B 481 6.33 -23.99 -12.80
N VAL B 482 7.44 -24.69 -12.69
CA VAL B 482 8.28 -24.66 -11.50
C VAL B 482 9.69 -24.32 -11.93
N GLU B 483 10.25 -23.24 -11.39
CA GLU B 483 11.58 -22.79 -11.74
C GLU B 483 12.55 -23.09 -10.61
N PHE B 484 13.72 -23.62 -10.98
CA PHE B 484 14.77 -23.91 -10.01
C PHE B 484 15.95 -22.98 -10.28
N PRO B 485 16.09 -21.87 -9.56
CA PRO B 485 17.20 -20.96 -9.83
C PRO B 485 18.52 -21.56 -9.41
N ALA B 486 19.59 -21.03 -10.01
CA ALA B 486 20.93 -21.53 -9.74
C ALA B 486 21.32 -21.37 -8.27
N THR B 487 20.79 -20.35 -7.61
CA THR B 487 21.09 -20.09 -6.21
C THR B 487 20.31 -20.98 -5.26
N GLY B 488 19.55 -21.94 -5.78
CA GLY B 488 18.73 -22.80 -4.95
C GLY B 488 17.33 -22.27 -4.76
N GLY B 489 16.44 -23.16 -4.36
CA GLY B 489 15.06 -22.80 -4.10
C GLY B 489 14.12 -23.26 -5.21
N VAL B 490 12.85 -22.95 -5.03
CA VAL B 490 11.80 -23.32 -5.96
C VAL B 490 10.85 -22.14 -6.12
N ILE B 491 10.49 -21.82 -7.36
CA ILE B 491 9.51 -20.76 -7.63
C ILE B 491 8.38 -21.32 -8.49
N PRO B 492 7.18 -21.49 -7.94
CA PRO B 492 6.06 -21.97 -8.74
C PRO B 492 5.20 -20.85 -9.32
N SER B 493 4.60 -21.13 -10.46
CA SER B 493 3.65 -20.23 -11.10
C SER B 493 2.67 -21.06 -11.94
N TRP B 494 1.54 -20.45 -12.27
CA TRP B 494 0.43 -21.19 -12.86
C TRP B 494 -0.30 -20.32 -13.85
N GLN B 495 -1.11 -20.97 -14.70
CA GLN B 495 -1.89 -20.25 -15.70
C GLN B 495 -3.06 -21.10 -16.13
N PHE B 496 -4.27 -20.59 -15.93
CA PHE B 496 -5.51 -21.20 -16.39
C PHE B 496 -6.18 -20.25 -17.35
N GLN B 497 -6.39 -20.69 -18.59
CA GLN B 497 -6.93 -19.80 -19.63
C GLN B 497 -8.12 -20.45 -20.32
N PRO B 498 -9.30 -19.84 -20.27
CA PRO B 498 -10.44 -20.37 -21.05
C PRO B 498 -10.47 -19.84 -22.47
N LEU B 499 -10.88 -20.70 -23.39
CA LEU B 499 -10.95 -20.40 -24.80
C LEU B 499 -12.29 -20.84 -25.37
N LYS B 500 -12.63 -20.27 -26.53
CA LYS B 500 -13.82 -20.65 -27.29
C LYS B 500 -13.39 -20.89 -28.73
N LEU B 501 -13.39 -22.16 -29.15
CA LEU B 501 -12.89 -22.54 -30.46
C LEU B 501 -13.95 -23.10 -31.40
N ILE B 502 -15.19 -23.22 -30.95
CA ILE B 502 -16.27 -23.81 -31.76
C ILE B 502 -17.39 -22.79 -31.87
N ARG B 503 -17.02 -21.51 -32.03
CA ARG B 503 -17.92 -20.37 -31.84
C ARG B 503 -19.36 -20.60 -32.26
N TYR B 504 -19.60 -20.98 -33.51
CA TYR B 504 -20.96 -20.97 -34.07
C TYR B 504 -21.71 -22.22 -33.67
N VAL B 505 -22.40 -22.16 -32.53
CA VAL B 505 -23.22 -23.27 -32.06
C VAL B 505 -24.64 -22.80 -31.79
N THR B 506 -24.80 -21.53 -31.43
CA THR B 506 -26.09 -20.98 -31.04
C THR B 506 -26.37 -19.70 -31.83
N THR B 507 -27.59 -19.20 -31.71
CA THR B 507 -27.98 -18.00 -32.44
C THR B 507 -27.25 -16.76 -31.94
N PHE B 508 -26.99 -16.70 -30.63
CA PHE B 508 -26.25 -15.58 -30.08
C PHE B 508 -24.86 -15.47 -30.69
N ASP B 509 -24.24 -16.61 -31.02
CA ASP B 509 -22.95 -16.58 -31.67
C ASP B 509 -23.04 -15.94 -33.06
N PHE B 510 -24.10 -16.24 -33.81
CA PHE B 510 -24.29 -15.60 -35.10
C PHE B 510 -24.54 -14.10 -34.94
N PHE B 511 -25.29 -13.72 -33.90
CA PHE B 511 -25.48 -12.30 -33.61
C PHE B 511 -24.15 -11.62 -33.33
N LEU B 512 -23.28 -12.27 -32.55
CA LEU B 512 -21.97 -11.72 -32.26
C LEU B 512 -21.12 -11.60 -33.52
N ALA B 513 -21.22 -12.59 -34.42
CA ALA B 513 -20.49 -12.51 -35.68
C ALA B 513 -20.96 -11.33 -36.52
N ALA B 514 -22.27 -11.12 -36.58
CA ALA B 514 -22.80 -9.97 -37.31
C ALA B 514 -22.30 -8.66 -36.70
N CYS B 515 -22.28 -8.59 -35.37
CA CYS B 515 -21.75 -7.39 -34.71
C CYS B 515 -20.28 -7.19 -35.01
N GLU B 516 -19.51 -8.27 -35.10
CA GLU B 516 -18.09 -8.14 -35.46
C GLU B 516 -17.94 -7.59 -36.87
N ILE B 517 -18.77 -8.05 -37.80
CA ILE B 517 -18.72 -7.52 -39.17
C ILE B 517 -19.07 -6.03 -39.17
N ILE B 518 -20.06 -5.64 -38.36
CA ILE B 518 -20.43 -4.23 -38.25
C ILE B 518 -19.25 -3.43 -37.70
N PHE B 519 -18.54 -3.99 -36.72
CA PHE B 519 -17.37 -3.30 -36.17
C PHE B 519 -16.29 -3.11 -37.24
N CYS B 520 -16.06 -4.14 -38.07
CA CYS B 520 -15.07 -3.98 -39.13
C CYS B 520 -15.48 -2.89 -40.11
N PHE B 521 -16.78 -2.83 -40.45
CA PHE B 521 -17.24 -1.77 -41.34
C PHE B 521 -17.06 -0.39 -40.71
N PHE B 522 -17.35 -0.27 -39.41
CA PHE B 522 -17.15 0.99 -38.72
C PHE B 522 -15.68 1.41 -38.73
N ILE B 523 -14.78 0.46 -38.52
CA ILE B 523 -13.36 0.78 -38.54
C ILE B 523 -12.92 1.24 -39.93
N PHE B 524 -13.43 0.57 -40.97
CA PHE B 524 -13.11 1.00 -42.33
C PHE B 524 -13.63 2.42 -42.59
N TYR B 525 -14.85 2.71 -42.14
CA TYR B 525 -15.40 4.05 -42.29
C TYR B 525 -14.54 5.08 -41.57
N TYR B 526 -14.11 4.78 -40.35
CA TYR B 526 -13.31 5.74 -39.61
C TYR B 526 -11.97 5.98 -40.26
N VAL B 527 -11.32 4.93 -40.76
CA VAL B 527 -10.00 5.11 -41.37
C VAL B 527 -10.12 5.86 -42.69
N VAL B 528 -11.17 5.59 -43.49
CA VAL B 528 -11.31 6.32 -44.75
C VAL B 528 -11.66 7.78 -44.48
N GLU B 529 -12.47 8.04 -43.45
CA GLU B 529 -12.75 9.42 -43.06
C GLU B 529 -11.49 10.12 -42.62
N GLU B 530 -10.62 9.41 -41.90
CA GLU B 530 -9.34 9.98 -41.47
C GLU B 530 -8.47 10.34 -42.67
N ILE B 531 -8.35 9.41 -43.63
CA ILE B 531 -7.48 9.65 -44.78
C ILE B 531 -8.05 10.68 -45.75
N LEU B 532 -9.38 10.81 -45.81
CA LEU B 532 -9.98 11.81 -46.67
C LEU B 532 -9.64 13.21 -46.19
N GLU B 533 -9.47 13.37 -44.88
CA GLU B 533 -9.17 14.67 -44.29
C GLU B 533 -7.67 14.96 -44.22
N ILE B 534 -6.86 13.98 -43.83
CA ILE B 534 -5.42 14.20 -43.70
C ILE B 534 -4.75 14.51 -45.03
N ARG B 535 -5.39 14.18 -46.15
CA ARG B 535 -4.75 14.29 -47.45
C ARG B 535 -4.30 15.72 -47.75
N ILE B 536 -5.24 16.65 -47.86
CA ILE B 536 -4.93 18.03 -48.21
C ILE B 536 -5.42 18.96 -47.11
N HIS B 537 -6.64 18.75 -46.63
CA HIS B 537 -7.21 19.61 -45.61
C HIS B 537 -6.39 19.55 -44.32
N LYS B 538 -5.78 20.69 -43.95
CA LYS B 538 -5.05 20.80 -42.68
C LYS B 538 -3.93 19.77 -42.57
N LEU B 539 -2.88 19.97 -43.39
CA LEU B 539 -1.72 19.08 -43.40
C LEU B 539 -1.09 18.87 -42.03
N HIS B 540 -1.15 19.82 -41.09
CA HIS B 540 -0.54 19.64 -39.78
C HIS B 540 -1.37 18.70 -38.90
N TYR B 541 -2.61 19.08 -38.59
CA TYR B 541 -3.63 18.17 -38.11
C TYR B 541 -3.32 17.59 -36.73
N PHE B 542 -2.13 17.88 -36.18
CA PHE B 542 -1.68 17.24 -34.95
C PHE B 542 -1.77 18.15 -33.73
N ARG B 543 -2.13 19.41 -33.91
CA ARG B 543 -2.30 20.31 -32.77
C ARG B 543 -3.75 20.33 -32.29
N SER B 544 -4.31 19.16 -32.05
CA SER B 544 -5.68 19.06 -31.55
C SER B 544 -5.81 18.14 -30.34
N PHE B 545 -5.03 17.07 -30.28
CA PHE B 545 -5.06 16.02 -29.26
C PHE B 545 -6.29 15.13 -29.40
N TRP B 546 -7.26 15.53 -30.21
CA TRP B 546 -8.36 14.63 -30.53
C TRP B 546 -8.04 13.78 -31.75
N ASN B 547 -7.29 14.34 -32.69
CA ASN B 547 -6.82 13.58 -33.84
C ASN B 547 -5.84 12.49 -33.42
N CYS B 548 -4.98 12.78 -32.45
CA CYS B 548 -4.08 11.75 -31.93
C CYS B 548 -4.87 10.61 -31.29
N LEU B 549 -5.91 10.96 -30.54
CA LEU B 549 -6.75 9.92 -29.95
C LEU B 549 -7.45 9.10 -31.02
N ASP B 550 -7.94 9.76 -32.08
CA ASP B 550 -8.59 9.02 -33.15
C ASP B 550 -7.61 8.06 -33.84
N VAL B 551 -6.39 8.53 -34.10
CA VAL B 551 -5.44 7.69 -34.82
C VAL B 551 -4.98 6.52 -33.95
N VAL B 552 -4.78 6.76 -32.65
CA VAL B 552 -4.39 5.64 -31.78
C VAL B 552 -5.54 4.64 -31.66
N ILE B 553 -6.79 5.14 -31.65
CA ILE B 553 -7.94 4.24 -31.58
C ILE B 553 -7.99 3.35 -32.81
N VAL B 554 -7.84 3.95 -34.00
CA VAL B 554 -7.93 3.13 -35.20
C VAL B 554 -6.75 2.18 -35.33
N VAL B 555 -5.56 2.60 -34.88
CA VAL B 555 -4.40 1.70 -34.92
C VAL B 555 -4.64 0.49 -34.00
N LEU B 556 -5.12 0.73 -32.78
CA LEU B 556 -5.41 -0.37 -31.88
C LEU B 556 -6.49 -1.28 -32.44
N SER B 557 -7.52 -0.70 -33.05
CA SER B 557 -8.61 -1.50 -33.61
C SER B 557 -8.12 -2.37 -34.76
N VAL B 558 -7.29 -1.82 -35.65
CA VAL B 558 -6.81 -2.63 -36.77
C VAL B 558 -5.85 -3.71 -36.27
N VAL B 559 -5.06 -3.42 -35.24
CA VAL B 559 -4.19 -4.45 -34.66
C VAL B 559 -5.03 -5.57 -34.07
N ALA B 560 -6.09 -5.23 -33.36
CA ALA B 560 -6.96 -6.25 -32.78
C ALA B 560 -7.63 -7.08 -33.87
N ILE B 561 -8.09 -6.44 -34.95
CA ILE B 561 -8.70 -7.17 -36.04
C ILE B 561 -7.71 -8.13 -36.68
N GLY B 562 -6.47 -7.66 -36.88
CA GLY B 562 -5.45 -8.52 -37.45
C GLY B 562 -5.14 -9.72 -36.58
N ILE B 563 -5.04 -9.48 -35.26
CA ILE B 563 -4.78 -10.59 -34.33
C ILE B 563 -5.93 -11.59 -34.37
N ASN B 564 -7.16 -11.09 -34.37
CA ASN B 564 -8.31 -11.98 -34.40
C ASN B 564 -8.33 -12.82 -35.67
N ILE B 565 -8.06 -12.18 -36.82
CA ILE B 565 -8.06 -12.91 -38.08
C ILE B 565 -6.95 -13.97 -38.10
N TYR B 566 -5.75 -13.59 -37.66
CA TYR B 566 -4.65 -14.54 -37.60
C TYR B 566 -4.89 -15.68 -36.62
N ARG B 567 -5.69 -15.45 -35.57
CA ARG B 567 -5.88 -16.45 -34.53
C ARG B 567 -7.03 -17.41 -34.84
N THR B 568 -8.17 -16.89 -35.31
CA THR B 568 -9.31 -17.77 -35.55
C THR B 568 -9.26 -18.44 -36.92
N SER B 569 -8.42 -17.95 -37.82
CA SER B 569 -8.38 -18.52 -39.17
C SER B 569 -7.82 -19.94 -39.17
N ASN B 570 -6.85 -20.23 -38.32
CA ASN B 570 -6.27 -21.57 -38.22
C ASN B 570 -6.64 -22.14 -36.85
N VAL B 571 -7.27 -23.32 -36.88
CA VAL B 571 -7.52 -24.11 -35.68
C VAL B 571 -7.04 -25.51 -35.95
N GLU B 572 -6.03 -25.64 -36.82
CA GLU B 572 -5.58 -26.94 -37.27
C GLU B 572 -5.08 -27.82 -36.13
N VAL B 573 -4.68 -27.24 -35.01
CA VAL B 573 -4.32 -28.06 -33.85
C VAL B 573 -5.56 -28.80 -33.34
N LEU B 574 -6.70 -28.12 -33.28
CA LEU B 574 -7.93 -28.78 -32.85
C LEU B 574 -8.34 -29.86 -33.84
N LEU B 575 -8.24 -29.57 -35.14
CA LEU B 575 -8.61 -30.56 -36.15
C LEU B 575 -7.70 -31.78 -36.08
N GLN B 576 -6.39 -31.57 -35.90
CA GLN B 576 -5.47 -32.69 -35.79
C GLN B 576 -5.74 -33.50 -34.53
N PHE B 577 -6.11 -32.82 -33.44
CA PHE B 577 -6.42 -33.55 -32.20
C PHE B 577 -7.69 -34.38 -32.36
N LEU B 578 -8.63 -33.92 -33.19
CA LEU B 578 -9.87 -34.66 -33.38
C LEU B 578 -9.69 -35.92 -34.21
N GLU B 579 -8.54 -36.09 -34.87
CA GLU B 579 -8.29 -37.31 -35.63
C GLU B 579 -8.13 -38.48 -34.68
N ASP B 580 -7.13 -38.43 -33.81
CA ASP B 580 -6.97 -39.38 -32.72
C ASP B 580 -6.84 -38.62 -31.41
N GLN B 581 -7.49 -39.14 -30.37
CA GLN B 581 -7.61 -38.44 -29.09
C GLN B 581 -6.79 -39.11 -28.00
N ASN B 582 -5.71 -39.80 -28.37
CA ASN B 582 -4.78 -40.37 -27.43
C ASN B 582 -3.46 -39.62 -27.41
N THR B 583 -3.44 -38.40 -27.95
CA THR B 583 -2.24 -37.60 -28.07
C THR B 583 -2.37 -36.34 -27.23
N PHE B 584 -1.33 -35.51 -27.26
CA PHE B 584 -1.31 -34.28 -26.50
C PHE B 584 -1.83 -33.14 -27.35
N PRO B 585 -2.93 -32.48 -26.96
CA PRO B 585 -3.42 -31.30 -27.70
C PRO B 585 -2.62 -30.07 -27.35
N ASN B 586 -2.03 -29.44 -28.35
CA ASN B 586 -1.13 -28.31 -28.16
C ASN B 586 -1.90 -27.02 -28.40
N PHE B 587 -2.30 -26.34 -27.32
CA PHE B 587 -3.12 -25.14 -27.40
C PHE B 587 -2.45 -23.92 -26.78
N GLU B 588 -1.12 -23.94 -26.62
CA GLU B 588 -0.46 -22.84 -25.92
C GLU B 588 -0.48 -21.55 -26.75
N HIS B 589 -0.26 -21.65 -28.06
CA HIS B 589 -0.26 -20.46 -28.90
C HIS B 589 -1.63 -19.81 -28.93
N LEU B 590 -2.69 -20.61 -28.97
CA LEU B 590 -4.04 -20.06 -28.95
C LEU B 590 -4.31 -19.29 -27.67
N ALA B 591 -3.89 -19.82 -26.53
CA ALA B 591 -4.05 -19.09 -25.27
C ALA B 591 -3.23 -17.81 -25.25
N TYR B 592 -2.00 -17.87 -25.75
CA TYR B 592 -1.16 -16.67 -25.81
C TYR B 592 -1.83 -15.57 -26.62
N TRP B 593 -2.34 -15.92 -27.81
CA TRP B 593 -2.99 -14.92 -28.64
C TRP B 593 -4.33 -14.47 -28.08
N GLN B 594 -5.04 -15.33 -27.36
CA GLN B 594 -6.25 -14.90 -26.68
C GLN B 594 -5.94 -13.83 -25.63
N ILE B 595 -4.86 -14.03 -24.86
CA ILE B 595 -4.48 -13.04 -23.87
C ILE B 595 -4.10 -11.72 -24.55
N GLN B 596 -3.33 -11.80 -25.64
CA GLN B 596 -2.94 -10.59 -26.35
C GLN B 596 -4.16 -9.84 -26.87
N PHE B 597 -5.09 -10.57 -27.48
CA PHE B 597 -6.31 -9.95 -28.01
C PHE B 597 -7.12 -9.31 -26.90
N ASN B 598 -7.23 -9.97 -25.75
CA ASN B 598 -7.97 -9.41 -24.63
C ASN B 598 -7.36 -8.10 -24.17
N ASN B 599 -6.03 -8.06 -24.04
CA ASN B 599 -5.37 -6.82 -23.62
C ASN B 599 -5.64 -5.69 -24.61
N ILE B 600 -5.48 -5.98 -25.91
CA ILE B 600 -5.65 -4.95 -26.92
C ILE B 600 -7.08 -4.42 -26.91
N ALA B 601 -8.05 -5.33 -26.84
CA ALA B 601 -9.46 -4.93 -26.85
C ALA B 601 -9.81 -4.11 -25.61
N ALA B 602 -9.30 -4.48 -24.44
CA ALA B 602 -9.58 -3.72 -23.23
C ALA B 602 -9.05 -2.30 -23.35
N VAL B 603 -7.81 -2.14 -23.83
CA VAL B 603 -7.26 -0.81 -23.98
C VAL B 603 -8.06 0.00 -25.00
N THR B 604 -8.46 -0.64 -26.10
CA THR B 604 -9.25 0.07 -27.11
C THR B 604 -10.58 0.54 -26.54
N VAL B 605 -11.24 -0.29 -25.73
CA VAL B 605 -12.50 0.11 -25.13
C VAL B 605 -12.29 1.29 -24.19
N PHE B 606 -11.23 1.24 -23.39
CA PHE B 606 -10.94 2.35 -22.48
C PHE B 606 -10.79 3.65 -23.24
N PHE B 607 -10.02 3.64 -24.33
CA PHE B 607 -9.78 4.88 -25.07
C PHE B 607 -11.04 5.35 -25.80
N VAL B 608 -11.84 4.42 -26.33
CA VAL B 608 -13.08 4.81 -26.98
C VAL B 608 -14.00 5.51 -25.97
N TRP B 609 -14.05 4.99 -24.74
CA TRP B 609 -14.89 5.64 -23.73
C TRP B 609 -14.33 6.99 -23.33
N ILE B 610 -13.00 7.13 -23.25
CA ILE B 610 -12.42 8.43 -22.96
C ILE B 610 -12.74 9.44 -24.04
N LYS B 611 -12.83 9.01 -25.29
CA LYS B 611 -13.09 9.91 -26.42
C LYS B 611 -14.42 10.65 -26.31
N LEU B 612 -15.24 10.29 -25.32
CA LEU B 612 -16.57 10.89 -25.19
C LEU B 612 -16.50 12.36 -24.78
N PHE B 613 -15.39 12.81 -24.21
CA PHE B 613 -15.27 14.19 -23.76
C PHE B 613 -15.38 15.18 -24.91
N LYS B 614 -15.21 14.73 -26.14
CA LYS B 614 -15.24 15.61 -27.30
C LYS B 614 -16.61 16.23 -27.54
N PHE B 615 -17.67 15.70 -26.92
CA PHE B 615 -19.02 16.13 -27.23
C PHE B 615 -19.77 16.76 -26.05
N ILE B 616 -19.22 16.72 -24.84
CA ILE B 616 -19.90 17.28 -23.68
C ILE B 616 -19.40 18.72 -23.51
N ASN B 617 -20.04 19.63 -24.25
CA ASN B 617 -19.85 21.07 -24.09
C ASN B 617 -21.17 21.79 -24.25
N PHE B 618 -22.23 21.21 -23.70
CA PHE B 618 -23.59 21.66 -24.01
C PHE B 618 -24.01 22.93 -23.28
N ASN B 619 -23.25 23.38 -22.28
CA ASN B 619 -23.60 24.61 -21.58
C ASN B 619 -22.31 25.35 -21.24
N ARG B 620 -22.42 26.35 -20.37
CA ARG B 620 -21.30 27.20 -20.01
C ARG B 620 -20.48 26.66 -18.85
N THR B 621 -20.90 25.54 -18.25
CA THR B 621 -20.11 24.93 -17.19
C THR B 621 -19.17 23.85 -17.72
N MET B 622 -19.62 23.07 -18.69
CA MET B 622 -18.74 22.07 -19.30
C MET B 622 -17.56 22.74 -20.00
N SER B 623 -17.83 23.81 -20.76
CA SER B 623 -16.77 24.50 -21.47
C SER B 623 -15.77 25.13 -20.49
N GLN B 624 -16.26 25.66 -19.38
CA GLN B 624 -15.37 26.22 -18.36
C GLN B 624 -14.39 25.18 -17.85
N LEU B 625 -14.90 23.99 -17.49
CA LEU B 625 -14.04 22.94 -16.95
C LEU B 625 -13.07 22.43 -17.99
N SER B 626 -13.54 22.24 -19.23
CA SER B 626 -12.64 21.77 -20.29
C SER B 626 -11.53 22.78 -20.57
N THR B 627 -11.88 24.07 -20.61
CA THR B 627 -10.87 25.10 -20.82
C THR B 627 -9.89 25.12 -19.66
N THR B 628 -10.37 24.93 -18.43
CA THR B 628 -9.48 24.89 -17.28
C THR B 628 -8.48 23.75 -17.40
N MET B 629 -8.96 22.55 -17.74
CA MET B 629 -8.06 21.41 -17.85
C MET B 629 -7.04 21.62 -18.97
N SER B 630 -7.50 22.13 -20.12
CA SER B 630 -6.59 22.35 -21.24
C SER B 630 -5.51 23.38 -20.89
N ARG B 631 -5.90 24.46 -20.21
CA ARG B 631 -4.93 25.48 -19.84
C ARG B 631 -4.04 25.05 -18.69
N CYS B 632 -4.45 24.04 -17.94
CA CYS B 632 -3.66 23.57 -16.80
C CYS B 632 -2.68 22.46 -17.18
N ALA B 633 -2.94 21.76 -18.28
CA ALA B 633 -2.10 20.61 -18.64
C ALA B 633 -0.62 20.96 -18.78
N LYS B 634 -0.31 22.14 -19.34
CA LYS B 634 1.08 22.47 -19.63
C LYS B 634 1.92 22.56 -18.37
N ASP B 635 1.51 23.39 -17.41
CA ASP B 635 2.31 23.52 -16.20
C ASP B 635 2.11 22.33 -15.26
N LEU B 636 1.02 21.57 -15.43
CA LEU B 636 0.95 20.28 -14.73
C LEU B 636 2.06 19.36 -15.21
N PHE B 637 2.30 19.31 -16.52
CA PHE B 637 3.44 18.56 -17.05
C PHE B 637 4.75 19.10 -16.50
N GLY B 638 4.88 20.44 -16.49
CA GLY B 638 6.11 21.05 -16.01
C GLY B 638 6.45 20.67 -14.58
N PHE B 639 5.46 20.62 -13.69
CA PHE B 639 5.70 20.19 -12.32
C PHE B 639 5.74 18.68 -12.15
N ALA B 640 5.06 17.93 -13.02
CA ALA B 640 5.10 16.48 -12.95
C ALA B 640 6.48 15.95 -13.29
N ILE B 641 7.24 16.70 -14.10
CA ILE B 641 8.64 16.32 -14.34
C ILE B 641 9.39 16.25 -13.01
N MET B 642 9.28 17.31 -12.19
CA MET B 642 9.96 17.33 -10.90
C MET B 642 9.40 16.27 -9.96
N PHE B 643 8.08 16.10 -9.97
CA PHE B 643 7.46 15.10 -9.10
C PHE B 643 8.00 13.71 -9.41
N PHE B 644 8.07 13.35 -10.69
CA PHE B 644 8.59 12.04 -11.07
C PHE B 644 10.08 11.91 -10.82
N ILE B 645 10.85 12.98 -10.96
CA ILE B 645 12.27 12.91 -10.63
C ILE B 645 12.46 12.58 -9.16
N ILE B 646 11.71 13.25 -8.28
CA ILE B 646 11.84 12.97 -6.85
C ILE B 646 11.32 11.58 -6.52
N PHE B 647 10.24 11.15 -7.18
CA PHE B 647 9.69 9.82 -6.97
C PHE B 647 10.72 8.75 -7.31
N LEU B 648 11.36 8.88 -8.47
CA LEU B 648 12.37 7.90 -8.86
C LEU B 648 13.62 7.98 -7.99
N ALA B 649 13.95 9.18 -7.50
CA ALA B 649 15.07 9.28 -6.57
C ALA B 649 14.80 8.52 -5.28
N TYR B 650 13.58 8.60 -4.75
CA TYR B 650 13.24 7.77 -3.59
C TYR B 650 13.23 6.30 -3.95
N ALA B 651 12.71 5.95 -5.13
CA ALA B 651 12.59 4.55 -5.51
C ALA B 651 13.95 3.88 -5.64
N GLN B 652 14.93 4.56 -6.24
CA GLN B 652 16.25 3.95 -6.38
C GLN B 652 16.94 3.78 -5.05
N LEU B 653 16.77 4.73 -4.12
CA LEU B 653 17.31 4.57 -2.78
C LEU B 653 16.70 3.36 -2.08
N ALA B 654 15.37 3.21 -2.19
CA ALA B 654 14.73 2.05 -1.60
C ALA B 654 15.23 0.75 -2.22
N TYR B 655 15.42 0.76 -3.54
CA TYR B 655 15.92 -0.43 -4.23
C TYR B 655 17.31 -0.81 -3.75
N LEU B 656 18.19 0.19 -3.60
CA LEU B 656 19.58 -0.12 -3.24
C LEU B 656 19.71 -0.49 -1.77
N VAL B 657 18.89 0.08 -0.90
CA VAL B 657 19.04 -0.19 0.52
C VAL B 657 18.24 -1.41 0.97
N PHE B 658 16.97 -1.51 0.58
CA PHE B 658 16.11 -2.60 1.04
C PHE B 658 15.92 -3.72 0.03
N GLY B 659 16.56 -3.64 -1.14
CA GLY B 659 16.25 -4.55 -2.22
C GLY B 659 16.78 -5.96 -2.06
N THR B 660 17.57 -6.23 -1.04
CA THR B 660 18.14 -7.56 -0.83
C THR B 660 17.57 -8.27 0.38
N GLN B 661 16.62 -7.67 1.09
CA GLN B 661 16.12 -8.25 2.32
C GLN B 661 14.61 -8.21 2.49
N VAL B 662 13.86 -7.43 1.71
CA VAL B 662 12.50 -7.08 2.07
C VAL B 662 11.44 -7.69 1.15
N ASP B 663 11.78 -8.05 -0.09
CA ASP B 663 10.88 -8.76 -1.00
C ASP B 663 9.80 -7.83 -1.52
N ASP B 664 9.68 -6.65 -0.92
CA ASP B 664 8.81 -5.60 -1.44
C ASP B 664 9.56 -4.56 -2.24
N PHE B 665 10.90 -4.56 -2.17
CA PHE B 665 11.74 -3.69 -2.97
C PHE B 665 12.74 -4.49 -3.80
N SER B 666 12.45 -5.76 -4.07
CA SER B 666 13.40 -6.65 -4.72
C SER B 666 13.70 -6.23 -6.15
N THR B 667 12.76 -5.62 -6.86
CA THR B 667 12.96 -5.12 -8.20
C THR B 667 12.51 -3.66 -8.27
N PHE B 668 13.03 -2.94 -9.26
CA PHE B 668 12.78 -1.50 -9.36
C PHE B 668 11.31 -1.19 -9.59
N GLN B 669 10.66 -1.91 -10.49
CA GLN B 669 9.23 -1.70 -10.70
C GLN B 669 8.45 -2.05 -9.45
N GLU B 670 8.90 -3.05 -8.70
CA GLU B 670 8.24 -3.38 -7.43
C GLU B 670 8.43 -2.26 -6.42
N CYS B 671 9.58 -1.59 -6.44
CA CYS B 671 9.77 -0.41 -5.60
C CYS B 671 8.78 0.68 -5.97
N ILE B 672 8.59 0.90 -7.27
CA ILE B 672 7.62 1.91 -7.72
C ILE B 672 6.21 1.55 -7.24
N PHE B 673 5.83 0.28 -7.37
CA PHE B 673 4.50 -0.15 -6.96
C PHE B 673 4.31 0.00 -5.46
N THR B 674 5.33 -0.36 -4.67
CA THR B 674 5.25 -0.22 -3.23
C THR B 674 5.13 1.25 -2.83
N GLN B 675 5.87 2.13 -3.50
CA GLN B 675 5.76 3.54 -3.19
C GLN B 675 4.39 4.09 -3.55
N PHE B 676 3.78 3.60 -4.62
CA PHE B 676 2.41 4.01 -4.93
C PHE B 676 1.41 3.46 -3.92
N ARG B 677 1.65 2.25 -3.40
CA ARG B 677 0.79 1.69 -2.37
C ARG B 677 0.92 2.40 -1.04
N ILE B 678 2.08 2.99 -0.76
CA ILE B 678 2.25 3.74 0.49
C ILE B 678 1.30 4.94 0.52
N ILE B 679 1.07 5.58 -0.62
CA ILE B 679 0.16 6.72 -0.67
C ILE B 679 -1.25 6.31 -0.27
N LEU B 680 -1.70 5.13 -0.68
CA LEU B 680 -3.03 4.66 -0.29
C LEU B 680 -3.11 4.24 1.16
N GLY B 681 -1.98 4.06 1.83
CA GLY B 681 -1.97 3.56 3.19
C GLY B 681 -1.89 2.06 3.32
N ASP B 682 -1.47 1.35 2.27
CA ASP B 682 -1.42 -0.10 2.26
C ASP B 682 0.01 -0.58 2.55
N ILE B 683 0.66 0.01 3.54
CA ILE B 683 2.05 -0.30 3.87
C ILE B 683 2.09 -1.31 5.01
N ASN B 684 3.07 -2.21 4.93
CA ASN B 684 3.38 -3.13 6.02
C ASN B 684 4.73 -2.74 6.59
N PHE B 685 4.70 -2.14 7.78
CA PHE B 685 5.93 -1.66 8.42
C PHE B 685 6.69 -2.77 9.13
N ALA B 686 6.06 -3.92 9.35
CA ALA B 686 6.65 -4.97 10.16
C ALA B 686 7.89 -5.59 9.54
N GLU B 687 8.13 -5.37 8.24
CA GLU B 687 9.32 -5.95 7.61
C GLU B 687 10.33 -4.87 7.20
N ILE B 688 9.84 -3.68 6.88
CA ILE B 688 10.74 -2.60 6.44
C ILE B 688 11.57 -2.08 7.61
N GLU B 689 10.99 -2.13 8.83
CA GLU B 689 11.63 -1.51 9.98
C GLU B 689 12.94 -2.18 10.36
N GLU B 690 13.00 -3.52 10.34
CA GLU B 690 14.20 -4.22 10.77
C GLU B 690 15.18 -4.47 9.63
N ALA B 691 14.83 -4.11 8.39
CA ALA B 691 15.78 -4.19 7.30
C ALA B 691 16.94 -3.23 7.48
N ASN B 692 16.71 -2.10 8.15
CA ASN B 692 17.76 -1.15 8.47
C ASN B 692 17.26 -0.28 9.60
N ARG B 693 17.88 -0.38 10.78
CA ARG B 693 17.40 0.36 11.93
C ARG B 693 17.48 1.86 11.69
N VAL B 694 18.59 2.32 11.13
CA VAL B 694 18.68 3.68 10.63
C VAL B 694 18.48 3.65 9.13
N LEU B 695 18.04 4.78 8.57
CA LEU B 695 17.72 4.95 7.16
C LEU B 695 16.46 4.19 6.75
N GLY B 696 15.87 3.40 7.65
CA GLY B 696 14.60 2.78 7.39
C GLY B 696 13.45 3.68 7.77
N PRO B 697 13.37 4.05 9.06
CA PRO B 697 12.36 5.04 9.47
C PRO B 697 12.55 6.39 8.82
N ILE B 698 13.80 6.80 8.57
CA ILE B 698 14.06 8.10 7.95
C ILE B 698 13.41 8.16 6.58
N TYR B 699 13.65 7.13 5.75
CA TYR B 699 13.08 7.08 4.42
C TYR B 699 11.57 7.18 4.47
N PHE B 700 10.94 6.39 5.35
CA PHE B 700 9.49 6.35 5.42
C PHE B 700 8.91 7.69 5.82
N THR B 701 9.42 8.28 6.92
CA THR B 701 8.84 9.52 7.41
C THR B 701 9.07 10.67 6.45
N THR B 702 10.28 10.80 5.90
CA THR B 702 10.53 11.86 4.95
C THR B 702 9.67 11.69 3.70
N PHE B 703 9.53 10.45 3.21
CA PHE B 703 8.68 10.22 2.05
C PHE B 703 7.25 10.64 2.33
N VAL B 704 6.71 10.26 3.49
CA VAL B 704 5.32 10.60 3.80
C VAL B 704 5.14 12.11 3.91
N PHE B 705 6.02 12.78 4.65
CA PHE B 705 5.88 14.23 4.81
C PHE B 705 6.02 14.95 3.48
N PHE B 706 7.10 14.69 2.74
CA PHE B 706 7.31 15.43 1.50
C PHE B 706 6.38 14.98 0.38
N MET B 707 5.64 13.89 0.54
CA MET B 707 4.66 13.50 -0.46
C MET B 707 3.26 14.02 -0.17
N PHE B 708 2.87 14.08 1.10
CA PHE B 708 1.53 14.56 1.41
C PHE B 708 1.50 16.04 1.80
N PHE B 709 2.55 16.52 2.46
CA PHE B 709 2.55 17.89 2.95
C PHE B 709 3.05 18.88 1.90
N ILE B 710 3.80 18.43 0.90
CA ILE B 710 4.45 19.35 -0.02
C ILE B 710 3.98 19.13 -1.46
N LEU B 711 4.28 17.96 -2.02
CA LEU B 711 4.05 17.74 -3.45
C LEU B 711 2.58 17.56 -3.80
N LEU B 712 1.77 17.04 -2.89
CA LEU B 712 0.34 16.94 -3.18
C LEU B 712 -0.33 18.30 -3.22
N ASN B 713 0.24 19.29 -2.53
CA ASN B 713 -0.39 20.60 -2.41
C ASN B 713 0.02 21.56 -3.52
N MET B 714 1.17 21.34 -4.17
CA MET B 714 1.54 22.19 -5.30
C MET B 714 0.64 21.95 -6.50
N PHE B 715 0.21 20.71 -6.71
CA PHE B 715 -0.79 20.43 -7.74
C PHE B 715 -2.05 21.24 -7.49
N LEU B 716 -2.50 21.28 -6.23
CA LEU B 716 -3.67 22.07 -5.88
C LEU B 716 -3.46 23.55 -6.15
N ALA B 717 -2.29 24.07 -5.76
CA ALA B 717 -2.01 25.47 -5.99
C ALA B 717 -2.13 25.81 -7.47
N ILE B 718 -1.50 25.00 -8.32
CA ILE B 718 -1.52 25.25 -9.77
C ILE B 718 -2.94 25.17 -10.31
N ILE B 719 -3.67 24.11 -9.95
CA ILE B 719 -5.00 23.91 -10.51
C ILE B 719 -5.95 25.02 -10.07
N ASN B 720 -5.81 25.38 -8.81
CA ASN B 720 -6.67 26.40 -8.21
C ASN B 720 -6.41 27.74 -8.86
N ASP B 721 -5.17 28.08 -9.12
CA ASP B 721 -4.82 29.33 -9.78
C ASP B 721 -5.35 29.38 -11.21
N THR B 722 -5.16 28.30 -11.97
CA THR B 722 -5.60 28.34 -13.36
C THR B 722 -7.13 28.37 -13.47
N TYR B 723 -7.83 27.65 -12.59
CA TYR B 723 -9.29 27.67 -12.62
C TYR B 723 -9.83 29.05 -12.29
N SER B 724 -9.28 29.68 -11.25
CA SER B 724 -9.73 31.01 -10.88
C SER B 724 -9.45 32.01 -11.99
N GLU B 725 -8.27 31.89 -12.63
CA GLU B 725 -7.94 32.81 -13.72
C GLU B 725 -8.88 32.60 -14.91
N VAL B 726 -9.23 31.36 -15.23
CA VAL B 726 -10.15 31.10 -16.33
C VAL B 726 -11.51 31.72 -16.04
N LYS B 727 -12.01 31.53 -14.82
CA LYS B 727 -13.30 32.11 -14.47
C LYS B 727 -13.25 33.63 -14.51
N SER B 728 -12.16 34.22 -14.02
CA SER B 728 -12.03 35.68 -14.03
C SER B 728 -12.03 36.23 -15.45
N ASP B 729 -11.30 35.59 -16.35
CA ASP B 729 -11.29 36.04 -17.75
C ASP B 729 -12.67 35.88 -18.39
N LEU B 730 -13.33 34.75 -18.16
CA LEU B 730 -14.64 34.51 -18.74
C LEU B 730 -15.72 35.43 -18.17
N ALA B 731 -15.54 35.93 -16.95
CA ALA B 731 -16.50 36.85 -16.36
C ALA B 731 -16.16 38.31 -16.63
N GLN B 732 -14.91 38.62 -16.97
CA GLN B 732 -14.55 39.97 -17.36
C GLN B 732 -14.82 40.24 -18.83
N GLN B 733 -14.61 39.24 -19.69
CA GLN B 733 -14.99 39.39 -21.09
C GLN B 733 -16.50 39.53 -21.22
N LYS B 734 -17.26 38.69 -20.52
CA LYS B 734 -18.71 38.77 -20.50
C LYS B 734 -19.15 39.89 -19.58
N ALA B 735 -20.37 40.40 -19.82
CA ALA B 735 -20.99 41.45 -19.03
C ALA B 735 -20.24 42.78 -19.16
N GLU B 736 -19.25 42.81 -20.06
CA GLU B 736 -18.53 44.04 -20.36
C GLU B 736 -18.52 44.36 -21.85
N MET B 737 -19.14 43.51 -22.67
CA MET B 737 -19.21 43.73 -24.10
C MET B 737 -20.65 43.91 -24.57
N SER C 258 -46.66 33.08 10.97
CA SER C 258 -45.38 33.28 10.29
C SER C 258 -44.90 31.97 9.65
N VAL C 259 -43.65 31.62 9.91
CA VAL C 259 -43.07 30.39 9.39
C VAL C 259 -42.93 29.32 10.47
N LEU C 260 -43.08 29.67 11.74
CA LEU C 260 -42.89 28.71 12.82
C LEU C 260 -43.96 27.62 12.82
N ARG C 261 -45.09 27.82 12.15
CA ARG C 261 -46.08 26.76 12.02
C ARG C 261 -45.49 25.57 11.28
N GLU C 262 -44.80 25.83 10.17
CA GLU C 262 -44.11 24.76 9.45
C GLU C 262 -43.07 24.09 10.34
N LEU C 263 -42.35 24.88 11.12
CA LEU C 263 -41.31 24.32 11.99
C LEU C 263 -41.90 23.37 13.02
N VAL C 264 -42.98 23.78 13.70
CA VAL C 264 -43.55 22.92 14.73
C VAL C 264 -44.20 21.68 14.10
N THR C 265 -44.85 21.84 12.95
CA THR C 265 -45.42 20.69 12.28
C THR C 265 -44.35 19.68 11.90
N TYR C 266 -43.24 20.17 11.34
CA TYR C 266 -42.15 19.28 10.95
C TYR C 266 -41.51 18.63 12.16
N LEU C 267 -41.38 19.36 13.27
CA LEU C 267 -40.82 18.76 14.48
C LEU C 267 -41.70 17.64 15.00
N LEU C 268 -43.02 17.85 15.01
CA LEU C 268 -43.93 16.79 15.45
C LEU C 268 -43.85 15.59 14.52
N PHE C 269 -43.78 15.83 13.22
CA PHE C 269 -43.64 14.73 12.26
C PHE C 269 -42.36 13.95 12.50
N LEU C 270 -41.26 14.66 12.74
CA LEU C 270 -39.98 14.01 13.00
C LEU C 270 -40.02 13.19 14.28
N ILE C 271 -40.66 13.72 15.33
CA ILE C 271 -40.78 12.97 16.58
C ILE C 271 -41.57 11.69 16.36
N VAL C 272 -42.68 11.77 15.61
CA VAL C 272 -43.49 10.59 15.35
C VAL C 272 -42.68 9.55 14.57
N LEU C 273 -41.96 10.00 13.55
CA LEU C 273 -41.15 9.09 12.74
C LEU C 273 -40.06 8.42 13.58
N CYS C 274 -39.41 9.18 14.45
CA CYS C 274 -38.37 8.60 15.31
C CYS C 274 -38.97 7.60 16.28
N ILE C 275 -40.15 7.87 16.83
CA ILE C 275 -40.81 6.90 17.69
C ILE C 275 -41.10 5.62 16.93
N LEU C 276 -41.60 5.75 15.70
CA LEU C 276 -41.89 4.58 14.88
C LEU C 276 -40.63 3.75 14.65
N THR C 277 -39.53 4.42 14.29
CA THR C 277 -38.30 3.69 14.00
C THR C 277 -37.64 3.12 15.24
N TYR C 278 -37.80 3.74 16.41
CA TYR C 278 -37.27 3.17 17.63
C TYR C 278 -38.05 1.93 18.04
N GLY C 279 -39.38 2.00 17.92
CA GLY C 279 -40.18 0.81 18.19
C GLY C 279 -39.92 -0.30 17.20
N MET C 280 -39.69 0.06 15.94
CA MET C 280 -39.41 -0.91 14.89
C MET C 280 -38.08 -1.62 15.11
N MET C 281 -37.19 -1.04 15.91
CA MET C 281 -35.81 -1.49 15.98
C MET C 281 -35.53 -2.05 17.37
N SER C 282 -36.44 -2.92 17.84
CA SER C 282 -36.33 -3.58 19.14
C SER C 282 -34.89 -3.96 19.46
N SER C 283 -34.43 -3.58 20.66
CA SER C 283 -33.05 -3.77 21.01
C SER C 283 -32.69 -5.25 21.12
N ASN C 284 -31.47 -5.59 20.74
CA ASN C 284 -30.91 -6.92 20.94
C ASN C 284 -31.72 -8.00 20.22
N VAL C 285 -32.28 -7.64 19.06
CA VAL C 285 -32.72 -8.65 18.11
C VAL C 285 -31.51 -9.25 17.39
N TYR C 286 -30.39 -8.53 17.39
CA TYR C 286 -29.19 -9.00 16.72
C TYR C 286 -28.70 -10.33 17.29
N TYR C 287 -28.83 -10.52 18.61
CA TYR C 287 -28.31 -11.73 19.23
C TYR C 287 -29.13 -12.96 18.88
N TYR C 288 -30.44 -12.81 18.70
CA TYR C 288 -31.29 -13.90 18.21
C TYR C 288 -30.70 -14.50 16.94
N THR C 289 -30.60 -13.68 15.89
CA THR C 289 -30.09 -14.16 14.62
C THR C 289 -28.63 -14.57 14.73
N ARG C 290 -27.86 -13.91 15.60
CA ARG C 290 -26.45 -14.28 15.75
C ARG C 290 -26.31 -15.70 16.27
N MET C 291 -27.05 -16.07 17.31
CA MET C 291 -26.97 -17.43 17.82
C MET C 291 -27.52 -18.44 16.81
N MET C 292 -28.61 -18.09 16.12
CA MET C 292 -29.12 -19.01 15.10
C MET C 292 -28.09 -19.27 14.02
N SER C 293 -27.48 -18.21 13.49
CA SER C 293 -26.51 -18.36 12.41
C SER C 293 -25.25 -19.08 12.89
N GLN C 294 -24.79 -18.81 14.12
CA GLN C 294 -23.65 -19.55 14.64
C GLN C 294 -23.96 -21.02 14.80
N LEU C 295 -25.18 -21.36 15.22
CA LEU C 295 -25.55 -22.76 15.38
C LEU C 295 -25.62 -23.48 14.05
N PHE C 296 -26.15 -22.83 13.02
CA PHE C 296 -26.39 -23.55 11.77
C PHE C 296 -25.31 -23.39 10.72
N LEU C 297 -24.41 -22.41 10.86
CA LEU C 297 -23.48 -22.09 9.79
C LEU C 297 -22.02 -22.36 10.15
N ASP C 298 -21.67 -22.38 11.42
CA ASP C 298 -20.28 -22.55 11.82
C ASP C 298 -19.97 -23.91 12.43
N THR C 299 -20.99 -24.69 12.79
CA THR C 299 -20.75 -26.02 13.29
C THR C 299 -20.17 -26.90 12.18
N PRO C 300 -19.09 -27.63 12.42
CA PRO C 300 -18.57 -28.54 11.40
C PRO C 300 -19.58 -29.62 11.06
N VAL C 301 -19.59 -30.03 9.79
CA VAL C 301 -20.57 -30.98 9.29
C VAL C 301 -20.46 -32.34 9.96
N SER C 302 -19.31 -32.65 10.56
CA SER C 302 -19.13 -33.90 11.27
C SER C 302 -18.01 -33.71 12.29
N LYS C 303 -17.94 -34.62 13.25
CA LYS C 303 -16.91 -34.54 14.28
C LYS C 303 -15.52 -34.67 13.68
N THR C 304 -15.39 -35.42 12.58
CA THR C 304 -14.08 -35.66 11.99
C THR C 304 -13.64 -34.47 11.13
N GLU C 305 -14.47 -34.05 10.18
CA GLU C 305 -14.08 -33.04 9.22
C GLU C 305 -14.08 -31.65 9.85
N LYS C 306 -13.63 -30.68 9.07
CA LYS C 306 -13.54 -29.29 9.51
C LYS C 306 -14.41 -28.35 8.69
N THR C 307 -15.15 -28.85 7.72
CA THR C 307 -15.96 -28.01 6.86
C THR C 307 -17.30 -27.69 7.51
N ASN C 308 -17.81 -26.49 7.23
CA ASN C 308 -19.10 -26.04 7.68
C ASN C 308 -19.94 -25.67 6.46
N PHE C 309 -21.12 -25.08 6.71
CA PHE C 309 -21.98 -24.72 5.59
C PHE C 309 -21.35 -23.63 4.73
N LYS C 310 -20.57 -22.73 5.34
CA LYS C 310 -19.94 -21.67 4.57
C LYS C 310 -18.81 -22.15 3.68
N THR C 311 -18.30 -23.36 3.89
CA THR C 311 -17.16 -23.87 3.16
C THR C 311 -17.48 -25.20 2.49
N LEU C 312 -18.70 -25.35 1.99
CA LEU C 312 -19.04 -26.52 1.21
C LEU C 312 -18.30 -26.49 -0.12
N SER C 313 -17.88 -27.67 -0.58
CA SER C 313 -17.11 -27.75 -1.81
C SER C 313 -17.59 -28.80 -2.79
N SER C 314 -18.46 -29.72 -2.41
CA SER C 314 -18.91 -30.77 -3.30
C SER C 314 -20.26 -31.29 -2.82
N MET C 315 -20.83 -32.20 -3.61
CA MET C 315 -22.13 -32.76 -3.27
C MET C 315 -22.05 -33.65 -2.03
N GLU C 316 -20.94 -34.36 -1.84
CA GLU C 316 -20.81 -35.20 -0.66
C GLU C 316 -20.77 -34.37 0.61
N ASP C 317 -20.17 -33.18 0.55
CA ASP C 317 -20.23 -32.28 1.69
C ASP C 317 -21.67 -31.88 2.02
N PHE C 318 -22.47 -31.62 0.99
CA PHE C 318 -23.88 -31.31 1.20
C PHE C 318 -24.61 -32.48 1.84
N TRP C 319 -24.33 -33.70 1.37
CA TRP C 319 -24.96 -34.87 1.97
C TRP C 319 -24.52 -35.09 3.41
N LYS C 320 -23.27 -34.77 3.73
CA LYS C 320 -22.81 -34.84 5.12
C LYS C 320 -23.42 -33.76 6.00
N PHE C 321 -23.77 -32.61 5.42
CA PHE C 321 -24.40 -31.55 6.19
C PHE C 321 -25.79 -31.96 6.65
N THR C 322 -26.60 -32.51 5.74
CA THR C 322 -27.98 -32.87 6.05
C THR C 322 -28.09 -34.08 6.95
N GLU C 323 -27.02 -34.83 7.16
CA GLU C 323 -27.00 -35.98 8.07
C GLU C 323 -26.06 -35.69 9.23
N GLY C 324 -26.15 -34.47 9.77
CA GLY C 324 -25.14 -33.95 10.65
C GLY C 324 -25.59 -32.66 11.31
N SER C 325 -24.72 -31.65 11.27
CA SER C 325 -24.96 -30.36 11.90
C SER C 325 -26.39 -29.84 11.72
N LEU C 326 -26.98 -30.06 10.54
CA LEU C 326 -28.36 -29.63 10.32
C LEU C 326 -29.31 -30.36 11.27
N LEU C 327 -29.23 -31.68 11.31
CA LEU C 327 -30.12 -32.44 12.19
C LEU C 327 -29.79 -32.21 13.66
N ASP C 328 -28.52 -32.02 13.99
CA ASP C 328 -28.15 -31.73 15.37
C ASP C 328 -28.72 -30.40 15.84
N GLY C 329 -28.70 -29.39 14.97
CA GLY C 329 -29.25 -28.10 15.34
C GLY C 329 -30.76 -28.04 15.31
N LEU C 330 -31.39 -28.80 14.42
CA LEU C 330 -32.84 -28.75 14.31
C LEU C 330 -33.52 -29.41 15.50
N TYR C 331 -33.02 -30.55 15.93
CA TYR C 331 -33.71 -31.38 16.92
C TYR C 331 -32.89 -31.37 18.21
N TRP C 332 -33.49 -30.82 19.26
CA TRP C 332 -32.89 -30.80 20.59
C TRP C 332 -33.67 -31.70 21.54
N LYS C 333 -33.00 -32.12 22.60
CA LYS C 333 -33.59 -33.02 23.59
C LYS C 333 -34.12 -32.22 24.78
N MET C 334 -35.25 -32.65 25.31
CA MET C 334 -35.86 -31.99 26.46
C MET C 334 -34.93 -32.04 27.67
N ASP C 343 -45.76 -37.33 19.86
CA ASP C 343 -44.34 -37.06 20.06
C ASP C 343 -44.13 -35.81 20.91
N ASN C 344 -42.87 -35.40 21.04
CA ASN C 344 -42.51 -34.20 21.77
C ASN C 344 -41.90 -33.19 20.82
N ARG C 345 -42.25 -31.92 21.03
CA ARG C 345 -41.77 -30.82 20.20
C ARG C 345 -40.29 -30.56 20.47
N SER C 346 -39.72 -29.69 19.64
CA SER C 346 -38.32 -29.32 19.76
C SER C 346 -38.17 -27.86 20.15
N PHE C 347 -37.16 -27.58 20.98
CA PHE C 347 -36.85 -26.22 21.41
C PHE C 347 -35.37 -25.98 21.11
N ILE C 348 -35.10 -25.05 20.18
CA ILE C 348 -33.75 -24.92 19.64
C ILE C 348 -32.72 -24.50 20.69
N PHE C 349 -33.08 -23.65 21.63
CA PHE C 349 -32.19 -23.31 22.72
C PHE C 349 -32.93 -23.40 24.04
N TYR C 350 -33.82 -24.38 24.15
CA TYR C 350 -34.82 -24.51 25.20
C TYR C 350 -35.79 -23.35 25.23
N GLU C 351 -35.71 -22.45 24.25
CA GLU C 351 -36.59 -21.29 24.14
C GLU C 351 -37.25 -21.17 22.77
N ASN C 352 -36.55 -21.52 21.70
CA ASN C 352 -37.04 -21.33 20.34
C ASN C 352 -37.80 -22.58 19.90
N LEU C 353 -39.11 -22.48 19.81
CA LEU C 353 -39.93 -23.60 19.37
C LEU C 353 -39.87 -23.75 17.85
N LEU C 354 -39.65 -24.97 17.39
CA LEU C 354 -39.61 -25.27 15.97
C LEU C 354 -41.03 -25.47 15.46
N LEU C 355 -41.42 -24.69 14.45
CA LEU C 355 -42.80 -24.71 13.96
C LEU C 355 -42.93 -25.73 12.84
N GLY C 356 -43.84 -26.69 13.03
CA GLY C 356 -44.12 -27.65 11.98
C GLY C 356 -42.90 -28.48 11.60
N VAL C 357 -42.69 -28.62 10.30
CA VAL C 357 -41.59 -29.45 9.78
C VAL C 357 -40.80 -28.63 8.77
N PRO C 358 -39.50 -28.86 8.62
CA PRO C 358 -38.74 -28.20 7.56
C PRO C 358 -39.03 -28.84 6.21
N ARG C 359 -38.73 -28.09 5.15
CA ARG C 359 -38.98 -28.55 3.79
C ARG C 359 -37.71 -28.44 2.97
N ILE C 360 -37.47 -29.42 2.11
CA ILE C 360 -36.30 -29.45 1.25
C ILE C 360 -36.77 -29.57 -0.20
N ARG C 361 -36.23 -28.72 -1.07
CA ARG C 361 -36.67 -28.66 -2.47
C ARG C 361 -35.45 -28.60 -3.37
N GLN C 362 -35.60 -29.09 -4.60
CA GLN C 362 -34.55 -28.95 -5.59
C GLN C 362 -35.13 -28.53 -6.94
N LEU C 363 -34.32 -27.81 -7.71
CA LEU C 363 -34.61 -27.44 -9.08
C LEU C 363 -33.52 -28.01 -9.97
N ARG C 364 -33.91 -28.64 -11.07
CA ARG C 364 -32.99 -29.32 -11.95
C ARG C 364 -33.37 -29.08 -13.41
N VAL C 365 -32.41 -29.27 -14.30
CA VAL C 365 -32.61 -29.14 -15.72
C VAL C 365 -32.65 -30.52 -16.35
N ARG C 366 -33.04 -30.59 -17.61
CA ARG C 366 -33.22 -31.85 -18.32
C ARG C 366 -32.03 -32.14 -19.24
N ASN C 367 -31.75 -33.42 -19.42
CA ASN C 367 -30.68 -33.84 -20.31
C ASN C 367 -31.04 -33.51 -21.75
N GLY C 368 -30.07 -33.08 -22.53
CA GLY C 368 -30.30 -32.63 -23.88
C GLY C 368 -30.77 -31.21 -24.02
N SER C 369 -30.68 -30.40 -22.96
CA SER C 369 -31.12 -29.02 -22.99
C SER C 369 -30.19 -28.11 -23.78
N CYS C 370 -29.03 -28.61 -24.21
CA CYS C 370 -28.12 -27.85 -25.05
C CYS C 370 -27.60 -28.74 -26.18
N SER C 371 -26.77 -28.16 -27.03
CA SER C 371 -26.28 -28.82 -28.24
C SER C 371 -24.79 -29.10 -28.11
N ILE C 372 -24.40 -30.33 -28.38
CA ILE C 372 -23.00 -30.74 -28.40
C ILE C 372 -22.50 -30.60 -29.83
N PRO C 373 -21.39 -29.91 -30.07
CA PRO C 373 -20.87 -29.80 -31.44
C PRO C 373 -20.57 -31.18 -32.04
N GLN C 374 -20.83 -31.31 -33.33
CA GLN C 374 -20.68 -32.60 -34.01
C GLN C 374 -19.23 -33.07 -34.06
N ASP C 375 -18.28 -32.19 -33.78
CA ASP C 375 -16.87 -32.56 -33.90
C ASP C 375 -16.51 -33.68 -32.92
N LEU C 376 -17.00 -33.59 -31.68
CA LEU C 376 -16.69 -34.55 -30.64
C LEU C 376 -17.97 -35.12 -30.02
N ARG C 377 -19.03 -35.21 -30.82
CA ARG C 377 -20.30 -35.74 -30.31
C ARG C 377 -20.18 -37.19 -29.87
N ASP C 378 -19.30 -37.96 -30.51
CA ASP C 378 -19.17 -39.37 -30.18
C ASP C 378 -18.56 -39.61 -28.80
N GLU C 379 -17.85 -38.62 -28.25
CA GLU C 379 -17.19 -38.77 -26.97
C GLU C 379 -18.05 -38.30 -25.80
N ILE C 380 -18.92 -37.32 -26.02
CA ILE C 380 -19.75 -36.73 -24.99
C ILE C 380 -21.21 -36.96 -25.35
N LYS C 381 -21.97 -37.54 -24.41
CA LYS C 381 -23.37 -37.88 -24.66
C LYS C 381 -24.34 -36.86 -24.05
N GLU C 382 -24.13 -36.50 -22.79
CA GLU C 382 -25.05 -35.61 -22.08
C GLU C 382 -24.49 -34.21 -21.99
N CYS C 383 -25.37 -33.21 -22.14
CA CYS C 383 -25.01 -31.86 -21.73
C CYS C 383 -26.22 -31.28 -21.02
N TYR C 384 -25.97 -30.54 -19.94
CA TYR C 384 -27.01 -29.89 -19.16
C TYR C 384 -26.75 -28.40 -19.17
N ASP C 385 -27.73 -27.62 -19.62
CA ASP C 385 -27.57 -26.17 -19.73
C ASP C 385 -27.53 -25.51 -18.36
N VAL C 386 -27.20 -24.23 -18.31
CA VAL C 386 -27.32 -23.45 -17.09
C VAL C 386 -28.80 -23.31 -16.79
N TYR C 387 -29.14 -22.94 -15.56
CA TYR C 387 -30.55 -22.88 -15.18
C TYR C 387 -31.27 -21.75 -15.91
N SER C 388 -32.45 -22.06 -16.42
CA SER C 388 -33.37 -21.07 -16.96
C SER C 388 -34.76 -21.69 -16.95
N VAL C 389 -35.78 -20.84 -16.87
CA VAL C 389 -37.15 -21.33 -16.80
C VAL C 389 -37.53 -22.12 -18.04
N SER C 390 -37.08 -21.69 -19.22
CA SER C 390 -37.38 -22.38 -20.47
C SER C 390 -36.65 -23.70 -20.60
N SER C 391 -35.70 -24.00 -19.71
CA SER C 391 -34.88 -25.20 -19.87
C SER C 391 -34.85 -26.08 -18.63
N GLU C 392 -35.89 -26.06 -17.80
CA GLU C 392 -35.91 -26.83 -16.58
C GLU C 392 -36.71 -28.12 -16.76
N ASP C 393 -36.28 -29.17 -16.08
CA ASP C 393 -36.91 -30.47 -16.21
C ASP C 393 -38.26 -30.49 -15.51
N ARG C 394 -39.21 -31.22 -16.10
CA ARG C 394 -40.53 -31.38 -15.53
C ARG C 394 -41.00 -32.83 -15.53
N ALA C 395 -40.13 -33.76 -15.87
CA ALA C 395 -40.48 -35.16 -16.02
C ALA C 395 -40.15 -35.95 -14.76
N PRO C 396 -40.88 -37.02 -14.49
CA PRO C 396 -40.57 -37.86 -13.33
C PRO C 396 -39.25 -38.60 -13.51
N PHE C 397 -38.66 -39.00 -12.39
CA PHE C 397 -37.39 -39.72 -12.42
C PHE C 397 -37.26 -40.54 -11.13
N GLY C 398 -36.24 -41.39 -11.09
CA GLY C 398 -35.96 -42.19 -9.92
C GLY C 398 -37.04 -43.22 -9.63
N PRO C 399 -37.24 -43.51 -8.36
CA PRO C 399 -38.39 -44.35 -7.92
C PRO C 399 -39.67 -43.52 -7.81
N ARG C 400 -40.40 -43.44 -8.93
CA ARG C 400 -41.50 -42.50 -9.03
C ARG C 400 -42.67 -42.91 -8.15
N ASN C 401 -42.60 -42.59 -6.87
CA ASN C 401 -43.66 -42.93 -5.93
C ASN C 401 -44.18 -41.75 -5.13
N GLY C 402 -43.32 -40.82 -4.75
CA GLY C 402 -43.68 -39.72 -3.88
C GLY C 402 -43.59 -38.37 -4.56
N THR C 403 -43.65 -37.33 -3.74
CA THR C 403 -43.59 -35.96 -4.23
C THR C 403 -42.16 -35.48 -4.48
N ALA C 404 -41.16 -36.21 -3.97
CA ALA C 404 -39.78 -35.85 -4.22
C ALA C 404 -39.34 -36.20 -5.64
N TRP C 405 -40.12 -37.02 -6.34
CA TRP C 405 -39.78 -37.47 -7.68
C TRP C 405 -40.74 -36.97 -8.75
N ILE C 406 -41.69 -36.11 -8.38
CA ILE C 406 -42.67 -35.57 -9.32
C ILE C 406 -42.59 -34.05 -9.28
N TYR C 407 -42.57 -33.45 -10.46
CA TYR C 407 -42.52 -32.00 -10.57
C TYR C 407 -43.85 -31.38 -10.13
N THR C 408 -43.78 -30.37 -9.28
CA THR C 408 -44.94 -29.64 -8.79
C THR C 408 -44.82 -28.19 -9.23
N SER C 409 -45.89 -27.65 -9.81
CA SER C 409 -45.82 -26.31 -10.38
C SER C 409 -45.71 -25.27 -9.27
N GLU C 410 -45.34 -24.05 -9.67
CA GLU C 410 -45.18 -22.96 -8.72
C GLU C 410 -46.51 -22.61 -8.06
N LYS C 411 -47.59 -22.56 -8.84
CA LYS C 411 -48.90 -22.18 -8.32
C LYS C 411 -49.46 -23.22 -7.36
N ASP C 412 -49.18 -24.50 -7.58
CA ASP C 412 -49.64 -25.54 -6.68
C ASP C 412 -48.76 -25.70 -5.46
N LEU C 413 -47.63 -25.00 -5.41
CA LEU C 413 -46.69 -25.09 -4.29
C LEU C 413 -46.62 -23.79 -3.49
N ASN C 414 -47.30 -22.74 -3.94
CA ASN C 414 -47.30 -21.44 -3.26
C ASN C 414 -45.89 -20.88 -3.15
N GLY C 415 -45.18 -20.85 -4.27
CA GLY C 415 -43.80 -20.41 -4.31
C GLY C 415 -43.61 -19.09 -5.03
N SER C 416 -42.36 -18.65 -5.07
CA SER C 416 -41.98 -17.41 -5.72
C SER C 416 -40.49 -17.46 -6.04
N SER C 417 -40.06 -16.52 -6.87
CA SER C 417 -38.66 -16.45 -7.28
C SER C 417 -37.77 -16.11 -6.09
N HIS C 418 -36.46 -16.28 -6.26
CA HIS C 418 -35.55 -16.04 -5.15
C HIS C 418 -34.40 -15.09 -5.47
N TRP C 419 -33.93 -15.07 -6.72
CA TRP C 419 -32.77 -14.25 -7.11
C TRP C 419 -31.53 -14.62 -6.29
N GLY C 420 -31.02 -15.82 -6.55
CA GLY C 420 -29.78 -16.28 -5.97
C GLY C 420 -28.57 -15.56 -6.52
N ILE C 421 -27.41 -16.18 -6.38
CA ILE C 421 -26.16 -15.56 -6.80
C ILE C 421 -25.93 -15.75 -8.30
N ILE C 422 -26.13 -16.96 -8.81
CA ILE C 422 -25.90 -17.22 -10.22
C ILE C 422 -27.10 -16.84 -11.08
N ALA C 423 -28.31 -17.17 -10.65
CA ALA C 423 -29.50 -16.91 -11.44
C ALA C 423 -30.69 -16.71 -10.50
N THR C 424 -31.84 -16.41 -11.09
CA THR C 424 -33.09 -16.28 -10.38
C THR C 424 -33.88 -17.57 -10.54
N TYR C 425 -34.16 -18.25 -9.44
CA TYR C 425 -34.76 -19.57 -9.46
C TYR C 425 -36.26 -19.50 -9.25
N SER C 426 -36.98 -20.42 -9.88
CA SER C 426 -38.43 -20.45 -9.79
C SER C 426 -38.86 -20.98 -8.43
N GLY C 427 -40.18 -20.94 -8.20
CA GLY C 427 -40.76 -21.50 -7.00
C GLY C 427 -41.23 -22.93 -7.11
N ALA C 428 -41.00 -23.58 -8.25
CA ALA C 428 -41.42 -24.95 -8.46
C ALA C 428 -40.27 -25.90 -8.13
N GLY C 429 -40.43 -27.18 -8.46
CA GLY C 429 -39.36 -28.13 -8.30
C GLY C 429 -39.85 -29.39 -7.63
N TYR C 430 -38.90 -30.19 -7.17
CA TYR C 430 -39.16 -31.46 -6.51
C TYR C 430 -38.93 -31.26 -5.02
N TYR C 431 -39.97 -31.43 -4.21
CA TYR C 431 -39.94 -31.06 -2.81
C TYR C 431 -40.30 -32.24 -1.92
N LEU C 432 -39.88 -32.15 -0.67
CA LEU C 432 -40.20 -33.14 0.34
C LEU C 432 -40.31 -32.45 1.69
N ASP C 433 -41.33 -32.85 2.46
CA ASP C 433 -41.55 -32.35 3.81
C ASP C 433 -41.00 -33.36 4.80
N LEU C 434 -40.11 -32.92 5.67
CA LEU C 434 -39.47 -33.81 6.63
C LEU C 434 -40.42 -34.03 7.81
N SER C 435 -39.92 -34.63 8.87
CA SER C 435 -40.75 -35.04 9.99
C SER C 435 -40.46 -34.17 11.22
N ARG C 436 -41.23 -34.38 12.28
CA ARG C 436 -41.09 -33.61 13.50
C ARG C 436 -40.02 -34.18 14.44
N THR C 437 -39.53 -35.38 14.17
CA THR C 437 -38.53 -36.03 15.01
C THR C 437 -37.32 -36.42 14.18
N ARG C 438 -36.17 -36.52 14.86
CA ARG C 438 -34.92 -36.84 14.17
C ARG C 438 -34.94 -38.25 13.61
N GLU C 439 -35.55 -39.21 14.33
CA GLU C 439 -35.51 -40.60 13.95
C GLU C 439 -36.21 -40.89 12.64
N GLU C 440 -37.08 -40.00 12.16
CA GLU C 440 -37.73 -40.16 10.86
C GLU C 440 -37.14 -39.28 9.78
N THR C 441 -36.69 -38.08 10.14
CA THR C 441 -36.00 -37.23 9.16
C THR C 441 -34.71 -37.89 8.70
N ALA C 442 -33.99 -38.54 9.61
CA ALA C 442 -32.78 -39.25 9.24
C ALA C 442 -33.09 -40.36 8.23
N ALA C 443 -34.17 -41.10 8.47
CA ALA C 443 -34.55 -42.17 7.54
C ALA C 443 -34.94 -41.60 6.19
N GLN C 444 -35.69 -40.50 6.17
CA GLN C 444 -36.10 -39.90 4.91
C GLN C 444 -34.90 -39.42 4.10
N VAL C 445 -33.95 -38.75 4.77
CA VAL C 445 -32.77 -38.27 4.07
C VAL C 445 -31.88 -39.42 3.61
N ALA C 446 -31.79 -40.49 4.40
CA ALA C 446 -31.03 -41.66 3.95
C ALA C 446 -31.68 -42.29 2.72
N SER C 447 -33.00 -42.36 2.70
CA SER C 447 -33.70 -42.89 1.53
C SER C 447 -33.49 -42.01 0.31
N LEU C 448 -33.47 -40.69 0.48
CA LEU C 448 -33.16 -39.82 -0.65
C LEU C 448 -31.72 -40.00 -1.12
N LYS C 449 -30.82 -40.28 -0.18
CA LYS C 449 -29.41 -40.44 -0.55
C LYS C 449 -29.15 -41.76 -1.28
N LYS C 450 -29.81 -42.83 -0.86
CA LYS C 450 -29.63 -44.14 -1.49
C LYS C 450 -30.04 -44.09 -2.96
N ASN C 451 -31.31 -43.83 -3.21
CA ASN C 451 -31.80 -43.61 -4.58
C ASN C 451 -31.36 -42.21 -4.98
N VAL C 452 -30.34 -42.11 -5.84
CA VAL C 452 -29.65 -40.87 -6.10
C VAL C 452 -30.63 -39.75 -6.44
N TRP C 453 -30.65 -38.71 -5.60
CA TRP C 453 -31.59 -37.61 -5.73
C TRP C 453 -30.93 -36.36 -6.31
N LEU C 454 -29.63 -36.22 -6.13
CA LEU C 454 -28.86 -35.11 -6.67
C LEU C 454 -27.97 -35.65 -7.78
N ASP C 455 -28.41 -35.48 -9.02
CA ASP C 455 -27.69 -35.94 -10.20
C ASP C 455 -26.94 -34.79 -10.85
N ARG C 456 -26.42 -35.03 -12.04
CA ARG C 456 -25.75 -34.00 -12.81
C ARG C 456 -26.70 -32.92 -13.30
N GLY C 457 -28.00 -33.17 -13.30
CA GLY C 457 -28.96 -32.18 -13.75
C GLY C 457 -29.40 -31.22 -12.66
N THR C 458 -29.09 -31.55 -11.41
CA THR C 458 -29.45 -30.70 -10.29
C THR C 458 -28.80 -29.34 -10.40
N ARG C 459 -29.60 -28.29 -10.22
CA ARG C 459 -29.10 -26.92 -10.31
C ARG C 459 -29.22 -26.13 -9.01
N ALA C 460 -30.21 -26.40 -8.18
CA ALA C 460 -30.31 -25.67 -6.92
C ALA C 460 -31.05 -26.51 -5.88
N THR C 461 -30.76 -26.23 -4.61
CA THR C 461 -31.43 -26.89 -3.50
C THR C 461 -31.73 -25.88 -2.40
N PHE C 462 -32.91 -25.99 -1.81
CA PHE C 462 -33.40 -25.11 -0.76
C PHE C 462 -33.79 -25.90 0.47
N ILE C 463 -33.49 -25.35 1.65
CA ILE C 463 -33.98 -25.87 2.92
C ILE C 463 -34.65 -24.72 3.66
N ASP C 464 -35.87 -24.96 4.16
CA ASP C 464 -36.65 -23.89 4.77
C ASP C 464 -37.27 -24.35 6.07
N PHE C 465 -37.28 -23.47 7.08
CA PHE C 465 -37.99 -23.73 8.33
C PHE C 465 -38.17 -22.42 9.10
N SER C 466 -38.79 -22.51 10.27
CA SER C 466 -39.09 -21.34 11.09
C SER C 466 -39.14 -21.72 12.56
N VAL C 467 -38.92 -20.72 13.42
CA VAL C 467 -38.98 -20.87 14.88
C VAL C 467 -39.70 -19.67 15.48
N TYR C 468 -40.10 -19.81 16.75
CA TYR C 468 -40.96 -18.83 17.40
C TYR C 468 -40.29 -18.06 18.53
N ASN C 469 -39.77 -18.74 19.56
CA ASN C 469 -39.19 -18.05 20.73
C ASN C 469 -40.19 -17.17 21.46
N ALA C 470 -41.13 -17.77 22.19
CA ALA C 470 -42.24 -17.08 22.83
C ALA C 470 -41.83 -16.07 23.90
N ASN C 471 -40.60 -16.10 24.41
CA ASN C 471 -40.19 -15.16 25.45
C ASN C 471 -40.41 -13.73 24.98
N ILE C 472 -39.66 -13.31 23.97
CA ILE C 472 -40.00 -12.11 23.21
C ILE C 472 -41.05 -12.54 22.19
N ASN C 473 -41.71 -11.60 21.54
CA ASN C 473 -42.73 -11.92 20.55
C ASN C 473 -42.13 -11.68 19.17
N LEU C 474 -41.43 -12.68 18.65
CA LEU C 474 -40.64 -12.47 17.44
C LEU C 474 -40.37 -13.81 16.76
N PHE C 475 -40.97 -14.04 15.60
CA PHE C 475 -40.69 -15.22 14.79
C PHE C 475 -39.34 -15.10 14.11
N CYS C 476 -38.85 -16.22 13.59
CA CYS C 476 -37.64 -16.24 12.78
C CYS C 476 -37.83 -17.24 11.63
N VAL C 477 -37.53 -16.80 10.41
CA VAL C 477 -37.65 -17.62 9.22
C VAL C 477 -36.25 -17.86 8.67
N VAL C 478 -35.91 -19.13 8.44
CA VAL C 478 -34.57 -19.54 8.03
C VAL C 478 -34.66 -20.21 6.68
N ARG C 479 -33.84 -19.74 5.74
CA ARG C 479 -33.73 -20.33 4.40
C ARG C 479 -32.25 -20.54 4.07
N LEU C 480 -31.91 -21.73 3.63
CA LEU C 480 -30.57 -22.07 3.18
C LEU C 480 -30.62 -22.51 1.72
N LEU C 481 -29.67 -22.03 0.92
CA LEU C 481 -29.64 -22.27 -0.51
C LEU C 481 -28.28 -22.80 -0.91
N VAL C 482 -28.28 -23.79 -1.81
CA VAL C 482 -27.06 -24.35 -2.37
C VAL C 482 -27.21 -24.39 -3.88
N GLU C 483 -26.31 -23.72 -4.59
CA GLU C 483 -26.35 -23.64 -6.04
C GLU C 483 -25.23 -24.48 -6.64
N PHE C 484 -25.57 -25.27 -7.66
CA PHE C 484 -24.63 -26.14 -8.36
C PHE C 484 -24.40 -25.59 -9.76
N PRO C 485 -23.33 -24.84 -9.99
CA PRO C 485 -23.09 -24.31 -11.33
C PRO C 485 -22.78 -25.40 -12.33
N ALA C 486 -23.02 -25.09 -13.61
CA ALA C 486 -22.83 -26.06 -14.68
C ALA C 486 -21.38 -26.47 -14.88
N THR C 487 -20.44 -25.86 -14.17
CA THR C 487 -19.03 -26.17 -14.29
C THR C 487 -18.51 -26.90 -13.06
N GLY C 488 -19.40 -27.51 -12.29
CA GLY C 488 -19.01 -28.22 -11.09
C GLY C 488 -18.77 -27.30 -9.91
N GLY C 489 -19.08 -27.76 -8.71
CA GLY C 489 -18.85 -26.97 -7.53
C GLY C 489 -20.09 -26.72 -6.69
N VAL C 490 -19.95 -25.94 -5.63
CA VAL C 490 -21.04 -25.62 -4.72
C VAL C 490 -20.92 -24.15 -4.33
N ILE C 491 -22.05 -23.46 -4.33
CA ILE C 491 -22.12 -22.09 -3.83
C ILE C 491 -23.20 -22.00 -2.76
N PRO C 492 -22.85 -21.80 -1.49
CA PRO C 492 -23.88 -21.73 -0.45
C PRO C 492 -24.33 -20.31 -0.13
N SER C 493 -25.54 -20.18 0.39
CA SER C 493 -26.10 -18.90 0.81
C SER C 493 -27.13 -19.14 1.90
N TRP C 494 -27.41 -18.10 2.68
CA TRP C 494 -28.28 -18.24 3.84
C TRP C 494 -29.08 -16.97 4.04
N GLN C 495 -30.16 -17.10 4.81
CA GLN C 495 -31.00 -15.93 5.13
C GLN C 495 -31.77 -16.22 6.41
N PHE C 496 -31.64 -15.34 7.40
CA PHE C 496 -32.38 -15.39 8.64
C PHE C 496 -33.16 -14.10 8.79
N GLN C 497 -34.47 -14.20 8.97
CA GLN C 497 -35.32 -13.01 9.04
C GLN C 497 -36.20 -13.06 10.28
N PRO C 498 -36.04 -12.14 11.24
CA PRO C 498 -36.89 -12.12 12.43
C PRO C 498 -38.21 -11.37 12.26
N LEU C 499 -39.25 -12.06 11.80
CA LEU C 499 -40.55 -11.43 11.60
C LEU C 499 -41.26 -11.18 12.94
N LYS C 500 -42.45 -10.58 12.84
CA LYS C 500 -43.30 -10.33 14.01
C LYS C 500 -44.74 -10.27 13.52
N LEU C 501 -45.58 -11.19 14.02
CA LEU C 501 -46.91 -11.38 13.44
C LEU C 501 -48.04 -11.39 14.48
N ILE C 502 -47.73 -11.09 15.75
CA ILE C 502 -48.73 -11.12 16.82
C ILE C 502 -48.81 -9.72 17.43
N ARG C 503 -48.73 -8.70 16.57
CA ARG C 503 -48.43 -7.32 16.92
C ARG C 503 -48.97 -6.83 18.27
N TYR C 504 -50.25 -7.09 18.57
CA TYR C 504 -50.90 -6.49 19.74
C TYR C 504 -50.87 -7.47 20.91
N VAL C 505 -49.86 -7.34 21.76
CA VAL C 505 -49.78 -8.16 22.97
C VAL C 505 -49.60 -7.29 24.21
N THR C 506 -48.97 -6.13 24.06
CA THR C 506 -48.59 -5.30 25.20
C THR C 506 -49.00 -3.86 24.96
N THR C 507 -48.86 -3.04 26.02
CA THR C 507 -49.27 -1.64 25.94
C THR C 507 -48.44 -0.87 24.93
N PHE C 508 -47.13 -1.11 24.88
CA PHE C 508 -46.28 -0.45 23.90
C PHE C 508 -46.75 -0.76 22.48
N ASP C 509 -47.32 -1.94 22.27
CA ASP C 509 -47.86 -2.27 20.95
C ASP C 509 -49.01 -1.34 20.58
N PHE C 510 -49.91 -1.07 21.54
CA PHE C 510 -50.99 -0.13 21.28
C PHE C 510 -50.47 1.28 21.08
N PHE C 511 -49.43 1.66 21.83
CA PHE C 511 -48.81 2.97 21.63
C PHE C 511 -48.28 3.11 20.21
N LEU C 512 -47.58 2.09 19.72
CA LEU C 512 -47.08 2.11 18.35
C LEU C 512 -48.21 2.11 17.34
N ALA C 513 -49.30 1.39 17.62
CA ALA C 513 -50.45 1.39 16.73
C ALA C 513 -51.05 2.78 16.61
N ALA C 514 -51.19 3.49 17.74
CA ALA C 514 -51.69 4.86 17.69
C ALA C 514 -50.73 5.78 16.95
N CYS C 515 -49.43 5.61 17.17
CA CYS C 515 -48.46 6.42 16.44
C CYS C 515 -48.54 6.17 14.95
N GLU C 516 -48.88 4.95 14.53
CA GLU C 516 -49.03 4.66 13.12
C GLU C 516 -50.14 5.49 12.47
N ILE C 517 -51.31 5.55 13.10
CA ILE C 517 -52.40 6.33 12.52
C ILE C 517 -52.10 7.82 12.62
N ILE C 518 -51.37 8.25 13.65
CA ILE C 518 -50.93 9.65 13.67
C ILE C 518 -50.03 9.95 12.48
N PHE C 519 -49.13 9.03 12.15
CA PHE C 519 -48.27 9.18 10.98
C PHE C 519 -49.12 9.24 9.70
N CYS C 520 -50.15 8.41 9.62
CA CYS C 520 -51.02 8.44 8.45
C CYS C 520 -51.73 9.79 8.33
N PHE C 521 -52.18 10.36 9.44
CA PHE C 521 -52.80 11.68 9.41
C PHE C 521 -51.81 12.75 8.95
N PHE C 522 -50.57 12.68 9.45
CA PHE C 522 -49.56 13.63 9.00
C PHE C 522 -49.32 13.52 7.50
N ILE C 523 -49.23 12.30 6.99
CA ILE C 523 -49.00 12.11 5.56
C ILE C 523 -50.17 12.63 4.75
N PHE C 524 -51.40 12.37 5.21
CA PHE C 524 -52.57 12.88 4.51
C PHE C 524 -52.58 14.41 4.49
N TYR C 525 -52.25 15.04 5.62
CA TYR C 525 -52.21 16.49 5.66
C TYR C 525 -51.16 17.03 4.71
N TYR C 526 -49.97 16.42 4.71
CA TYR C 526 -48.90 16.89 3.82
C TYR C 526 -49.30 16.75 2.36
N VAL C 527 -49.88 15.62 1.98
CA VAL C 527 -50.21 15.41 0.58
C VAL C 527 -51.35 16.32 0.15
N VAL C 528 -52.34 16.55 1.03
CA VAL C 528 -53.44 17.43 0.65
C VAL C 528 -52.96 18.87 0.54
N GLU C 529 -52.07 19.30 1.44
CA GLU C 529 -51.51 20.64 1.32
C GLU C 529 -50.69 20.80 0.06
N GLU C 530 -49.86 19.80 -0.28
CA GLU C 530 -49.05 19.87 -1.48
C GLU C 530 -49.89 19.88 -2.76
N ILE C 531 -50.97 19.10 -2.81
CA ILE C 531 -51.81 19.10 -4.00
C ILE C 531 -52.67 20.35 -4.07
N LEU C 532 -53.04 20.91 -2.91
CA LEU C 532 -53.76 22.19 -2.90
C LEU C 532 -52.86 23.32 -3.40
N GLU C 533 -51.57 23.25 -3.08
CA GLU C 533 -50.62 24.24 -3.55
C GLU C 533 -50.44 24.22 -5.06
N ILE C 534 -50.77 23.12 -5.73
CA ILE C 534 -50.54 22.99 -7.17
C ILE C 534 -51.84 22.61 -7.88
N ARG C 535 -52.98 23.01 -7.32
CA ARG C 535 -54.23 22.82 -8.05
C ARG C 535 -54.19 23.68 -9.30
N ILE C 536 -54.21 25.00 -9.13
CA ILE C 536 -54.00 25.95 -10.20
C ILE C 536 -52.97 26.96 -9.73
N HIS C 537 -52.58 26.86 -8.47
CA HIS C 537 -51.66 27.80 -7.86
C HIS C 537 -50.22 27.45 -8.21
N LYS C 538 -49.48 28.44 -8.73
CA LYS C 538 -48.03 28.28 -9.00
C LYS C 538 -47.72 27.05 -9.83
N LEU C 539 -48.20 27.00 -11.07
CA LEU C 539 -47.89 25.88 -11.95
C LEU C 539 -46.38 25.71 -12.10
N HIS C 540 -45.95 24.45 -12.13
CA HIS C 540 -44.54 24.09 -12.31
C HIS C 540 -43.66 24.71 -11.22
N TYR C 541 -43.91 24.27 -9.99
CA TYR C 541 -43.12 24.67 -8.84
C TYR C 541 -41.85 23.84 -8.70
N PHE C 542 -41.55 22.99 -9.69
CA PHE C 542 -40.43 22.06 -9.60
C PHE C 542 -39.10 22.78 -9.73
N ARG C 543 -39.12 24.07 -10.05
CA ARG C 543 -37.88 24.85 -10.07
C ARG C 543 -37.22 24.88 -8.71
N SER C 544 -37.97 24.74 -7.62
CA SER C 544 -37.39 24.70 -6.29
C SER C 544 -36.86 23.31 -5.97
N PHE C 545 -36.06 23.23 -4.91
CA PHE C 545 -35.49 21.96 -4.48
C PHE C 545 -36.24 21.33 -3.31
N TRP C 546 -36.69 22.14 -2.34
CA TRP C 546 -37.42 21.60 -1.21
C TRP C 546 -38.74 20.97 -1.62
N ASN C 547 -39.38 21.48 -2.67
CA ASN C 547 -40.63 20.90 -3.13
C ASN C 547 -40.42 19.50 -3.69
N CYS C 548 -39.33 19.30 -4.43
CA CYS C 548 -39.01 17.95 -4.92
C CYS C 548 -38.75 17.01 -3.75
N LEU C 549 -38.05 17.50 -2.71
CA LEU C 549 -37.83 16.67 -1.54
C LEU C 549 -39.16 16.30 -0.87
N ASP C 550 -40.08 17.25 -0.77
CA ASP C 550 -41.37 16.97 -0.15
C ASP C 550 -42.17 15.95 -0.96
N VAL C 551 -42.17 16.08 -2.29
CA VAL C 551 -42.93 15.12 -3.08
C VAL C 551 -42.29 13.74 -3.02
N VAL C 552 -40.96 13.68 -2.98
CA VAL C 552 -40.29 12.38 -2.80
C VAL C 552 -40.67 11.76 -1.47
N ILE C 553 -40.70 12.58 -0.40
CA ILE C 553 -41.05 12.07 0.92
C ILE C 553 -42.48 11.52 0.92
N VAL C 554 -43.42 12.26 0.32
CA VAL C 554 -44.80 11.79 0.36
C VAL C 554 -44.98 10.54 -0.50
N VAL C 555 -44.30 10.46 -1.64
CA VAL C 555 -44.39 9.25 -2.47
C VAL C 555 -43.85 8.05 -1.73
N LEU C 556 -42.67 8.19 -1.11
CA LEU C 556 -42.09 7.08 -0.34
C LEU C 556 -43.01 6.69 0.81
N SER C 557 -43.59 7.67 1.49
CA SER C 557 -44.45 7.38 2.63
C SER C 557 -45.71 6.64 2.20
N VAL C 558 -46.34 7.06 1.11
CA VAL C 558 -47.55 6.37 0.69
C VAL C 558 -47.23 4.96 0.19
N VAL C 559 -46.08 4.78 -0.47
CA VAL C 559 -45.68 3.44 -0.88
C VAL C 559 -45.47 2.55 0.34
N ALA C 560 -44.80 3.07 1.38
CA ALA C 560 -44.58 2.28 2.58
C ALA C 560 -45.89 1.96 3.28
N ILE C 561 -46.82 2.91 3.32
CA ILE C 561 -48.12 2.66 3.94
C ILE C 561 -48.86 1.57 3.17
N GLY C 562 -48.83 1.63 1.84
CA GLY C 562 -49.49 0.59 1.05
C GLY C 562 -48.88 -0.78 1.28
N ILE C 563 -47.55 -0.85 1.35
CA ILE C 563 -46.88 -2.11 1.60
C ILE C 563 -47.27 -2.67 2.95
N ASN C 564 -47.29 -1.81 3.98
CA ASN C 564 -47.65 -2.26 5.32
C ASN C 564 -49.09 -2.77 5.36
N ILE C 565 -50.01 -2.03 4.75
CA ILE C 565 -51.41 -2.44 4.74
C ILE C 565 -51.56 -3.77 4.00
N TYR C 566 -50.86 -3.94 2.88
CA TYR C 566 -50.99 -5.14 2.09
C TYR C 566 -50.37 -6.36 2.78
N ARG C 567 -49.30 -6.19 3.54
CA ARG C 567 -48.67 -7.33 4.20
C ARG C 567 -49.28 -7.65 5.55
N THR C 568 -49.97 -6.70 6.19
CA THR C 568 -50.56 -6.97 7.50
C THR C 568 -52.02 -7.40 7.42
N SER C 569 -52.71 -7.13 6.31
CA SER C 569 -54.09 -7.55 6.17
C SER C 569 -54.23 -9.00 5.71
N ASN C 570 -53.13 -9.64 5.31
CA ASN C 570 -53.13 -11.03 4.86
C ASN C 570 -52.12 -11.87 5.64
N VAL C 571 -52.55 -12.32 6.82
CA VAL C 571 -51.75 -13.24 7.63
C VAL C 571 -52.51 -14.54 7.76
N GLU C 572 -53.32 -14.87 6.75
CA GLU C 572 -54.10 -16.10 6.77
C GLU C 572 -53.22 -17.34 6.77
N VAL C 573 -52.03 -17.15 6.22
CA VAL C 573 -51.08 -18.20 6.23
C VAL C 573 -50.68 -18.44 7.61
N LEU C 574 -51.04 -17.62 8.58
CA LEU C 574 -50.68 -17.93 9.90
C LEU C 574 -51.86 -18.47 10.59
N LEU C 575 -53.06 -18.27 10.09
CA LEU C 575 -54.20 -18.83 10.72
C LEU C 575 -54.19 -20.25 10.44
N GLN C 576 -53.93 -20.60 9.21
CA GLN C 576 -53.96 -21.97 8.84
C GLN C 576 -52.94 -22.73 9.56
N PHE C 577 -51.73 -22.34 9.44
CA PHE C 577 -50.78 -23.15 10.18
C PHE C 577 -51.28 -23.45 11.60
N LEU C 578 -51.94 -22.49 12.22
CA LEU C 578 -52.44 -22.70 13.57
C LEU C 578 -53.55 -23.75 13.61
N GLU C 579 -54.33 -23.89 12.54
CA GLU C 579 -55.33 -24.96 12.50
C GLU C 579 -54.68 -26.34 12.60
N ASP C 580 -53.67 -26.58 11.77
CA ASP C 580 -52.93 -27.85 11.77
C ASP C 580 -51.45 -27.54 11.91
N GLN C 581 -50.88 -27.88 13.07
CA GLN C 581 -49.48 -27.59 13.38
C GLN C 581 -48.57 -28.75 13.03
N ASN C 582 -48.93 -29.57 12.04
CA ASN C 582 -48.09 -30.67 11.57
C ASN C 582 -47.72 -30.50 10.10
N THR C 583 -47.80 -29.28 9.58
CA THR C 583 -47.52 -28.99 8.18
C THR C 583 -46.37 -27.99 8.08
N PHE C 584 -46.13 -27.51 6.88
CA PHE C 584 -45.06 -26.55 6.64
C PHE C 584 -45.59 -25.14 6.75
N PRO C 585 -45.08 -24.31 7.67
CA PRO C 585 -45.50 -22.90 7.74
C PRO C 585 -44.82 -22.06 6.67
N ASN C 586 -45.60 -21.62 5.70
CA ASN C 586 -45.09 -20.91 4.52
C ASN C 586 -45.05 -19.42 4.84
N PHE C 587 -43.86 -18.92 5.22
CA PHE C 587 -43.71 -17.55 5.67
C PHE C 587 -42.70 -16.75 4.83
N GLU C 588 -42.37 -17.21 3.63
CA GLU C 588 -41.34 -16.51 2.87
C GLU C 588 -41.84 -15.19 2.28
N HIS C 589 -43.11 -15.13 1.88
CA HIS C 589 -43.66 -13.88 1.36
C HIS C 589 -43.64 -12.79 2.41
N LEU C 590 -43.99 -13.14 3.65
CA LEU C 590 -43.97 -12.15 4.73
C LEU C 590 -42.56 -11.63 4.97
N ALA C 591 -41.56 -12.51 4.94
CA ALA C 591 -40.18 -12.06 5.12
C ALA C 591 -39.74 -11.14 3.98
N TYR C 592 -40.09 -11.50 2.74
CA TYR C 592 -39.71 -10.66 1.61
C TYR C 592 -40.34 -9.27 1.72
N TRP C 593 -41.62 -9.21 2.06
CA TRP C 593 -42.28 -7.91 2.16
C TRP C 593 -41.81 -7.13 3.37
N GLN C 594 -41.43 -7.80 4.46
CA GLN C 594 -40.85 -7.10 5.60
C GLN C 594 -39.52 -6.47 5.22
N ILE C 595 -38.70 -7.18 4.45
CA ILE C 595 -37.44 -6.60 4.00
C ILE C 595 -37.69 -5.39 3.11
N GLN C 596 -38.65 -5.49 2.18
CA GLN C 596 -38.97 -4.35 1.33
C GLN C 596 -39.43 -3.16 2.16
N PHE C 597 -40.29 -3.41 3.14
CA PHE C 597 -40.79 -2.33 3.99
C PHE C 597 -39.66 -1.69 4.79
N ASN C 598 -38.73 -2.50 5.29
CA ASN C 598 -37.60 -1.95 6.03
C ASN C 598 -36.75 -1.05 5.16
N ASN C 599 -36.48 -1.48 3.93
CA ASN C 599 -35.69 -0.64 3.02
C ASN C 599 -36.39 0.69 2.76
N ILE C 600 -37.69 0.63 2.46
CA ILE C 600 -38.43 1.86 2.14
C ILE C 600 -38.46 2.79 3.35
N ALA C 601 -38.69 2.24 4.55
CA ALA C 601 -38.75 3.07 5.74
C ALA C 601 -37.40 3.71 6.05
N ALA C 602 -36.32 2.95 5.89
CA ALA C 602 -34.99 3.53 6.15
C ALA C 602 -34.68 4.67 5.20
N VAL C 603 -34.99 4.49 3.90
CA VAL C 603 -34.74 5.57 2.95
C VAL C 603 -35.62 6.78 3.28
N THR C 604 -36.88 6.55 3.66
CA THR C 604 -37.76 7.65 4.01
C THR C 604 -37.23 8.42 5.21
N VAL C 605 -36.74 7.73 6.23
CA VAL C 605 -36.20 8.40 7.40
C VAL C 605 -34.97 9.22 7.02
N PHE C 606 -34.09 8.65 6.20
CA PHE C 606 -32.92 9.40 5.76
C PHE C 606 -33.31 10.66 5.02
N PHE C 607 -34.32 10.58 4.16
CA PHE C 607 -34.70 11.78 3.40
C PHE C 607 -35.45 12.79 4.26
N VAL C 608 -36.17 12.34 5.29
CA VAL C 608 -36.82 13.26 6.20
C VAL C 608 -35.78 14.02 7.03
N TRP C 609 -34.70 13.36 7.43
CA TRP C 609 -33.73 14.01 8.31
C TRP C 609 -33.04 15.19 7.62
N ILE C 610 -32.82 15.11 6.30
CA ILE C 610 -32.06 16.15 5.62
C ILE C 610 -32.97 17.31 5.24
N LYS C 611 -34.19 17.31 5.78
CA LYS C 611 -35.10 18.43 5.60
C LYS C 611 -34.91 19.52 6.66
N LEU C 612 -34.01 19.31 7.62
CA LEU C 612 -33.72 20.35 8.60
C LEU C 612 -33.01 21.53 7.95
N PHE C 613 -32.31 21.30 6.84
CA PHE C 613 -31.60 22.37 6.17
C PHE C 613 -32.53 23.46 5.69
N LYS C 614 -33.82 23.16 5.54
CA LYS C 614 -34.82 24.16 5.21
C LYS C 614 -35.04 25.17 6.33
N PHE C 615 -34.61 24.86 7.56
CA PHE C 615 -34.93 25.68 8.71
C PHE C 615 -33.72 26.25 9.43
N ILE C 616 -32.52 25.74 9.20
CA ILE C 616 -31.32 26.23 9.90
C ILE C 616 -30.78 27.40 9.09
N ASN C 617 -31.40 28.56 9.29
CA ASN C 617 -30.94 29.82 8.72
C ASN C 617 -31.10 30.95 9.73
N PHE C 618 -31.13 30.62 11.02
CA PHE C 618 -31.49 31.57 12.06
C PHE C 618 -30.50 32.71 12.18
N ASN C 619 -29.21 32.43 12.12
CA ASN C 619 -28.22 33.51 12.15
C ASN C 619 -27.77 33.82 10.72
N ARG C 620 -26.75 34.66 10.59
CA ARG C 620 -26.23 35.04 9.29
C ARG C 620 -25.15 34.09 8.78
N THR C 621 -24.38 33.48 9.69
CA THR C 621 -23.34 32.55 9.26
C THR C 621 -23.94 31.32 8.60
N MET C 622 -25.03 30.79 9.17
CA MET C 622 -25.71 29.67 8.54
C MET C 622 -26.29 30.05 7.18
N SER C 623 -26.78 31.29 7.06
CA SER C 623 -27.27 31.75 5.77
C SER C 623 -26.16 31.78 4.73
N GLN C 624 -24.99 32.31 5.10
CA GLN C 624 -23.86 32.32 4.18
C GLN C 624 -23.44 30.91 3.80
N LEU C 625 -23.39 30.00 4.78
CA LEU C 625 -23.00 28.63 4.49
C LEU C 625 -23.99 27.95 3.54
N SER C 626 -25.29 28.14 3.78
CA SER C 626 -26.28 27.52 2.90
C SER C 626 -26.24 28.12 1.50
N THR C 627 -26.05 29.43 1.40
CA THR C 627 -25.94 30.06 0.09
C THR C 627 -24.74 29.53 -0.68
N THR C 628 -23.60 29.40 0.01
CA THR C 628 -22.41 28.86 -0.63
C THR C 628 -22.63 27.41 -1.06
N MET C 629 -23.25 26.61 -0.20
CA MET C 629 -23.49 25.21 -0.53
C MET C 629 -24.42 25.07 -1.72
N SER C 630 -25.45 25.89 -1.80
CA SER C 630 -26.37 25.81 -2.94
C SER C 630 -25.76 26.35 -4.22
N ARG C 631 -24.91 27.38 -4.13
CA ARG C 631 -24.36 27.98 -5.33
C ARG C 631 -23.24 27.15 -5.96
N CYS C 632 -22.68 26.18 -5.21
CA CYS C 632 -21.68 25.28 -5.74
C CYS C 632 -22.27 23.96 -6.22
N ALA C 633 -23.56 23.93 -6.52
CA ALA C 633 -24.21 22.69 -6.94
C ALA C 633 -24.00 22.41 -8.42
N LYS C 634 -24.21 23.41 -9.28
CA LYS C 634 -24.10 23.19 -10.71
C LYS C 634 -22.68 22.83 -11.14
N ASP C 635 -21.68 23.52 -10.58
CA ASP C 635 -20.30 23.22 -10.93
C ASP C 635 -19.91 21.82 -10.48
N LEU C 636 -20.31 21.44 -9.27
CA LEU C 636 -20.01 20.10 -8.77
C LEU C 636 -20.72 19.02 -9.59
N PHE C 637 -21.96 19.27 -10.01
CA PHE C 637 -22.66 18.30 -10.85
C PHE C 637 -21.96 18.16 -12.20
N GLY C 638 -21.58 19.28 -12.80
CA GLY C 638 -20.89 19.24 -14.07
C GLY C 638 -19.59 18.48 -13.99
N PHE C 639 -18.80 18.71 -12.94
CA PHE C 639 -17.55 17.98 -12.81
C PHE C 639 -17.75 16.53 -12.39
N ALA C 640 -18.83 16.24 -11.66
CA ALA C 640 -19.12 14.85 -11.31
C ALA C 640 -19.45 14.03 -12.54
N ILE C 641 -20.06 14.65 -13.55
CA ILE C 641 -20.31 13.93 -14.80
C ILE C 641 -18.99 13.43 -15.40
N MET C 642 -18.00 14.32 -15.51
CA MET C 642 -16.70 13.95 -16.05
C MET C 642 -16.00 12.92 -15.17
N PHE C 643 -16.06 13.13 -13.85
CA PHE C 643 -15.44 12.20 -12.92
C PHE C 643 -16.00 10.80 -13.10
N PHE C 644 -17.32 10.69 -13.24
CA PHE C 644 -17.92 9.36 -13.38
C PHE C 644 -17.68 8.77 -14.75
N ILE C 645 -17.55 9.60 -15.79
CA ILE C 645 -17.13 9.07 -17.09
C ILE C 645 -15.78 8.37 -16.97
N ILE C 646 -14.82 9.05 -16.33
CA ILE C 646 -13.49 8.46 -16.16
C ILE C 646 -13.57 7.22 -15.27
N PHE C 647 -14.36 7.30 -14.20
CA PHE C 647 -14.51 6.18 -13.27
C PHE C 647 -15.03 4.94 -13.98
N LEU C 648 -16.06 5.11 -14.82
CA LEU C 648 -16.63 3.98 -15.53
C LEU C 648 -15.71 3.46 -16.61
N ALA C 649 -14.93 4.32 -17.26
CA ALA C 649 -13.94 3.83 -18.21
C ALA C 649 -12.92 2.92 -17.52
N TYR C 650 -12.41 3.36 -16.37
CA TYR C 650 -11.49 2.52 -15.61
C TYR C 650 -12.15 1.23 -15.14
N ALA C 651 -13.42 1.32 -14.73
CA ALA C 651 -14.13 0.12 -14.27
C ALA C 651 -14.27 -0.89 -15.40
N GLN C 652 -14.58 -0.43 -16.61
CA GLN C 652 -14.69 -1.33 -17.74
C GLN C 652 -13.34 -1.95 -18.08
N LEU C 653 -12.27 -1.17 -18.05
CA LEU C 653 -10.94 -1.73 -18.29
C LEU C 653 -10.62 -2.82 -17.28
N ALA C 654 -10.87 -2.54 -15.99
CA ALA C 654 -10.59 -3.53 -14.95
C ALA C 654 -11.43 -4.77 -15.13
N TYR C 655 -12.71 -4.60 -15.49
CA TYR C 655 -13.59 -5.75 -15.70
C TYR C 655 -13.09 -6.61 -16.85
N LEU C 656 -12.65 -5.99 -17.94
CA LEU C 656 -12.19 -6.76 -19.08
C LEU C 656 -10.85 -7.45 -18.81
N VAL C 657 -10.02 -6.86 -17.96
CA VAL C 657 -8.69 -7.45 -17.71
C VAL C 657 -8.74 -8.51 -16.62
N PHE C 658 -9.34 -8.21 -15.46
CA PHE C 658 -9.32 -9.11 -14.32
C PHE C 658 -10.63 -9.85 -14.10
N GLY C 659 -11.54 -9.84 -15.08
CA GLY C 659 -12.89 -10.32 -14.84
C GLY C 659 -13.03 -11.81 -14.63
N THR C 660 -11.99 -12.59 -14.85
CA THR C 660 -12.07 -14.04 -14.68
C THR C 660 -11.01 -14.60 -13.74
N GLN C 661 -10.29 -13.76 -13.02
CA GLN C 661 -9.18 -14.24 -12.20
C GLN C 661 -9.18 -13.74 -10.76
N VAL C 662 -9.68 -12.54 -10.47
CA VAL C 662 -9.36 -11.88 -9.20
C VAL C 662 -10.44 -12.14 -8.15
N ASP C 663 -11.70 -12.08 -8.56
CA ASP C 663 -12.96 -12.17 -7.83
C ASP C 663 -13.39 -10.86 -7.17
N ASP C 664 -12.58 -9.82 -7.20
CA ASP C 664 -13.06 -8.48 -6.88
C ASP C 664 -13.54 -7.75 -8.12
N PHE C 665 -13.33 -8.34 -9.30
CA PHE C 665 -13.78 -7.80 -10.57
C PHE C 665 -14.66 -8.79 -11.31
N SER C 666 -15.33 -9.68 -10.59
CA SER C 666 -16.15 -10.71 -11.23
C SER C 666 -17.29 -10.11 -12.02
N THR C 667 -17.94 -9.09 -11.45
CA THR C 667 -19.05 -8.40 -12.09
C THR C 667 -18.74 -6.91 -12.17
N PHE C 668 -19.51 -6.21 -13.00
CA PHE C 668 -19.26 -4.79 -13.22
C PHE C 668 -19.45 -3.99 -11.94
N GLN C 669 -20.53 -4.27 -11.20
CA GLN C 669 -20.75 -3.56 -9.93
C GLN C 669 -19.67 -3.90 -8.92
N GLU C 670 -19.16 -5.13 -8.94
CA GLU C 670 -18.03 -5.47 -8.10
C GLU C 670 -16.81 -4.64 -8.46
N CYS C 671 -16.60 -4.39 -9.75
CA CYS C 671 -15.52 -3.51 -10.17
C CYS C 671 -15.71 -2.10 -9.64
N ILE C 672 -16.95 -1.58 -9.68
CA ILE C 672 -17.20 -0.24 -9.17
C ILE C 672 -16.91 -0.16 -7.68
N PHE C 673 -17.39 -1.15 -6.92
CA PHE C 673 -17.16 -1.15 -5.48
C PHE C 673 -15.69 -1.29 -5.16
N THR C 674 -14.97 -2.15 -5.89
CA THR C 674 -13.55 -2.32 -5.66
C THR C 674 -12.78 -1.04 -5.99
N GLN C 675 -13.17 -0.33 -7.04
CA GLN C 675 -12.54 0.95 -7.33
C GLN C 675 -12.80 1.96 -6.23
N PHE C 676 -14.00 1.96 -5.66
CA PHE C 676 -14.27 2.86 -4.54
C PHE C 676 -13.47 2.47 -3.30
N ARG C 677 -13.18 1.18 -3.12
CA ARG C 677 -12.37 0.74 -1.99
C ARG C 677 -10.87 0.91 -2.21
N ILE C 678 -10.42 1.00 -3.46
CA ILE C 678 -9.00 1.27 -3.73
C ILE C 678 -8.61 2.63 -3.18
N ILE C 679 -9.50 3.62 -3.30
CA ILE C 679 -9.22 4.97 -2.83
C ILE C 679 -8.91 4.96 -1.35
N LEU C 680 -9.63 4.14 -0.58
CA LEU C 680 -9.43 4.03 0.85
C LEU C 680 -8.37 3.01 1.22
N GLY C 681 -7.75 2.36 0.24
CA GLY C 681 -6.68 1.42 0.51
C GLY C 681 -7.13 0.14 1.18
N ASP C 682 -7.95 -0.65 0.48
CA ASP C 682 -8.51 -1.87 1.04
C ASP C 682 -8.37 -3.07 0.10
N ILE C 683 -7.44 -3.04 -0.85
CA ILE C 683 -7.28 -4.15 -1.78
C ILE C 683 -5.97 -4.88 -1.51
N ASN C 684 -5.74 -5.96 -2.25
CA ASN C 684 -4.54 -6.77 -2.06
C ASN C 684 -3.39 -6.26 -2.94
N PHE C 685 -3.62 -6.23 -4.26
CA PHE C 685 -2.64 -5.89 -5.28
C PHE C 685 -1.62 -7.02 -5.45
N ALA C 686 -1.63 -7.99 -4.54
CA ALA C 686 -0.81 -9.17 -4.75
C ALA C 686 -1.45 -10.09 -5.79
N GLU C 687 -2.77 -10.13 -5.84
CA GLU C 687 -3.50 -10.89 -6.84
C GLU C 687 -3.72 -10.10 -8.13
N ILE C 688 -3.75 -8.78 -8.06
CA ILE C 688 -3.87 -7.97 -9.28
C ILE C 688 -2.59 -8.07 -10.10
N GLU C 689 -1.44 -7.97 -9.43
CA GLU C 689 -0.15 -7.98 -10.13
C GLU C 689 0.18 -9.34 -10.72
N GLU C 690 -0.30 -10.43 -10.12
CA GLU C 690 -0.02 -11.76 -10.64
C GLU C 690 -1.02 -12.23 -11.68
N ALA C 691 -2.26 -11.71 -11.66
CA ALA C 691 -3.22 -12.04 -12.69
C ALA C 691 -2.79 -11.50 -14.05
N ASN C 692 -2.10 -10.38 -14.08
CA ASN C 692 -1.56 -9.83 -15.30
C ASN C 692 -0.34 -8.98 -14.96
N ARG C 693 0.84 -9.43 -15.38
CA ARG C 693 2.09 -8.78 -14.99
C ARG C 693 2.30 -7.44 -15.67
N VAL C 694 1.95 -7.33 -16.94
CA VAL C 694 1.92 -6.06 -17.66
C VAL C 694 0.46 -5.71 -17.89
N LEU C 695 0.14 -4.42 -17.83
CA LEU C 695 -1.18 -3.83 -17.92
C LEU C 695 -1.97 -4.04 -16.63
N GLY C 696 -1.46 -4.83 -15.68
CA GLY C 696 -2.06 -4.94 -14.38
C GLY C 696 -1.63 -3.80 -13.49
N PRO C 697 -0.31 -3.67 -13.26
CA PRO C 697 0.19 -2.52 -12.51
C PRO C 697 0.04 -1.18 -13.20
N ILE C 698 -0.03 -1.14 -14.53
CA ILE C 698 -0.25 0.12 -15.23
C ILE C 698 -1.59 0.72 -14.81
N TYR C 699 -2.63 -0.10 -14.79
CA TYR C 699 -3.95 0.34 -14.35
C TYR C 699 -3.89 0.90 -12.93
N PHE C 700 -3.23 0.16 -12.03
CA PHE C 700 -3.18 0.58 -10.63
C PHE C 700 -2.47 1.93 -10.48
N THR C 701 -1.28 2.06 -11.08
CA THR C 701 -0.52 3.29 -10.91
C THR C 701 -1.23 4.49 -11.53
N THR C 702 -1.74 4.33 -12.76
CA THR C 702 -2.42 5.45 -13.40
C THR C 702 -3.69 5.84 -12.64
N PHE C 703 -4.45 4.84 -12.16
CA PHE C 703 -5.65 5.12 -11.39
C PHE C 703 -5.32 5.91 -10.14
N VAL C 704 -4.33 5.45 -9.37
CA VAL C 704 -3.97 6.14 -8.14
C VAL C 704 -3.52 7.56 -8.43
N PHE C 705 -2.65 7.73 -9.43
CA PHE C 705 -2.14 9.07 -9.74
C PHE C 705 -3.28 10.01 -10.13
N PHE C 706 -4.12 9.60 -11.07
CA PHE C 706 -5.16 10.50 -11.56
C PHE C 706 -6.22 10.76 -10.51
N MET C 707 -6.53 9.80 -9.66
CA MET C 707 -7.54 10.04 -8.63
C MET C 707 -7.03 10.96 -7.54
N PHE C 708 -5.80 10.75 -7.07
CA PHE C 708 -5.33 11.54 -5.94
C PHE C 708 -4.81 12.90 -6.35
N PHE C 709 -3.96 12.95 -7.38
CA PHE C 709 -3.24 14.18 -7.68
C PHE C 709 -3.97 15.10 -8.65
N ILE C 710 -5.12 14.68 -9.19
CA ILE C 710 -5.80 15.52 -10.17
C ILE C 710 -7.23 15.82 -9.74
N LEU C 711 -8.08 14.80 -9.63
CA LEU C 711 -9.51 15.01 -9.49
C LEU C 711 -9.89 15.55 -8.11
N LEU C 712 -9.26 15.05 -7.04
CA LEU C 712 -9.54 15.56 -5.71
C LEU C 712 -9.17 17.04 -5.60
N ASN C 713 -8.02 17.40 -6.17
CA ASN C 713 -7.61 18.79 -6.20
C ASN C 713 -8.55 19.66 -7.02
N MET C 714 -9.12 19.14 -8.11
CA MET C 714 -10.10 19.92 -8.86
C MET C 714 -11.38 20.14 -8.06
N PHE C 715 -11.83 19.11 -7.34
CA PHE C 715 -12.99 19.30 -6.47
C PHE C 715 -12.74 20.40 -5.45
N LEU C 716 -11.59 20.34 -4.77
CA LEU C 716 -11.31 21.36 -3.76
C LEU C 716 -11.11 22.74 -4.38
N ALA C 717 -10.53 22.80 -5.58
CA ALA C 717 -10.38 24.09 -6.25
C ALA C 717 -11.72 24.72 -6.57
N ILE C 718 -12.66 23.91 -7.08
CA ILE C 718 -13.99 24.44 -7.38
C ILE C 718 -14.65 24.96 -6.11
N ILE C 719 -14.57 24.17 -5.03
CA ILE C 719 -15.21 24.58 -3.78
C ILE C 719 -14.58 25.87 -3.24
N ASN C 720 -13.27 25.94 -3.23
CA ASN C 720 -12.60 27.16 -2.76
C ASN C 720 -13.00 28.34 -3.59
N ASP C 721 -12.99 28.29 -4.90
CA ASP C 721 -13.34 29.44 -5.72
C ASP C 721 -14.78 29.87 -5.48
N THR C 722 -15.71 28.92 -5.41
CA THR C 722 -17.10 29.27 -5.20
C THR C 722 -17.32 29.93 -3.84
N TYR C 723 -16.70 29.38 -2.79
CA TYR C 723 -16.86 29.98 -1.46
C TYR C 723 -16.31 31.40 -1.44
N SER C 724 -15.14 31.61 -2.04
CA SER C 724 -14.55 32.94 -2.05
C SER C 724 -15.45 33.92 -2.80
N GLU C 725 -15.98 33.52 -3.96
CA GLU C 725 -16.83 34.43 -4.72
C GLU C 725 -18.12 34.76 -3.98
N VAL C 726 -18.72 33.76 -3.33
CA VAL C 726 -19.96 34.01 -2.59
C VAL C 726 -19.71 34.97 -1.43
N LYS C 727 -18.65 34.71 -0.65
CA LYS C 727 -18.37 35.62 0.45
C LYS C 727 -18.07 37.01 -0.06
N SER C 728 -17.34 37.11 -1.18
CA SER C 728 -16.98 38.42 -1.72
C SER C 728 -18.20 39.20 -2.18
N ASP C 729 -19.12 38.56 -2.92
CA ASP C 729 -20.23 39.38 -3.43
C ASP C 729 -21.30 39.63 -2.38
N LEU C 730 -21.46 38.76 -1.38
CA LEU C 730 -22.30 39.15 -0.24
C LEU C 730 -21.65 40.25 0.60
N ALA C 731 -20.32 40.31 0.67
CA ALA C 731 -19.67 41.45 1.30
C ALA C 731 -19.69 42.69 0.41
N GLN C 732 -19.95 42.52 -0.89
CA GLN C 732 -20.01 43.65 -1.80
C GLN C 732 -21.40 44.29 -1.80
N GLN C 733 -22.45 43.50 -2.02
CA GLN C 733 -23.80 44.06 -2.06
C GLN C 733 -24.22 44.57 -0.69
N LYS C 734 -23.78 43.90 0.37
CA LYS C 734 -24.02 44.35 1.73
C LYS C 734 -22.82 45.15 2.23
N ALA C 735 -23.07 46.01 3.21
CA ALA C 735 -22.09 46.88 3.85
C ALA C 735 -21.48 47.90 2.89
N GLU C 736 -21.98 47.98 1.65
CA GLU C 736 -21.51 48.98 0.70
C GLU C 736 -22.68 49.76 0.11
N MET C 737 -23.90 49.36 0.39
CA MET C 737 -25.09 50.05 -0.10
C MET C 737 -25.79 50.79 1.03
N SER D 258 6.61 41.67 32.02
CA SER D 258 5.40 41.03 32.54
C SER D 258 5.17 39.67 31.89
N VAL D 259 5.34 39.63 30.57
CA VAL D 259 5.14 38.39 29.83
C VAL D 259 6.18 37.35 30.22
N LEU D 260 7.41 37.80 30.49
CA LEU D 260 8.48 36.86 30.82
C LEU D 260 8.18 36.12 32.13
N ARG D 261 7.62 36.81 33.12
CA ARG D 261 7.26 36.16 34.37
C ARG D 261 6.21 35.08 34.14
N GLU D 262 5.20 35.39 33.35
CA GLU D 262 4.17 34.40 33.03
C GLU D 262 4.78 33.22 32.29
N LEU D 263 5.69 33.49 31.37
CA LEU D 263 6.33 32.41 30.63
C LEU D 263 7.12 31.49 31.55
N VAL D 264 7.93 32.06 32.44
CA VAL D 264 8.77 31.22 33.28
C VAL D 264 7.92 30.43 34.29
N THR D 265 6.88 31.06 34.85
CA THR D 265 6.04 30.31 35.77
C THR D 265 5.25 29.21 35.06
N TYR D 266 4.84 29.45 33.80
CA TYR D 266 4.18 28.39 33.05
C TYR D 266 5.12 27.24 32.74
N LEU D 267 6.37 27.55 32.36
CA LEU D 267 7.33 26.46 32.13
C LEU D 267 7.60 25.68 33.40
N LEU D 268 7.67 26.35 34.56
CA LEU D 268 7.82 25.60 35.80
C LEU D 268 6.61 24.72 36.08
N PHE D 269 5.41 25.27 35.91
CA PHE D 269 4.19 24.50 36.16
C PHE D 269 4.05 23.35 35.18
N LEU D 270 4.64 23.46 33.99
CA LEU D 270 4.56 22.39 33.01
C LEU D 270 5.63 21.34 33.26
N ILE D 271 6.83 21.75 33.68
CA ILE D 271 7.89 20.79 33.93
C ILE D 271 7.59 19.98 35.18
N VAL D 272 6.91 20.57 36.17
CA VAL D 272 6.51 19.76 37.32
C VAL D 272 5.41 18.78 36.92
N LEU D 273 4.47 19.20 36.08
CA LEU D 273 3.34 18.37 35.70
C LEU D 273 3.73 17.22 34.77
N CYS D 274 4.65 17.46 33.83
CA CYS D 274 5.04 16.41 32.90
C CYS D 274 5.88 15.32 33.54
N ILE D 275 6.43 15.56 34.73
CA ILE D 275 7.09 14.50 35.50
C ILE D 275 6.22 13.97 36.62
N LEU D 276 5.20 14.70 37.05
CA LEU D 276 4.21 14.13 37.96
C LEU D 276 3.37 13.06 37.29
N THR D 277 3.05 13.22 36.00
CA THR D 277 2.31 12.20 35.27
C THR D 277 3.20 11.02 34.93
N TYR D 278 4.53 11.22 34.91
CA TYR D 278 5.44 10.11 34.63
C TYR D 278 5.31 9.01 35.67
N GLY D 279 5.15 9.40 36.94
CA GLY D 279 4.98 8.42 38.00
C GLY D 279 3.64 7.71 37.98
N MET D 280 2.71 8.14 37.14
CA MET D 280 1.43 7.47 36.99
C MET D 280 1.42 6.47 35.84
N MET D 281 2.11 6.78 34.75
CA MET D 281 2.17 5.87 33.60
C MET D 281 3.39 4.95 33.64
N SER D 282 4.37 5.23 34.50
CA SER D 282 5.59 4.43 34.57
C SER D 282 5.58 3.44 35.73
N SER D 283 4.41 3.10 36.25
CA SER D 283 4.30 2.16 37.36
C SER D 283 4.11 0.72 36.89
N ASN D 284 4.04 0.49 35.58
CA ASN D 284 3.88 -0.86 35.01
C ASN D 284 2.62 -1.54 35.53
N VAL D 285 1.59 -0.73 35.78
CA VAL D 285 0.29 -1.32 36.12
C VAL D 285 -0.32 -2.03 34.92
N TYR D 286 -0.11 -1.49 33.71
CA TYR D 286 -0.65 -2.11 32.51
C TYR D 286 -0.12 -3.52 32.34
N TYR D 287 1.16 -3.73 32.64
CA TYR D 287 1.74 -5.07 32.52
C TYR D 287 1.05 -6.05 33.45
N TYR D 288 0.80 -5.65 34.70
CA TYR D 288 0.14 -6.53 35.65
C TYR D 288 -1.28 -6.83 35.20
N THR D 289 -2.00 -5.80 34.76
CA THR D 289 -3.39 -6.00 34.35
C THR D 289 -3.47 -6.94 33.16
N ARG D 290 -2.59 -6.76 32.17
CA ARG D 290 -2.63 -7.66 31.02
C ARG D 290 -2.15 -9.05 31.37
N MET D 291 -1.19 -9.17 32.30
CA MET D 291 -0.76 -10.49 32.75
C MET D 291 -1.93 -11.25 33.38
N MET D 292 -2.69 -10.57 34.24
CA MET D 292 -3.89 -11.18 34.81
C MET D 292 -4.93 -11.49 33.75
N SER D 293 -5.09 -10.63 32.75
CA SER D 293 -6.07 -10.87 31.70
C SER D 293 -5.75 -12.13 30.93
N GLN D 294 -4.49 -12.29 30.49
CA GLN D 294 -4.11 -13.55 29.85
C GLN D 294 -4.17 -14.73 30.81
N LEU D 295 -3.89 -14.52 32.09
CA LEU D 295 -3.93 -15.63 33.04
C LEU D 295 -5.35 -16.17 33.21
N PHE D 296 -6.34 -15.28 33.21
CA PHE D 296 -7.70 -15.69 33.54
C PHE D 296 -8.62 -15.88 32.34
N LEU D 297 -8.34 -15.23 31.21
CA LEU D 297 -9.32 -15.19 30.12
C LEU D 297 -9.11 -16.29 29.09
N ASP D 298 -7.96 -16.30 28.42
CA ASP D 298 -7.77 -17.10 27.22
C ASP D 298 -7.19 -18.48 27.47
N THR D 299 -6.85 -18.80 28.71
CA THR D 299 -6.38 -20.16 29.01
C THR D 299 -7.52 -21.13 28.84
N PRO D 300 -7.33 -22.26 28.14
CA PRO D 300 -8.44 -23.19 27.91
C PRO D 300 -9.03 -23.74 29.19
N VAL D 301 -10.33 -24.07 29.16
CA VAL D 301 -10.99 -24.62 30.34
C VAL D 301 -10.33 -25.92 30.76
N SER D 302 -10.05 -26.80 29.79
CA SER D 302 -9.32 -28.03 30.06
C SER D 302 -8.63 -28.44 28.77
N LYS D 303 -7.65 -29.35 28.89
CA LYS D 303 -6.87 -29.76 27.74
C LYS D 303 -7.71 -30.46 26.67
N THR D 304 -8.87 -30.99 27.04
CA THR D 304 -9.71 -31.69 26.06
C THR D 304 -10.71 -30.78 25.36
N GLU D 305 -10.84 -29.53 25.80
CA GLU D 305 -11.70 -28.56 25.13
C GLU D 305 -10.85 -27.38 24.66
N LYS D 306 -11.02 -27.01 23.39
CA LYS D 306 -10.33 -25.86 22.82
C LYS D 306 -11.17 -24.59 22.94
N THR D 307 -11.63 -24.29 24.15
CA THR D 307 -12.48 -23.14 24.41
C THR D 307 -11.99 -22.40 25.65
N ASN D 308 -12.27 -21.10 25.70
CA ASN D 308 -11.85 -20.25 26.80
C ASN D 308 -13.03 -19.38 27.22
N PHE D 309 -12.81 -18.53 28.23
CA PHE D 309 -13.87 -17.67 28.72
C PHE D 309 -14.32 -16.66 27.68
N LYS D 310 -13.44 -16.23 26.78
CA LYS D 310 -13.81 -15.26 25.78
C LYS D 310 -14.72 -15.83 24.70
N THR D 311 -14.79 -17.16 24.57
CA THR D 311 -15.56 -17.80 23.52
C THR D 311 -16.56 -18.78 24.10
N LEU D 312 -17.09 -18.49 25.29
CA LEU D 312 -18.14 -19.32 25.84
C LEU D 312 -19.41 -19.20 25.00
N SER D 313 -20.12 -20.32 24.86
CA SER D 313 -21.33 -20.34 24.06
C SER D 313 -22.50 -21.08 24.69
N SER D 314 -22.30 -21.85 25.76
CA SER D 314 -23.36 -22.64 26.35
C SER D 314 -23.26 -22.57 27.87
N MET D 315 -24.34 -22.98 28.52
CA MET D 315 -24.36 -23.05 29.98
C MET D 315 -23.39 -24.12 30.49
N GLU D 316 -23.29 -25.25 29.79
CA GLU D 316 -22.33 -26.27 30.15
C GLU D 316 -20.90 -25.75 30.06
N ASP D 317 -20.63 -24.85 29.11
CA ASP D 317 -19.32 -24.21 29.05
C ASP D 317 -19.06 -23.40 30.31
N PHE D 318 -20.08 -22.69 30.81
CA PHE D 318 -19.92 -21.94 32.06
C PHE D 318 -19.66 -22.88 33.23
N TRP D 319 -20.39 -24.00 33.30
CA TRP D 319 -20.13 -24.95 34.39
C TRP D 319 -18.74 -25.54 34.29
N LYS D 320 -18.24 -25.78 33.08
CA LYS D 320 -16.87 -26.26 32.93
C LYS D 320 -15.87 -25.21 33.38
N PHE D 321 -16.11 -23.94 33.03
CA PHE D 321 -15.19 -22.87 33.40
C PHE D 321 -15.14 -22.67 34.91
N THR D 322 -16.30 -22.71 35.57
CA THR D 322 -16.31 -22.44 37.01
C THR D 322 -15.63 -23.54 37.81
N GLU D 323 -15.48 -24.73 37.24
CA GLU D 323 -14.70 -25.82 37.84
C GLU D 323 -13.60 -26.14 36.84
N GLY D 324 -12.50 -25.41 36.92
CA GLY D 324 -11.50 -25.48 35.88
C GLY D 324 -10.50 -24.34 35.95
N SER D 325 -10.35 -23.62 34.84
CA SER D 325 -9.36 -22.54 34.75
C SER D 325 -9.58 -21.50 35.86
N LEU D 326 -10.82 -21.28 36.27
CA LEU D 326 -11.09 -20.32 37.34
C LEU D 326 -10.45 -20.77 38.65
N LEU D 327 -10.65 -22.03 39.02
CA LEU D 327 -10.04 -22.54 40.24
C LEU D 327 -8.52 -22.58 40.14
N ASP D 328 -7.99 -22.93 38.97
CA ASP D 328 -6.55 -22.95 38.78
C ASP D 328 -5.95 -21.56 38.96
N GLY D 329 -6.61 -20.55 38.40
CA GLY D 329 -6.15 -19.18 38.58
C GLY D 329 -6.28 -18.69 40.01
N LEU D 330 -7.33 -19.12 40.71
CA LEU D 330 -7.52 -18.73 42.10
C LEU D 330 -6.72 -19.58 43.08
N TYR D 331 -6.17 -20.71 42.63
CA TYR D 331 -5.51 -21.63 43.55
C TYR D 331 -4.39 -22.35 42.81
N TRP D 332 -3.14 -22.05 43.17
CA TRP D 332 -2.02 -22.86 42.70
C TRP D 332 -0.87 -22.78 43.71
N ASN D 352 0.65 -14.02 46.96
CA ASN D 352 0.14 -12.79 46.35
C ASN D 352 -1.22 -13.02 45.71
N LEU D 353 -2.07 -13.78 46.38
CA LEU D 353 -3.34 -14.18 45.81
C LEU D 353 -4.42 -14.19 46.89
N LEU D 354 -5.67 -14.18 46.44
CA LEU D 354 -6.84 -14.50 47.26
C LEU D 354 -6.95 -13.55 48.46
N LEU D 355 -7.22 -12.28 48.14
CA LEU D 355 -7.63 -11.31 49.14
C LEU D 355 -9.01 -11.72 49.67
N GLY D 356 -9.05 -12.24 50.89
CA GLY D 356 -10.30 -12.72 51.45
C GLY D 356 -10.87 -13.90 50.70
N VAL D 357 -12.14 -13.84 50.34
CA VAL D 357 -12.79 -14.91 49.60
C VAL D 357 -13.53 -14.34 48.40
N PRO D 358 -13.63 -15.06 47.29
CA PRO D 358 -14.40 -14.58 46.14
C PRO D 358 -15.89 -14.76 46.38
N ARG D 359 -16.69 -14.28 45.42
CA ARG D 359 -18.13 -14.35 45.53
C ARG D 359 -18.73 -14.60 44.16
N ILE D 360 -19.80 -15.38 44.11
CA ILE D 360 -20.52 -15.65 42.88
C ILE D 360 -22.02 -15.47 43.14
N ARG D 361 -22.68 -14.69 42.29
CA ARG D 361 -24.10 -14.43 42.46
C ARG D 361 -24.80 -14.49 41.11
N GLN D 362 -26.12 -14.60 41.16
CA GLN D 362 -26.93 -14.63 39.94
C GLN D 362 -28.16 -13.76 40.08
N LEU D 363 -28.62 -13.24 38.95
CA LEU D 363 -29.87 -12.51 38.83
C LEU D 363 -30.77 -13.25 37.86
N ARG D 364 -32.02 -13.51 38.28
CA ARG D 364 -32.97 -14.27 37.52
C ARG D 364 -34.29 -13.51 37.41
N VAL D 365 -35.20 -14.04 36.61
CA VAL D 365 -36.51 -13.42 36.39
C VAL D 365 -37.60 -14.39 36.81
N ARG D 366 -38.85 -13.97 36.66
CA ARG D 366 -39.99 -14.67 37.23
C ARG D 366 -40.78 -15.39 36.13
N ASN D 367 -41.17 -16.63 36.41
CA ASN D 367 -42.08 -17.38 35.54
C ASN D 367 -43.37 -16.60 35.37
N GLY D 368 -43.82 -16.47 34.12
CA GLY D 368 -45.05 -15.76 33.83
C GLY D 368 -44.93 -14.25 33.77
N SER D 369 -43.72 -13.70 33.81
CA SER D 369 -43.53 -12.27 33.72
C SER D 369 -43.88 -11.71 32.35
N CYS D 370 -44.06 -12.57 31.35
CA CYS D 370 -44.49 -12.16 30.02
C CYS D 370 -45.69 -12.99 29.61
N SER D 371 -46.50 -12.44 28.73
CA SER D 371 -47.80 -13.01 28.37
C SER D 371 -47.69 -13.74 27.04
N ILE D 372 -48.08 -15.01 27.05
CA ILE D 372 -48.12 -15.84 25.83
C ILE D 372 -49.38 -15.48 25.05
N PRO D 373 -49.31 -15.34 23.73
CA PRO D 373 -50.54 -15.12 22.95
C PRO D 373 -51.50 -16.31 23.09
N GLN D 374 -52.79 -15.99 23.01
CA GLN D 374 -53.83 -16.98 23.32
C GLN D 374 -53.77 -18.17 22.35
N ASP D 375 -53.60 -17.90 21.06
CA ASP D 375 -53.66 -18.94 20.05
C ASP D 375 -52.47 -19.90 20.12
N LEU D 376 -51.44 -19.54 20.90
CA LEU D 376 -50.23 -20.33 20.99
C LEU D 376 -49.98 -20.94 22.37
N ARG D 377 -50.73 -20.53 23.38
CA ARG D 377 -50.47 -21.01 24.74
C ARG D 377 -50.85 -22.47 24.94
N ASP D 378 -51.54 -23.09 23.97
CA ASP D 378 -51.84 -24.51 24.05
C ASP D 378 -50.59 -25.37 23.94
N GLU D 379 -49.52 -24.84 23.36
CA GLU D 379 -48.28 -25.58 23.13
C GLU D 379 -47.15 -25.15 24.05
N ILE D 380 -47.07 -23.87 24.40
CA ILE D 380 -46.00 -23.33 25.24
C ILE D 380 -46.60 -22.95 26.59
N LYS D 381 -45.93 -23.38 27.66
CA LYS D 381 -46.45 -23.18 29.01
C LYS D 381 -45.49 -22.41 29.91
N GLU D 382 -44.43 -21.82 29.35
CA GLU D 382 -43.50 -21.03 30.14
C GLU D 382 -43.14 -19.77 29.39
N CYS D 383 -43.10 -18.65 30.11
CA CYS D 383 -42.73 -17.37 29.53
C CYS D 383 -41.80 -16.66 30.51
N TYR D 384 -40.59 -16.35 30.04
CA TYR D 384 -39.57 -15.67 30.86
C TYR D 384 -39.19 -14.38 30.11
N ASP D 385 -39.65 -13.25 30.63
CA ASP D 385 -39.35 -11.98 29.98
C ASP D 385 -37.86 -11.63 30.14
N VAL D 386 -37.43 -10.62 29.39
CA VAL D 386 -36.07 -10.10 29.51
C VAL D 386 -35.91 -9.49 30.89
N TYR D 387 -34.66 -9.23 31.30
CA TYR D 387 -34.42 -8.76 32.65
C TYR D 387 -34.95 -7.35 32.84
N SER D 388 -35.72 -7.16 33.92
CA SER D 388 -36.19 -5.85 34.33
C SER D 388 -36.41 -5.88 35.83
N VAL D 389 -36.41 -4.70 36.45
CA VAL D 389 -36.62 -4.63 37.89
C VAL D 389 -38.03 -5.09 38.24
N SER D 390 -39.02 -4.78 37.41
CA SER D 390 -40.39 -5.19 37.66
C SER D 390 -40.59 -6.69 37.49
N SER D 391 -39.82 -7.34 36.63
CA SER D 391 -39.97 -8.77 36.36
C SER D 391 -38.99 -9.63 37.14
N GLU D 392 -38.21 -9.03 38.03
CA GLU D 392 -37.23 -9.79 38.79
C GLU D 392 -37.94 -10.74 39.77
N ASP D 393 -37.30 -11.87 40.03
CA ASP D 393 -37.83 -12.90 40.90
C ASP D 393 -37.20 -12.82 42.28
N ARG D 394 -38.03 -12.94 43.32
CA ARG D 394 -37.56 -12.84 44.69
C ARG D 394 -37.90 -14.06 45.54
N ALA D 395 -38.68 -15.00 45.02
CA ALA D 395 -39.07 -16.17 45.79
C ALA D 395 -37.92 -17.17 45.89
N PRO D 396 -37.88 -17.96 46.96
CA PRO D 396 -36.87 -19.01 47.07
C PRO D 396 -37.13 -20.14 46.10
N PHE D 397 -36.06 -20.86 45.79
CA PHE D 397 -36.14 -21.97 44.85
C PHE D 397 -35.10 -23.01 45.25
N GLY D 398 -35.29 -24.24 44.77
CA GLY D 398 -34.41 -25.33 45.08
C GLY D 398 -34.48 -25.71 46.55
N PRO D 399 -33.41 -26.33 47.05
CA PRO D 399 -33.38 -26.65 48.49
C PRO D 399 -33.13 -25.41 49.33
N ARG D 400 -34.12 -25.05 50.15
CA ARG D 400 -34.00 -23.84 50.96
C ARG D 400 -33.03 -24.07 52.11
N ASN D 401 -31.74 -23.90 51.84
CA ASN D 401 -30.69 -24.18 52.82
C ASN D 401 -29.99 -22.92 53.28
N GLY D 402 -29.46 -22.13 52.35
CA GLY D 402 -28.67 -20.97 52.75
C GLY D 402 -28.77 -19.78 51.82
N THR D 403 -27.67 -19.03 51.72
CA THR D 403 -27.68 -17.77 50.99
C THR D 403 -27.84 -17.97 49.48
N ALA D 404 -27.50 -19.16 48.98
CA ALA D 404 -27.55 -19.38 47.54
C ALA D 404 -28.96 -19.54 47.01
N TRP D 405 -29.96 -19.73 47.87
CA TRP D 405 -31.32 -19.99 47.42
C TRP D 405 -32.34 -19.02 48.00
N ILE D 406 -31.89 -17.92 48.61
CA ILE D 406 -32.79 -16.92 49.18
C ILE D 406 -32.41 -15.55 48.62
N TYR D 407 -33.41 -14.70 48.44
CA TYR D 407 -33.23 -13.38 47.85
C TYR D 407 -32.79 -12.39 48.91
N THR D 408 -31.71 -11.67 48.64
CA THR D 408 -31.23 -10.60 49.49
C THR D 408 -31.30 -9.29 48.72
N SER D 409 -31.85 -8.26 49.34
CA SER D 409 -32.04 -6.98 48.68
C SER D 409 -30.70 -6.33 48.35
N GLU D 410 -30.75 -5.20 47.64
CA GLU D 410 -29.53 -4.50 47.26
C GLU D 410 -28.90 -3.79 48.45
N LYS D 411 -29.72 -3.23 49.34
CA LYS D 411 -29.20 -2.43 50.44
C LYS D 411 -28.35 -3.27 51.39
N ASP D 412 -28.77 -4.50 51.67
CA ASP D 412 -28.04 -5.37 52.58
C ASP D 412 -27.08 -6.32 51.86
N LEU D 413 -26.99 -6.21 50.53
CA LEU D 413 -26.01 -6.98 49.77
C LEU D 413 -24.79 -6.13 49.39
N ASN D 414 -24.76 -4.87 49.81
CA ASN D 414 -23.54 -4.06 49.83
C ASN D 414 -23.09 -3.71 48.41
N GLY D 415 -24.06 -3.64 47.51
CA GLY D 415 -23.74 -3.49 46.10
C GLY D 415 -24.45 -2.38 45.37
N SER D 416 -24.35 -2.37 44.04
CA SER D 416 -24.92 -1.32 43.21
C SER D 416 -25.11 -1.85 41.79
N SER D 417 -25.46 -0.95 40.88
CA SER D 417 -25.73 -1.32 39.50
C SER D 417 -24.42 -1.64 38.77
N HIS D 418 -24.57 -2.25 37.58
CA HIS D 418 -23.39 -2.64 36.81
C HIS D 418 -23.39 -2.10 35.39
N TRP D 419 -24.57 -1.89 34.80
CA TRP D 419 -24.70 -1.37 33.43
C TRP D 419 -24.01 -2.31 32.43
N GLY D 420 -24.57 -3.51 32.32
CA GLY D 420 -24.03 -4.53 31.43
C GLY D 420 -24.21 -4.24 29.96
N ILE D 421 -24.27 -5.29 29.14
CA ILE D 421 -24.32 -5.14 27.69
C ILE D 421 -25.75 -4.97 27.19
N ILE D 422 -26.64 -5.89 27.55
CA ILE D 422 -28.01 -5.87 27.05
C ILE D 422 -29.01 -5.36 28.07
N ALA D 423 -28.56 -5.04 29.27
CA ALA D 423 -29.44 -4.53 30.32
C ALA D 423 -28.58 -3.90 31.41
N THR D 424 -29.24 -3.29 32.38
CA THR D 424 -28.60 -2.76 33.57
C THR D 424 -29.03 -3.61 34.75
N TYR D 425 -28.06 -4.21 35.43
CA TYR D 425 -28.33 -5.20 36.47
C TYR D 425 -28.18 -4.57 37.85
N SER D 426 -29.12 -4.89 38.73
CA SER D 426 -29.12 -4.36 40.09
C SER D 426 -28.03 -5.03 40.91
N GLY D 427 -27.89 -4.60 42.17
CA GLY D 427 -26.95 -5.20 43.08
C GLY D 427 -27.48 -6.34 43.91
N ALA D 428 -28.73 -6.75 43.71
CA ALA D 428 -29.32 -7.84 44.46
C ALA D 428 -28.99 -9.17 43.78
N GLY D 429 -29.68 -10.23 44.18
CA GLY D 429 -29.53 -11.52 43.55
C GLY D 429 -29.33 -12.60 44.58
N TYR D 430 -29.02 -13.80 44.09
CA TYR D 430 -28.75 -14.95 44.95
C TYR D 430 -27.24 -15.17 44.92
N TYR D 431 -26.59 -15.06 46.07
CA TYR D 431 -25.13 -15.06 46.14
C TYR D 431 -24.62 -16.18 47.01
N LEU D 432 -23.34 -16.50 46.82
CA LEU D 432 -22.63 -17.47 47.64
C LEU D 432 -21.15 -17.14 47.58
N ASP D 433 -20.49 -17.17 48.73
CA ASP D 433 -19.08 -16.85 48.84
C ASP D 433 -18.28 -18.11 49.10
N LEU D 434 -17.20 -18.30 48.35
CA LEU D 434 -16.36 -19.49 48.49
C LEU D 434 -15.42 -19.35 49.67
N SER D 435 -14.42 -20.23 49.77
CA SER D 435 -13.55 -20.26 50.93
C SER D 435 -12.10 -20.18 50.46
N ARG D 436 -11.16 -20.38 51.40
CA ARG D 436 -9.76 -20.08 51.18
C ARG D 436 -8.95 -21.22 50.56
N THR D 437 -9.51 -22.43 50.48
CA THR D 437 -8.79 -23.56 49.90
C THR D 437 -9.54 -24.10 48.69
N ARG D 438 -8.79 -24.65 47.74
CA ARG D 438 -9.36 -25.08 46.47
C ARG D 438 -10.38 -26.20 46.66
N GLU D 439 -10.10 -27.13 47.57
CA GLU D 439 -10.94 -28.33 47.69
C GLU D 439 -12.36 -27.98 48.10
N GLU D 440 -12.53 -27.08 49.07
CA GLU D 440 -13.87 -26.77 49.54
C GLU D 440 -14.65 -25.92 48.55
N THR D 441 -14.00 -25.00 47.84
CA THR D 441 -14.68 -24.27 46.77
C THR D 441 -15.09 -25.22 45.65
N ALA D 442 -14.24 -26.19 45.32
CA ALA D 442 -14.61 -27.19 44.32
C ALA D 442 -15.80 -28.00 44.78
N ALA D 443 -15.82 -28.38 46.06
CA ALA D 443 -16.97 -29.11 46.59
C ALA D 443 -18.24 -28.27 46.53
N GLN D 444 -18.12 -26.98 46.85
CA GLN D 444 -19.29 -26.10 46.82
C GLN D 444 -19.84 -25.95 45.41
N VAL D 445 -18.96 -25.73 44.43
CA VAL D 445 -19.44 -25.57 43.06
C VAL D 445 -19.97 -26.89 42.52
N ALA D 446 -19.39 -28.02 42.92
CA ALA D 446 -19.93 -29.32 42.53
C ALA D 446 -21.32 -29.52 43.10
N SER D 447 -21.53 -29.13 44.36
CA SER D 447 -22.87 -29.20 44.94
C SER D 447 -23.85 -28.29 44.22
N LEU D 448 -23.40 -27.08 43.85
CA LEU D 448 -24.26 -26.17 43.09
C LEU D 448 -24.64 -26.75 41.74
N LYS D 449 -23.68 -27.40 41.06
CA LYS D 449 -23.98 -27.99 39.77
C LYS D 449 -24.85 -29.24 39.89
N LYS D 450 -24.73 -29.96 41.02
CA LYS D 450 -25.48 -31.19 41.19
C LYS D 450 -26.98 -30.93 41.14
N ASN D 451 -27.50 -30.18 42.10
CA ASN D 451 -28.89 -29.70 42.05
C ASN D 451 -28.91 -28.36 41.33
N VAL D 452 -29.62 -28.34 40.19
CA VAL D 452 -29.47 -27.28 39.19
C VAL D 452 -29.65 -25.90 39.79
N TRP D 453 -28.68 -25.02 39.55
CA TRP D 453 -28.70 -23.65 40.04
C TRP D 453 -28.98 -22.63 38.95
N LEU D 454 -28.75 -22.98 37.69
CA LEU D 454 -28.96 -22.08 36.55
C LEU D 454 -30.11 -22.63 35.73
N ASP D 455 -31.32 -22.16 36.03
CA ASP D 455 -32.51 -22.60 35.32
C ASP D 455 -32.71 -21.75 34.06
N ARG D 456 -33.87 -21.87 33.43
CA ARG D 456 -34.20 -21.05 32.28
C ARG D 456 -34.44 -19.59 32.66
N GLY D 457 -34.74 -19.31 33.93
CA GLY D 457 -34.95 -17.95 34.38
C GLY D 457 -33.70 -17.18 34.70
N THR D 458 -32.54 -17.85 34.75
CA THR D 458 -31.28 -17.18 35.03
C THR D 458 -30.92 -16.19 33.93
N ARG D 459 -30.78 -14.92 34.28
CA ARG D 459 -30.49 -13.89 33.29
C ARG D 459 -29.06 -13.39 33.34
N ALA D 460 -28.42 -13.38 34.51
CA ALA D 460 -27.04 -12.93 34.58
C ALA D 460 -26.35 -13.60 35.75
N THR D 461 -25.03 -13.69 35.67
CA THR D 461 -24.23 -14.21 36.78
C THR D 461 -22.92 -13.44 36.89
N PHE D 462 -22.51 -13.18 38.12
CA PHE D 462 -21.34 -12.38 38.43
C PHE D 462 -20.37 -13.19 39.29
N ILE D 463 -19.07 -13.03 39.00
CA ILE D 463 -17.99 -13.58 39.80
C ILE D 463 -17.06 -12.43 40.15
N ASP D 464 -16.86 -12.19 41.45
CA ASP D 464 -16.09 -11.06 41.94
C ASP D 464 -14.99 -11.53 42.88
N PHE D 465 -13.79 -10.99 42.71
CA PHE D 465 -12.73 -11.24 43.69
C PHE D 465 -11.67 -10.15 43.60
N SER D 466 -10.67 -10.26 44.47
CA SER D 466 -9.60 -9.28 44.56
C SER D 466 -8.27 -10.01 44.76
N VAL D 467 -7.21 -9.48 44.14
CA VAL D 467 -5.88 -10.07 44.20
C VAL D 467 -4.89 -8.99 44.62
N TYR D 468 -4.09 -9.29 45.63
CA TYR D 468 -3.02 -8.40 46.06
C TYR D 468 -1.72 -8.82 45.41
N ASN D 469 -1.14 -7.91 44.61
CA ASN D 469 0.14 -8.21 43.98
C ASN D 469 1.24 -8.41 45.01
N ALA D 470 1.26 -7.58 46.04
CA ALA D 470 2.16 -7.73 47.19
C ALA D 470 3.63 -7.66 46.78
N ASN D 471 3.91 -7.38 45.50
CA ASN D 471 5.28 -7.28 45.05
C ASN D 471 5.88 -5.93 45.41
N ILE D 472 5.30 -4.83 44.90
CA ILE D 472 5.71 -3.53 45.40
C ILE D 472 4.55 -2.88 46.13
N ASN D 473 3.54 -2.43 45.38
CA ASN D 473 2.27 -1.95 45.92
C ASN D 473 1.16 -1.83 44.87
N LEU D 474 0.27 -2.81 44.78
CA LEU D 474 -0.76 -2.76 43.74
C LEU D 474 -1.83 -3.81 44.02
N PHE D 475 -3.09 -3.38 44.05
CA PHE D 475 -4.23 -4.29 44.11
C PHE D 475 -4.82 -4.50 42.73
N CYS D 476 -5.68 -5.51 42.60
CA CYS D 476 -6.40 -5.76 41.37
C CYS D 476 -7.77 -6.34 41.69
N VAL D 477 -8.83 -5.59 41.40
CA VAL D 477 -10.19 -6.05 41.58
C VAL D 477 -10.68 -6.63 40.26
N VAL D 478 -11.18 -7.86 40.30
CA VAL D 478 -11.56 -8.61 39.11
C VAL D 478 -13.06 -8.90 39.15
N ARG D 479 -13.75 -8.55 38.08
CA ARG D 479 -15.18 -8.76 37.93
C ARG D 479 -15.43 -9.49 36.60
N LEU D 480 -16.22 -10.55 36.66
CA LEU D 480 -16.60 -11.32 35.47
C LEU D 480 -18.11 -11.44 35.42
N LEU D 481 -18.69 -11.17 34.26
CA LEU D 481 -20.13 -11.22 34.08
C LEU D 481 -20.48 -12.10 32.89
N VAL D 482 -21.44 -12.99 33.08
CA VAL D 482 -21.97 -13.81 32.00
C VAL D 482 -23.47 -13.54 31.89
N GLU D 483 -23.91 -13.17 30.70
CA GLU D 483 -25.28 -12.74 30.45
C GLU D 483 -26.03 -13.79 29.64
N PHE D 484 -27.23 -14.13 30.09
CA PHE D 484 -28.06 -15.12 29.40
C PHE D 484 -29.23 -14.42 28.74
N PRO D 485 -29.20 -14.20 27.43
CA PRO D 485 -30.31 -13.50 26.76
C PRO D 485 -31.58 -14.33 26.79
N ALA D 486 -32.71 -13.63 26.62
CA ALA D 486 -34.01 -14.30 26.61
C ALA D 486 -34.16 -15.27 25.44
N THR D 487 -33.34 -15.12 24.40
CA THR D 487 -33.39 -16.01 23.25
C THR D 487 -32.61 -17.30 23.50
N GLY D 488 -31.33 -17.18 23.82
CA GLY D 488 -30.49 -18.34 24.09
C GLY D 488 -29.03 -18.03 23.92
N GLY D 489 -28.17 -18.78 24.59
CA GLY D 489 -26.74 -18.58 24.53
C GLY D 489 -26.23 -17.82 25.74
N VAL D 490 -24.95 -17.44 25.67
CA VAL D 490 -24.30 -16.67 26.72
C VAL D 490 -23.49 -15.55 26.09
N ILE D 491 -23.21 -14.53 26.91
CA ILE D 491 -22.38 -13.40 26.49
C ILE D 491 -21.40 -13.09 27.62
N PRO D 492 -20.09 -13.22 27.41
CA PRO D 492 -19.13 -12.94 28.49
C PRO D 492 -18.58 -11.53 28.45
N SER D 493 -18.25 -10.99 29.63
CA SER D 493 -17.58 -9.70 29.74
C SER D 493 -16.76 -9.68 31.03
N TRP D 494 -15.75 -8.83 31.05
CA TRP D 494 -14.79 -8.81 32.15
C TRP D 494 -14.41 -7.37 32.48
N GLN D 495 -13.82 -7.20 33.66
CA GLN D 495 -13.40 -5.87 34.13
C GLN D 495 -12.32 -6.05 35.17
N PHE D 496 -11.11 -5.57 34.87
CA PHE D 496 -9.98 -5.58 35.79
C PHE D 496 -9.63 -4.15 36.17
N GLN D 497 -9.56 -3.87 37.47
CA GLN D 497 -9.28 -2.53 37.96
C GLN D 497 -8.08 -2.56 38.88
N PRO D 498 -6.95 -1.93 38.52
CA PRO D 498 -5.82 -1.85 39.45
C PRO D 498 -5.94 -0.67 40.41
N LEU D 499 -5.99 -0.94 41.70
CA LEU D 499 -6.02 0.11 42.72
C LEU D 499 -4.60 0.65 42.92
N LYS D 500 -4.40 1.40 43.99
CA LYS D 500 -3.07 1.93 44.28
C LYS D 500 -2.93 2.16 45.78
N LEU D 501 -1.80 1.71 46.33
CA LEU D 501 -1.46 1.92 47.73
C LEU D 501 -0.29 2.88 47.82
N ILE D 502 -0.45 3.93 48.61
CA ILE D 502 0.56 4.99 48.71
C ILE D 502 1.49 4.69 49.88
N ARG D 503 2.79 4.67 49.59
CA ARG D 503 3.81 4.51 50.62
C ARG D 503 5.14 5.04 50.11
N TYR D 504 5.91 5.70 50.99
CA TYR D 504 7.16 6.34 50.61
C TYR D 504 8.32 5.61 51.30
N VAL D 505 9.02 4.78 50.53
CA VAL D 505 10.18 4.05 51.03
C VAL D 505 11.43 4.28 50.19
N THR D 506 11.31 4.99 49.08
CA THR D 506 12.43 5.21 48.16
C THR D 506 12.35 6.63 47.62
N THR D 507 13.49 7.15 47.19
CA THR D 507 13.55 8.51 46.67
C THR D 507 12.55 8.70 45.52
N PHE D 508 12.26 7.64 44.79
CA PHE D 508 11.26 7.70 43.74
C PHE D 508 9.87 7.97 44.28
N ASP D 509 9.67 7.87 45.60
CA ASP D 509 8.40 8.21 46.22
C ASP D 509 8.40 9.62 46.81
N PHE D 510 9.46 9.99 47.53
CA PHE D 510 9.54 11.33 48.10
C PHE D 510 9.62 12.38 47.00
N PHE D 511 10.26 12.05 45.87
CA PHE D 511 10.33 13.00 44.77
C PHE D 511 8.93 13.35 44.26
N LEU D 512 8.08 12.34 44.07
CA LEU D 512 6.72 12.59 43.62
C LEU D 512 5.88 13.24 44.71
N ALA D 513 6.15 12.93 45.99
CA ALA D 513 5.43 13.63 47.05
C ALA D 513 5.75 15.13 47.04
N ALA D 514 7.02 15.47 46.88
CA ALA D 514 7.41 16.87 46.78
C ALA D 514 6.82 17.51 45.52
N CYS D 515 6.81 16.76 44.41
CA CYS D 515 6.20 17.28 43.19
C CYS D 515 4.72 17.57 43.41
N GLU D 516 4.01 16.69 44.11
CA GLU D 516 2.59 16.89 44.35
C GLU D 516 2.34 18.09 45.24
N ILE D 517 3.15 18.28 46.29
CA ILE D 517 2.92 19.44 47.14
C ILE D 517 3.27 20.74 46.41
N ILE D 518 4.33 20.73 45.59
CA ILE D 518 4.64 21.91 44.79
C ILE D 518 3.52 22.18 43.78
N PHE D 519 2.93 21.13 43.24
CA PHE D 519 1.81 21.28 42.32
C PHE D 519 0.63 21.94 43.03
N CYS D 520 0.33 21.48 44.25
CA CYS D 520 -0.75 22.10 45.02
C CYS D 520 -0.46 23.58 45.29
N PHE D 521 0.81 23.89 45.61
CA PHE D 521 1.20 25.29 45.76
C PHE D 521 0.97 26.07 44.46
N PHE D 522 1.20 25.43 43.31
CA PHE D 522 0.98 26.09 42.04
C PHE D 522 -0.49 26.42 41.81
N ILE D 523 -1.39 25.48 42.12
CA ILE D 523 -2.82 25.81 42.03
C ILE D 523 -3.18 26.90 43.02
N PHE D 524 -2.58 26.89 44.21
CA PHE D 524 -2.84 27.96 45.17
C PHE D 524 -2.45 29.31 44.60
N TYR D 525 -1.26 29.39 43.99
CA TYR D 525 -0.79 30.63 43.40
C TYR D 525 -1.72 31.07 42.27
N TYR D 526 -2.10 30.13 41.40
CA TYR D 526 -2.95 30.48 40.27
C TYR D 526 -4.31 30.97 40.73
N VAL D 527 -4.90 30.32 41.73
CA VAL D 527 -6.22 30.73 42.18
C VAL D 527 -6.16 32.07 42.89
N VAL D 528 -5.10 32.32 43.67
CA VAL D 528 -5.02 33.60 44.37
C VAL D 528 -4.79 34.73 43.38
N GLU D 529 -3.98 34.50 42.34
CA GLU D 529 -3.78 35.55 41.36
C GLU D 529 -5.04 35.76 40.50
N GLU D 530 -5.80 34.70 40.25
CA GLU D 530 -7.07 34.85 39.55
C GLU D 530 -8.04 35.67 40.38
N ILE D 531 -8.09 35.42 41.69
CA ILE D 531 -8.97 36.20 42.57
C ILE D 531 -8.52 37.65 42.60
N LEU D 532 -7.21 37.88 42.60
CA LEU D 532 -6.69 39.25 42.56
C LEU D 532 -7.10 39.95 41.26
N GLU D 533 -7.01 39.24 40.13
CA GLU D 533 -7.29 39.86 38.85
C GLU D 533 -8.78 40.11 38.66
N ILE D 534 -9.63 39.18 39.12
CA ILE D 534 -11.06 39.31 38.90
C ILE D 534 -11.63 40.50 39.69
N ARG D 535 -10.91 40.98 40.70
CA ARG D 535 -11.38 42.14 41.46
C ARG D 535 -11.49 43.38 40.58
N ILE D 536 -10.61 43.52 39.58
CA ILE D 536 -10.63 44.68 38.71
C ILE D 536 -11.53 44.48 37.50
N HIS D 537 -11.76 43.23 37.10
CA HIS D 537 -12.50 42.89 35.90
C HIS D 537 -13.62 41.90 36.21
N LYS D 538 -14.45 42.26 37.20
CA LYS D 538 -15.48 41.35 37.68
C LYS D 538 -16.41 40.86 36.58
N LEU D 539 -16.55 41.62 35.50
CA LEU D 539 -17.35 41.16 34.36
C LEU D 539 -16.51 41.17 33.08
N HIS D 540 -15.58 42.11 32.97
CA HIS D 540 -14.76 42.22 31.77
C HIS D 540 -13.57 41.28 31.85
N TYR D 541 -13.82 40.00 32.11
CA TYR D 541 -12.76 39.01 32.23
C TYR D 541 -13.09 37.68 31.57
N PHE D 542 -14.36 37.35 31.34
CA PHE D 542 -14.76 36.05 30.81
C PHE D 542 -15.09 36.11 29.32
N ARG D 543 -14.51 37.06 28.59
CA ARG D 543 -14.70 37.13 27.15
C ARG D 543 -13.52 36.56 26.37
N SER D 544 -12.33 36.54 26.95
CA SER D 544 -11.16 35.98 26.30
C SER D 544 -11.08 34.48 26.54
N PHE D 545 -10.64 33.75 25.51
CA PHE D 545 -10.57 32.30 25.58
C PHE D 545 -9.56 31.83 26.62
N TRP D 546 -8.42 32.51 26.72
CA TRP D 546 -7.37 32.07 27.61
C TRP D 546 -7.77 32.10 29.08
N ASN D 547 -8.50 33.13 29.52
CA ASN D 547 -8.90 33.19 30.93
C ASN D 547 -9.93 32.13 31.29
N CYS D 548 -10.90 31.86 30.42
CA CYS D 548 -11.86 30.79 30.71
C CYS D 548 -11.18 29.43 30.69
N LEU D 549 -10.22 29.24 29.78
CA LEU D 549 -9.44 28.00 29.81
C LEU D 549 -8.66 27.87 31.10
N ASP D 550 -8.08 28.99 31.58
CA ASP D 550 -7.35 28.95 32.83
C ASP D 550 -8.25 28.59 34.01
N VAL D 551 -9.45 29.17 34.05
CA VAL D 551 -10.32 28.89 35.19
C VAL D 551 -10.85 27.46 35.13
N VAL D 552 -11.14 26.94 33.95
CA VAL D 552 -11.55 25.53 33.90
C VAL D 552 -10.40 24.63 34.31
N ILE D 553 -9.16 25.00 33.94
CA ILE D 553 -8.01 24.22 34.38
C ILE D 553 -7.91 24.21 35.90
N VAL D 554 -8.05 25.40 36.52
CA VAL D 554 -7.85 25.46 37.97
C VAL D 554 -8.97 24.72 38.71
N VAL D 555 -10.21 24.79 38.20
CA VAL D 555 -11.29 24.08 38.88
C VAL D 555 -11.12 22.57 38.70
N LEU D 556 -10.68 22.12 37.53
CA LEU D 556 -10.39 20.70 37.36
C LEU D 556 -9.28 20.25 38.29
N SER D 557 -8.24 21.07 38.43
CA SER D 557 -7.14 20.73 39.32
C SER D 557 -7.58 20.65 40.78
N VAL D 558 -8.42 21.59 41.23
CA VAL D 558 -8.87 21.55 42.62
C VAL D 558 -9.78 20.35 42.84
N VAL D 559 -10.61 19.99 41.86
CA VAL D 559 -11.43 18.80 41.99
C VAL D 559 -10.55 17.56 42.09
N ALA D 560 -9.51 17.47 41.25
CA ALA D 560 -8.60 16.34 41.31
C ALA D 560 -7.89 16.26 42.65
N ILE D 561 -7.45 17.41 43.19
CA ILE D 561 -6.79 17.42 44.48
C ILE D 561 -7.76 16.97 45.58
N GLY D 562 -9.01 17.42 45.51
CA GLY D 562 -9.99 17.00 46.49
C GLY D 562 -10.22 15.50 46.46
N ILE D 563 -10.36 14.93 45.27
CA ILE D 563 -10.57 13.48 45.15
C ILE D 563 -9.33 12.73 45.64
N ASN D 564 -8.14 13.24 45.32
CA ASN D 564 -6.91 12.58 45.76
C ASN D 564 -6.81 12.58 47.27
N ILE D 565 -7.09 13.71 47.92
CA ILE D 565 -6.99 13.74 49.38
C ILE D 565 -8.10 12.92 50.03
N TYR D 566 -9.28 12.84 49.40
CA TYR D 566 -10.33 11.98 49.90
C TYR D 566 -9.91 10.52 49.83
N ARG D 567 -9.30 10.11 48.72
CA ARG D 567 -8.94 8.71 48.53
C ARG D 567 -7.73 8.30 49.36
N THR D 568 -6.76 9.20 49.56
CA THR D 568 -5.57 8.82 50.30
C THR D 568 -5.87 8.58 51.78
N SER D 569 -6.92 9.20 52.31
CA SER D 569 -7.31 9.00 53.71
C SER D 569 -8.34 7.88 53.84
N ASN D 570 -8.03 6.72 53.26
CA ASN D 570 -8.89 5.54 53.35
C ASN D 570 -8.06 4.29 53.53
N VAL D 571 -6.91 4.41 54.20
CA VAL D 571 -6.10 3.24 54.50
C VAL D 571 -6.53 2.70 55.87
N GLU D 572 -7.61 1.95 55.89
CA GLU D 572 -8.03 1.20 57.07
C GLU D 572 -8.39 -0.24 56.74
N VAL D 573 -8.87 -0.50 55.52
CA VAL D 573 -9.14 -1.85 55.06
C VAL D 573 -8.18 -2.28 53.96
N LEU D 574 -7.38 -1.37 53.43
CA LEU D 574 -6.38 -1.75 52.44
C LEU D 574 -5.36 -2.73 53.02
N LEU D 575 -5.07 -2.60 54.32
CA LEU D 575 -4.19 -3.53 55.02
C LEU D 575 -4.92 -4.46 55.96
N GLN D 576 -6.20 -4.22 56.23
CA GLN D 576 -6.96 -5.08 57.13
C GLN D 576 -7.17 -6.48 56.56
N PHE D 577 -7.25 -6.61 55.23
CA PHE D 577 -7.54 -7.88 54.60
C PHE D 577 -6.30 -8.66 54.19
N LEU D 578 -5.10 -8.11 54.43
CA LEU D 578 -3.90 -8.86 54.11
C LEU D 578 -3.77 -10.11 54.98
N GLU D 579 -4.17 -10.02 56.24
CA GLU D 579 -4.21 -11.21 57.09
C GLU D 579 -5.27 -12.18 56.59
N ASP D 580 -5.04 -13.47 56.84
CA ASP D 580 -5.95 -14.51 56.38
C ASP D 580 -7.35 -14.31 56.96
N GLN D 581 -8.31 -14.00 56.10
CA GLN D 581 -9.68 -13.68 56.51
C GLN D 581 -10.65 -14.45 55.62
N ASN D 582 -11.86 -14.65 56.13
CA ASN D 582 -12.92 -15.38 55.44
C ASN D 582 -14.09 -14.46 55.15
N THR D 583 -13.78 -13.25 54.69
CA THR D 583 -14.79 -12.25 54.37
C THR D 583 -14.50 -11.65 53.00
N PHE D 584 -15.56 -11.34 52.26
CA PHE D 584 -15.41 -10.79 50.93
C PHE D 584 -14.98 -9.34 51.00
N PRO D 585 -13.85 -8.96 50.39
CA PRO D 585 -13.45 -7.55 50.38
C PRO D 585 -14.24 -6.72 49.40
N ASN D 586 -15.14 -5.88 49.91
CA ASN D 586 -16.03 -5.07 49.07
C ASN D 586 -15.28 -3.83 48.61
N PHE D 587 -14.41 -4.02 47.62
CA PHE D 587 -13.58 -2.95 47.08
C PHE D 587 -14.19 -2.36 45.81
N GLU D 588 -15.36 -1.74 45.96
CA GLU D 588 -15.99 -1.04 44.85
C GLU D 588 -16.07 0.46 45.05
N HIS D 589 -16.19 0.93 46.30
CA HIS D 589 -16.19 2.36 46.57
C HIS D 589 -14.85 3.01 46.26
N LEU D 590 -13.77 2.24 46.20
CA LEU D 590 -12.44 2.75 45.88
C LEU D 590 -12.14 2.69 44.40
N ALA D 591 -12.56 1.62 43.71
CA ALA D 591 -12.33 1.53 42.28
C ALA D 591 -13.06 2.62 41.51
N TYR D 592 -14.28 2.97 41.96
CA TYR D 592 -15.03 4.03 41.30
C TYR D 592 -14.28 5.36 41.36
N TRP D 593 -13.77 5.72 42.53
CA TRP D 593 -13.01 6.95 42.65
C TRP D 593 -11.67 6.88 41.93
N GLN D 594 -11.03 5.71 41.90
CA GLN D 594 -9.81 5.57 41.13
C GLN D 594 -10.05 5.79 39.65
N ILE D 595 -11.18 5.30 39.13
CA ILE D 595 -11.52 5.52 37.73
C ILE D 595 -11.84 6.99 37.49
N GLN D 596 -12.64 7.59 38.38
CA GLN D 596 -13.04 8.98 38.21
C GLN D 596 -11.88 9.96 38.34
N PHE D 597 -10.83 9.61 39.09
CA PHE D 597 -9.67 10.48 39.21
C PHE D 597 -8.79 10.43 37.98
N ASN D 598 -8.66 9.25 37.36
CA ASN D 598 -7.78 9.11 36.21
C ASN D 598 -8.29 9.91 35.01
N ASN D 599 -9.59 9.87 34.75
CA ASN D 599 -10.17 10.49 33.57
C ASN D 599 -10.56 11.94 33.79
N ILE D 600 -10.14 12.55 34.90
CA ILE D 600 -10.20 14.00 35.06
C ILE D 600 -8.83 14.62 35.24
N ALA D 601 -7.82 13.83 35.62
CA ALA D 601 -6.44 14.28 35.61
C ALA D 601 -5.81 14.08 34.24
N ALA D 602 -6.53 13.48 33.30
CA ALA D 602 -6.08 13.39 31.93
C ALA D 602 -6.52 14.59 31.09
N VAL D 603 -7.77 15.04 31.27
CA VAL D 603 -8.20 16.25 30.57
C VAL D 603 -7.46 17.47 31.10
N THR D 604 -7.10 17.48 32.38
CA THR D 604 -6.31 18.58 32.92
C THR D 604 -4.96 18.68 32.22
N VAL D 605 -4.31 17.55 32.00
CA VAL D 605 -3.03 17.55 31.28
C VAL D 605 -3.22 18.05 29.85
N PHE D 606 -4.29 17.62 29.19
CA PHE D 606 -4.57 18.06 27.84
C PHE D 606 -4.73 19.57 27.77
N PHE D 607 -5.52 20.13 28.69
CA PHE D 607 -5.76 21.57 28.69
C PHE D 607 -4.51 22.35 29.09
N VAL D 608 -3.70 21.81 30.00
CA VAL D 608 -2.44 22.46 30.33
C VAL D 608 -1.51 22.49 29.12
N TRP D 609 -1.45 21.38 28.38
CA TRP D 609 -0.59 21.33 27.20
C TRP D 609 -1.07 22.28 26.12
N ILE D 610 -2.39 22.39 25.92
CA ILE D 610 -2.88 23.26 24.84
C ILE D 610 -2.89 24.73 25.22
N LYS D 611 -2.57 25.08 26.46
CA LYS D 611 -2.42 26.49 26.83
C LYS D 611 -1.06 27.04 26.42
N LEU D 612 -0.12 26.18 26.06
CA LEU D 612 1.18 26.64 25.58
C LEU D 612 1.07 27.47 24.32
N PHE D 613 -0.01 27.26 23.53
CA PHE D 613 -0.19 28.02 22.30
C PHE D 613 -0.17 29.52 22.55
N LYS D 614 -0.71 29.96 23.69
CA LYS D 614 -0.75 31.38 24.00
C LYS D 614 0.65 31.99 24.01
N PHE D 615 1.65 31.21 24.44
CA PHE D 615 3.02 31.72 24.44
C PHE D 615 3.65 31.58 23.06
N ILE D 616 3.19 30.63 22.25
CA ILE D 616 3.75 30.45 20.92
C ILE D 616 3.35 31.61 20.01
N ASN D 617 2.13 32.11 20.16
CA ASN D 617 1.59 33.15 19.27
C ASN D 617 2.20 34.52 19.59
N PHE D 618 3.53 34.59 19.48
CA PHE D 618 4.25 35.85 19.63
C PHE D 618 5.20 36.15 18.49
N ASN D 619 5.45 35.20 17.59
CA ASN D 619 6.29 35.46 16.43
C ASN D 619 5.54 36.31 15.42
N ARG D 620 6.29 36.98 14.55
CA ARG D 620 5.68 37.79 13.50
C ARG D 620 5.02 36.94 12.43
N THR D 621 5.48 35.70 12.25
CA THR D 621 4.92 34.77 11.27
C THR D 621 4.06 33.69 11.94
N MET D 622 3.74 33.88 13.22
CA MET D 622 2.92 32.93 13.94
C MET D 622 1.59 33.51 14.40
N SER D 623 1.50 34.83 14.58
CA SER D 623 0.24 35.45 14.95
C SER D 623 -0.79 35.40 13.83
N GLN D 624 -0.35 35.29 12.58
CA GLN D 624 -1.28 35.12 11.47
C GLN D 624 -2.00 33.77 11.55
N LEU D 625 -1.26 32.71 11.86
CA LEU D 625 -1.83 31.37 11.94
C LEU D 625 -2.80 31.22 13.10
N SER D 626 -2.75 32.10 14.10
CA SER D 626 -3.70 32.07 15.20
C SER D 626 -4.89 32.98 14.96
N THR D 627 -4.66 34.18 14.42
CA THR D 627 -5.77 35.06 14.08
C THR D 627 -6.65 34.44 13.01
N THR D 628 -6.07 33.70 12.07
CA THR D 628 -6.86 33.01 11.06
C THR D 628 -7.87 32.06 11.70
N MET D 629 -7.39 31.23 12.64
CA MET D 629 -8.28 30.27 13.28
C MET D 629 -9.31 30.97 14.16
N SER D 630 -8.88 31.97 14.92
CA SER D 630 -9.81 32.71 15.77
C SER D 630 -10.84 33.49 14.96
N ARG D 631 -10.56 33.76 13.69
CA ARG D 631 -11.52 34.45 12.83
C ARG D 631 -12.44 33.49 12.09
N CYS D 632 -11.97 32.29 11.78
CA CYS D 632 -12.79 31.32 11.04
C CYS D 632 -13.53 30.34 11.94
N ALA D 633 -13.30 30.39 13.26
CA ALA D 633 -13.99 29.46 14.16
C ALA D 633 -15.50 29.61 14.09
N LYS D 634 -15.99 30.83 13.87
CA LYS D 634 -17.43 31.07 13.85
C LYS D 634 -18.10 30.29 12.72
N ASP D 635 -17.50 30.29 11.53
CA ASP D 635 -18.04 29.52 10.42
C ASP D 635 -17.75 28.02 10.57
N LEU D 636 -16.60 27.68 11.16
CA LEU D 636 -16.26 26.28 11.34
C LEU D 636 -17.29 25.58 12.22
N PHE D 637 -17.74 26.25 13.29
CA PHE D 637 -18.74 25.65 14.16
C PHE D 637 -20.07 25.39 13.43
N GLY D 638 -20.52 26.37 12.64
CA GLY D 638 -21.76 26.18 11.90
C GLY D 638 -21.68 25.06 10.89
N PHE D 639 -20.57 24.99 10.14
CA PHE D 639 -20.46 23.89 9.20
C PHE D 639 -20.27 22.56 9.91
N ALA D 640 -19.70 22.58 11.12
CA ALA D 640 -19.67 21.35 11.92
C ALA D 640 -21.07 20.89 12.25
N ILE D 641 -21.96 21.84 12.57
CA ILE D 641 -23.36 21.49 12.83
C ILE D 641 -23.99 20.83 11.61
N MET D 642 -23.81 21.45 10.44
CA MET D 642 -24.41 20.88 9.23
C MET D 642 -23.81 19.51 8.90
N PHE D 643 -22.49 19.38 9.02
CA PHE D 643 -21.82 18.13 8.76
C PHE D 643 -22.33 17.04 9.68
N PHE D 644 -22.55 17.36 10.96
CA PHE D 644 -23.04 16.35 11.88
C PHE D 644 -24.49 16.01 11.62
N ILE D 645 -25.29 16.94 11.11
CA ILE D 645 -26.65 16.57 10.68
C ILE D 645 -26.59 15.50 9.60
N ILE D 646 -25.76 15.73 8.57
CA ILE D 646 -25.64 14.74 7.49
C ILE D 646 -25.08 13.42 8.02
N PHE D 647 -24.08 13.51 8.90
CA PHE D 647 -23.46 12.33 9.48
C PHE D 647 -24.46 11.50 10.26
N LEU D 648 -25.32 12.14 11.05
CA LEU D 648 -26.34 11.43 11.79
C LEU D 648 -27.40 10.83 10.88
N ALA D 649 -27.74 11.50 9.77
CA ALA D 649 -28.64 10.89 8.80
C ALA D 649 -28.09 9.58 8.26
N TYR D 650 -26.82 9.59 7.84
CA TYR D 650 -26.18 8.34 7.41
C TYR D 650 -26.14 7.30 8.53
N ALA D 651 -25.81 7.72 9.76
CA ALA D 651 -25.71 6.76 10.85
C ALA D 651 -27.05 6.10 11.12
N GLN D 652 -28.13 6.88 11.09
CA GLN D 652 -29.45 6.31 11.35
C GLN D 652 -29.89 5.38 10.22
N LEU D 653 -29.60 5.75 8.97
CA LEU D 653 -29.91 4.86 7.86
C LEU D 653 -29.16 3.54 7.99
N ALA D 654 -27.87 3.60 8.32
CA ALA D 654 -27.09 2.38 8.49
C ALA D 654 -27.61 1.54 9.65
N TYR D 655 -28.02 2.20 10.74
CA TYR D 655 -28.57 1.47 11.86
C TYR D 655 -29.85 0.75 11.49
N LEU D 656 -30.71 1.40 10.71
CA LEU D 656 -31.96 0.77 10.31
C LEU D 656 -31.78 -0.33 9.27
N VAL D 657 -30.73 -0.27 8.45
CA VAL D 657 -30.52 -1.25 7.41
C VAL D 657 -29.69 -2.44 7.89
N PHE D 658 -28.57 -2.19 8.55
CA PHE D 658 -27.64 -3.24 8.97
C PHE D 658 -27.74 -3.57 10.45
N GLY D 659 -28.83 -3.19 11.12
CA GLY D 659 -28.85 -3.26 12.56
C GLY D 659 -28.78 -4.67 13.13
N THR D 660 -29.45 -5.62 12.48
CA THR D 660 -29.60 -6.95 13.02
C THR D 660 -28.65 -7.97 12.41
N GLN D 661 -27.66 -7.53 11.64
CA GLN D 661 -26.87 -8.52 10.92
C GLN D 661 -25.36 -8.36 11.11
N VAL D 662 -24.86 -7.13 11.19
CA VAL D 662 -23.44 -6.87 10.91
C VAL D 662 -22.54 -6.90 12.15
N ASP D 663 -23.04 -6.53 13.32
CA ASP D 663 -22.34 -6.44 14.59
C ASP D 663 -21.44 -5.20 14.67
N ASP D 664 -21.23 -4.48 13.57
CA ASP D 664 -20.60 -3.17 13.64
C ASP D 664 -21.64 -2.06 13.68
N PHE D 665 -22.88 -2.37 13.34
CA PHE D 665 -24.00 -1.45 13.38
C PHE D 665 -25.09 -1.95 14.31
N SER D 666 -24.70 -2.74 15.31
CA SER D 666 -25.65 -3.33 16.25
C SER D 666 -26.26 -2.29 17.19
N THR D 667 -25.51 -1.25 17.54
CA THR D 667 -26.00 -0.16 18.37
C THR D 667 -25.64 1.17 17.70
N PHE D 668 -26.37 2.22 18.09
CA PHE D 668 -26.20 3.51 17.44
C PHE D 668 -24.78 4.06 17.64
N GLN D 669 -24.25 3.94 18.86
CA GLN D 669 -22.88 4.36 19.11
C GLN D 669 -21.89 3.61 18.24
N GLU D 670 -22.10 2.31 18.07
CA GLU D 670 -21.27 1.52 17.17
C GLU D 670 -21.41 2.00 15.73
N CYS D 671 -22.61 2.39 15.31
CA CYS D 671 -22.77 2.95 13.97
C CYS D 671 -21.93 4.20 13.79
N ILE D 672 -21.98 5.11 14.76
CA ILE D 672 -21.23 6.36 14.67
C ILE D 672 -19.73 6.08 14.60
N PHE D 673 -19.25 5.22 15.50
CA PHE D 673 -17.81 4.93 15.53
C PHE D 673 -17.37 4.20 14.27
N THR D 674 -18.22 3.31 13.74
CA THR D 674 -17.88 2.61 12.51
C THR D 674 -17.79 3.57 11.35
N GLN D 675 -18.69 4.54 11.27
CA GLN D 675 -18.58 5.53 10.20
C GLN D 675 -17.32 6.37 10.34
N PHE D 676 -16.98 6.78 11.57
CA PHE D 676 -15.73 7.51 11.78
C PHE D 676 -14.52 6.69 11.33
N ARG D 677 -14.50 5.41 11.64
CA ARG D 677 -13.41 4.55 11.19
C ARG D 677 -13.43 4.33 9.68
N ILE D 678 -14.61 4.34 9.05
CA ILE D 678 -14.66 4.24 7.59
C ILE D 678 -14.00 5.45 6.96
N ILE D 679 -14.22 6.64 7.53
CA ILE D 679 -13.57 7.84 7.01
C ILE D 679 -12.06 7.67 7.03
N LEU D 680 -11.53 7.09 8.10
CA LEU D 680 -10.10 6.89 8.25
C LEU D 680 -9.58 5.64 7.56
N GLY D 681 -10.44 4.89 6.86
CA GLY D 681 -10.00 3.73 6.10
C GLY D 681 -9.93 2.44 6.87
N ASP D 682 -11.06 2.03 7.46
CA ASP D 682 -11.16 0.78 8.21
C ASP D 682 -12.37 -0.01 7.73
N ILE D 683 -12.47 -0.20 6.42
CA ILE D 683 -13.63 -0.77 5.76
C ILE D 683 -13.60 -2.29 5.90
N ASN D 684 -14.78 -2.91 6.00
CA ASN D 684 -14.91 -4.36 5.91
C ASN D 684 -15.61 -4.77 4.62
N PHE D 685 -16.83 -4.31 4.39
CA PHE D 685 -17.54 -4.42 3.12
C PHE D 685 -17.90 -5.84 2.73
N ALA D 686 -17.44 -6.84 3.48
CA ALA D 686 -17.84 -8.21 3.17
C ALA D 686 -19.23 -8.48 3.72
N GLU D 687 -19.39 -8.38 5.04
CA GLU D 687 -20.71 -8.57 5.64
C GLU D 687 -21.65 -7.42 5.31
N ILE D 688 -21.11 -6.25 4.98
CA ILE D 688 -21.96 -5.14 4.54
C ILE D 688 -22.71 -5.51 3.27
N GLU D 689 -22.00 -6.09 2.31
CA GLU D 689 -22.63 -6.57 1.08
C GLU D 689 -23.43 -7.85 1.28
N GLU D 690 -23.00 -8.73 2.18
CA GLU D 690 -23.75 -9.94 2.44
C GLU D 690 -25.12 -9.62 3.06
N ALA D 691 -25.16 -8.66 3.98
CA ALA D 691 -26.39 -8.37 4.70
C ALA D 691 -27.48 -7.89 3.77
N ASN D 692 -27.14 -6.98 2.85
CA ASN D 692 -28.11 -6.42 1.93
C ASN D 692 -27.41 -6.13 0.61
N ARG D 693 -27.78 -6.87 -0.44
CA ARG D 693 -27.03 -6.81 -1.69
C ARG D 693 -27.27 -5.52 -2.45
N VAL D 694 -28.48 -4.96 -2.36
CA VAL D 694 -28.79 -3.64 -2.88
C VAL D 694 -29.14 -2.76 -1.69
N LEU D 695 -28.79 -1.49 -1.77
CA LEU D 695 -28.93 -0.47 -0.72
C LEU D 695 -27.85 -0.65 0.34
N GLY D 696 -27.05 -1.70 0.28
CA GLY D 696 -25.90 -1.83 1.14
C GLY D 696 -24.66 -1.24 0.48
N PRO D 697 -24.35 -1.71 -0.73
CA PRO D 697 -23.31 -1.02 -1.52
C PRO D 697 -23.67 0.41 -1.88
N ILE D 698 -24.95 0.73 -2.08
CA ILE D 698 -25.33 2.10 -2.40
C ILE D 698 -24.95 3.04 -1.27
N TYR D 699 -25.25 2.64 -0.04
CA TYR D 699 -24.88 3.45 1.13
C TYR D 699 -23.39 3.67 1.19
N PHE D 700 -22.61 2.59 1.01
CA PHE D 700 -21.16 2.69 1.09
C PHE D 700 -20.60 3.64 0.04
N THR D 701 -21.03 3.47 -1.22
CA THR D 701 -20.49 4.30 -2.29
C THR D 701 -20.86 5.76 -2.12
N THR D 702 -22.13 6.05 -1.81
CA THR D 702 -22.53 7.44 -1.63
C THR D 702 -21.83 8.08 -0.44
N PHE D 703 -21.72 7.35 0.68
CA PHE D 703 -21.03 7.88 1.85
C PHE D 703 -19.58 8.19 1.51
N VAL D 704 -18.88 7.26 0.86
CA VAL D 704 -17.47 7.47 0.56
C VAL D 704 -17.31 8.66 -0.38
N PHE D 705 -18.13 8.72 -1.43
CA PHE D 705 -18.02 9.82 -2.38
C PHE D 705 -18.23 11.17 -1.71
N PHE D 706 -19.31 11.30 -0.95
CA PHE D 706 -19.64 12.60 -0.36
C PHE D 706 -18.65 12.99 0.73
N MET D 707 -18.21 12.04 1.56
CA MET D 707 -17.28 12.35 2.63
C MET D 707 -15.85 12.51 2.16
N PHE D 708 -15.50 12.02 0.97
CA PHE D 708 -14.13 12.10 0.49
C PHE D 708 -13.91 13.23 -0.50
N PHE D 709 -14.90 13.54 -1.34
CA PHE D 709 -14.71 14.51 -2.40
C PHE D 709 -15.44 15.83 -2.17
N ILE D 710 -16.42 15.87 -1.28
CA ILE D 710 -17.24 17.08 -1.15
C ILE D 710 -17.21 17.64 0.26
N LEU D 711 -17.68 16.85 1.23
CA LEU D 711 -17.99 17.41 2.54
C LEU D 711 -16.77 17.84 3.33
N LEU D 712 -15.67 17.09 3.26
CA LEU D 712 -14.48 17.45 4.02
C LEU D 712 -13.67 18.56 3.36
N ASN D 713 -14.02 18.96 2.14
CA ASN D 713 -13.33 20.06 1.48
C ASN D 713 -13.85 21.43 1.89
N MET D 714 -15.06 21.50 2.46
CA MET D 714 -15.62 22.79 2.83
C MET D 714 -14.91 23.40 4.03
N PHE D 715 -14.42 22.58 4.97
CA PHE D 715 -13.61 23.11 6.05
C PHE D 715 -12.36 23.79 5.50
N LEU D 716 -11.70 23.14 4.54
CA LEU D 716 -10.53 23.74 3.93
C LEU D 716 -10.88 24.98 3.14
N ALA D 717 -12.04 25.02 2.51
CA ALA D 717 -12.46 26.23 1.80
C ALA D 717 -12.63 27.39 2.77
N ILE D 718 -13.26 27.14 3.92
CA ILE D 718 -13.45 28.18 4.92
C ILE D 718 -12.10 28.69 5.41
N ILE D 719 -11.20 27.75 5.74
CA ILE D 719 -9.89 28.14 6.26
C ILE D 719 -9.11 28.93 5.22
N ASN D 720 -9.17 28.49 3.96
CA ASN D 720 -8.44 29.18 2.90
C ASN D 720 -8.93 30.59 2.71
N ASP D 721 -10.26 30.78 2.66
CA ASP D 721 -10.79 32.13 2.49
C ASP D 721 -10.42 33.02 3.66
N THR D 722 -10.51 32.50 4.88
CA THR D 722 -10.15 33.30 6.05
C THR D 722 -8.67 33.68 6.02
N TYR D 723 -7.80 32.73 5.67
CA TYR D 723 -6.37 33.04 5.61
C TYR D 723 -6.08 34.10 4.57
N SER D 724 -6.70 33.98 3.39
CA SER D 724 -6.48 34.97 2.35
C SER D 724 -6.93 36.35 2.80
N GLU D 725 -8.11 36.44 3.43
CA GLU D 725 -8.62 37.74 3.85
C GLU D 725 -7.75 38.34 4.96
N VAL D 726 -7.31 37.51 5.91
CA VAL D 726 -6.47 37.99 7.00
C VAL D 726 -5.16 38.51 6.45
N LYS D 727 -4.52 37.74 5.57
CA LYS D 727 -3.25 38.16 4.98
C LYS D 727 -3.41 39.45 4.20
N SER D 728 -4.48 39.55 3.41
CA SER D 728 -4.70 40.75 2.61
C SER D 728 -4.87 41.98 3.48
N ASP D 729 -5.72 41.89 4.51
CA ASP D 729 -5.98 43.07 5.33
C ASP D 729 -4.78 43.43 6.19
N LEU D 730 -3.99 42.43 6.60
CA LEU D 730 -2.81 42.71 7.41
C LEU D 730 -1.66 43.27 6.59
N ALA D 731 -1.54 42.90 5.31
CA ALA D 731 -0.45 43.38 4.48
C ALA D 731 -0.80 44.62 3.69
N GLN D 732 -2.09 44.95 3.54
CA GLN D 732 -2.48 46.13 2.77
C GLN D 732 -2.74 47.34 3.65
N GLN D 733 -3.40 47.18 4.79
CA GLN D 733 -3.64 48.32 5.66
C GLN D 733 -2.38 48.68 6.43
N LYS D 734 -1.60 47.68 6.83
CA LYS D 734 -0.25 47.93 7.34
C LYS D 734 0.75 47.91 6.18
N ALA D 735 2.03 48.05 6.51
CA ALA D 735 3.14 47.93 5.56
C ALA D 735 2.95 48.89 4.38
N GLU D 736 2.46 50.09 4.65
CA GLU D 736 2.28 51.12 3.63
C GLU D 736 2.78 52.49 4.05
N MET D 737 3.03 52.72 5.34
CA MET D 737 3.47 54.01 5.82
C MET D 737 4.96 54.21 5.61
C1 NAG E . 4.45 -31.40 -33.72
C2 NAG E . 4.29 -32.76 -33.02
C3 NAG E . 4.24 -33.89 -34.05
C4 NAG E . 3.16 -33.60 -35.08
C5 NAG E . 3.39 -32.23 -35.70
C6 NAG E . 2.30 -31.83 -36.68
C7 NAG E . 5.27 -33.81 -31.02
C8 NAG E . 6.49 -33.92 -30.15
N2 NAG E . 5.37 -32.98 -32.07
O3 NAG E . 3.97 -35.12 -33.39
O4 NAG E . 3.20 -34.59 -36.10
O5 NAG E . 3.41 -31.23 -34.68
O6 NAG E . 1.22 -32.76 -36.64
O7 NAG E . 4.24 -34.44 -30.79
C1 NAG F . 31.12 -32.13 -13.93
C2 NAG F . 31.24 -33.58 -13.45
C3 NAG F . 32.47 -33.74 -12.56
C4 NAG F . 33.71 -33.24 -13.28
C5 NAG F . 33.50 -31.80 -13.76
C6 NAG F . 34.65 -31.28 -14.57
C7 NAG F . 29.00 -34.59 -13.36
C8 NAG F . 27.84 -34.95 -12.48
N2 NAG F . 30.04 -34.00 -12.75
O3 NAG F . 32.62 -35.11 -12.22
O4 NAG F . 34.83 -33.27 -12.39
O5 NAG F . 32.33 -31.75 -14.60
O6 NAG F . 34.20 -30.37 -15.57
O7 NAG F . 29.01 -34.82 -14.56
C1 NAG G . 14.40 -48.26 -21.12
C2 NAG G . 14.12 -49.06 -19.85
C3 NAG G . 14.19 -50.55 -20.15
C4 NAG G . 13.28 -50.91 -21.31
C5 NAG G . 13.59 -50.03 -22.52
C6 NAG G . 12.65 -50.25 -23.68
C7 NAG G . 14.70 -48.68 -17.50
C8 NAG G . 15.78 -48.29 -16.54
N2 NAG G . 15.04 -48.69 -18.79
O3 NAG G . 13.81 -51.28 -18.99
O4 NAG G . 13.45 -52.28 -21.67
O5 NAG G . 13.49 -48.65 -22.16
O6 NAG G . 12.42 -51.64 -23.90
O7 NAG G . 13.57 -48.96 -17.13
CA CA H . -10.17 13.75 -36.42
C1 NAG I . -42.23 -45.73 -2.99
C2 NAG I . -41.29 -46.76 -2.39
C3 NAG I . -42.04 -48.08 -2.15
C4 NAG I . -43.29 -47.83 -1.32
C5 NAG I . -44.15 -46.74 -1.96
C6 NAG I . -45.34 -46.36 -1.11
C7 NAG I . -38.91 -47.24 -2.77
C8 NAG I . -37.84 -47.44 -3.79
N2 NAG I . -40.13 -46.97 -3.24
O3 NAG I . -41.18 -48.99 -1.48
O4 NAG I . -44.06 -49.04 -1.24
O5 NAG I . -43.37 -45.55 -2.13
O6 NAG I . -45.03 -46.42 0.28
O7 NAG I . -38.70 -47.32 -1.56
C1 NAG J . -29.15 -37.82 -22.69
C2 NAG J . -29.19 -39.34 -22.52
C3 NAG J . -28.47 -40.02 -23.68
C4 NAG J . -29.04 -39.56 -25.00
C5 NAG J . -28.98 -38.03 -25.08
C6 NAG J . -29.64 -37.48 -26.33
C7 NAG J . -29.30 -39.85 -20.12
C8 NAG J . -28.53 -40.27 -18.91
N2 NAG J . -28.59 -39.74 -21.26
O3 NAG J . -28.61 -41.43 -23.56
O4 NAG J . -28.29 -40.10 -26.09
O5 NAG J . -29.69 -37.46 -23.97
O6 NAG J . -30.56 -38.41 -26.88
O7 NAG J . -30.50 -39.62 -20.08
C1 NAG K . -50.66 -24.02 -0.97
C2 NAG K . -50.42 -25.33 -0.22
C3 NAG K . -51.74 -26.09 -0.07
C4 NAG K . -52.79 -25.20 0.56
C5 NAG K . -52.94 -23.91 -0.22
C6 NAG K . -53.90 -22.94 0.42
C7 NAG K . -48.69 -27.07 -0.30
C8 NAG K . -47.72 -27.82 -1.16
N2 NAG K . -49.43 -26.15 -0.91
O3 NAG K . -51.52 -27.25 0.73
O4 NAG K . -54.04 -25.89 0.59
O5 NAG K . -51.67 -23.25 -0.30
O6 NAG K . -55.24 -23.20 0.04
O7 NAG K . -48.79 -27.28 0.91
CA CA L . -44.03 22.28 -1.26
O1 PA8 M . -10.27 13.27 2.18
O2 PA8 M . -11.91 15.04 1.70
P1 PA8 M . -10.51 14.56 1.44
O3 PA8 M . -10.30 14.33 -0.03
O4 PA8 M . -9.44 15.70 1.95
C1 PA8 M . -8.43 15.29 2.81
C2 PA8 M . -8.96 15.12 4.23
C3 PA8 M . -10.08 16.12 4.54
O5 PA8 M . -9.56 17.35 4.93
C4 PA8 M . -9.38 17.49 6.31
O6 PA8 M . -9.11 16.55 6.98
C5 PA8 M . -9.52 18.85 6.98
C6 PA8 M . -8.97 18.79 8.39
C7 PA8 M . -9.34 20.07 9.13
C8 PA8 M . -8.59 20.08 10.44
C9 PA8 M . -9.46 20.75 11.51
C10 PA8 M . -8.57 21.10 12.70
C11 PA8 M . -9.44 21.18 13.95
O7 PA8 M . -9.42 13.81 4.38
C12 PA8 M . -9.43 13.38 5.71
O8 PA8 M . -9.69 14.13 6.57
C13 PA8 M . -9.11 11.93 6.07
C14 PA8 M . -8.06 11.94 7.17
C15 PA8 M . -8.73 11.99 8.55
C16 PA8 M . -8.85 13.41 9.10
C17 PA8 M . -8.52 13.42 10.60
C18 PA8 M . -8.75 14.80 11.18
C19 PA8 M . -7.47 15.41 11.74
H2 PA8 M . -8.05 14.34 2.46
H3 PA8 M . -7.63 16.02 2.80
H4 PA8 M . -8.16 15.29 4.93
H5 PA8 M . -10.69 15.74 5.35
H6 PA8 M . -10.71 16.26 3.68
H7 PA8 M . -10.56 19.12 7.01
H8 PA8 M . -8.96 19.59 6.43
H9 PA8 M . -9.36 17.93 8.91
H10 PA8 M . -7.88 18.73 8.35
H11 PA8 M . -10.40 20.08 9.32
H12 PA8 M . -9.06 20.92 8.54
H13 PA8 M . -7.67 20.63 10.32
H14 PA8 M . -8.37 19.07 10.73
H15 PA8 M . -9.89 21.65 11.09
H16 PA8 M . -10.25 20.08 11.81
H17 PA8 M . -8.09 22.06 12.53
H18 PA8 M . -7.82 20.33 12.83
H19 PA8 M . -10.06 22.07 13.89
H20 PA8 M . -8.80 21.26 14.83
H21 PA8 M . -10.06 20.31 14.03
H22 PA8 M . -8.72 11.42 5.19
H23 PA8 M . -10.01 11.44 6.41
H24 PA8 M . -7.43 12.80 7.05
H25 PA8 M . -7.47 11.04 7.09
H26 PA8 M . -9.70 11.54 8.50
H27 PA8 M . -8.10 11.42 9.23
H28 PA8 M . -8.18 14.07 8.59
H29 PA8 M . -9.87 13.75 8.98
H30 PA8 M . -7.49 13.12 10.73
H31 PA8 M . -9.17 12.71 11.10
H32 PA8 M . -9.49 14.74 11.98
H33 PA8 M . -9.14 15.45 10.40
H34 PA8 M . -7.47 14.48 12.30
H35 PA8 M . -8.14 16.26 11.81
H36 PA8 M . -7.21 15.78 12.73
C1 NAG N . -23.35 -4.39 54.26
C2 NAG N . -22.50 -5.39 55.06
C3 NAG N . -22.48 -4.99 56.53
C4 NAG N . -21.77 -3.66 56.69
C5 NAG N . -22.39 -2.61 55.76
C6 NAG N . -21.40 -2.07 54.74
C7 NAG N . -22.21 -7.81 54.69
C8 NAG N . -20.75 -7.53 54.62
N2 NAG N . -23.00 -6.74 54.91
O3 NAG N . -21.82 -5.99 57.29
O4 NAG N . -21.87 -3.20 58.03
O5 NAG N . -23.51 -3.13 55.03
O6 NAG N . -20.08 -2.02 55.27
O7 NAG N . -22.67 -8.93 54.57
C1 NAG O . -44.94 -21.51 35.67
C2 NAG O . -46.08 -21.04 34.75
C3 NAG O . -47.12 -22.13 34.61
C4 NAG O . -46.47 -23.44 34.17
C5 NAG O . -45.30 -23.79 35.08
C6 NAG O . -44.52 -25.00 34.61
C7 NAG O . -47.32 -18.95 34.45
C8 NAG O . -47.89 -17.74 35.13
N2 NAG O . -46.68 -19.81 35.25
O3 NAG O . -48.11 -21.74 33.67
O4 NAG O . -47.43 -24.50 34.22
O5 NAG O . -44.37 -22.70 35.14
O6 NAG O . -43.11 -24.74 34.61
O7 NAG O . -47.45 -19.13 33.25
#